data_7JHK
#
_entry.id   7JHK
#
_cell.length_a   67.416
_cell.length_b   80.070
_cell.length_c   157.614
_cell.angle_alpha   90.000
_cell.angle_beta   98.820
_cell.angle_gamma   90.000
#
_symmetry.space_group_name_H-M   'P 1 21 1'
#
loop_
_entity.id
_entity.type
_entity.pdbx_description
1 polymer 'N-acetyllactosaminide beta-1,3-N-acetylglucosaminyltransferase 2'
2 branched beta-D-mannopyranose-(1-4)-2-acetamido-2-deoxy-beta-D-glucopyranose-(1-4)-2-acetamido-2-deoxy-beta-D-glucopyranose
3 branched 2-acetamido-2-deoxy-beta-D-glucopyranose-(1-4)-2-acetamido-2-deoxy-beta-D-glucopyranose
4 branched alpha-D-mannopyranose-(1-6)-beta-D-mannopyranose-(1-4)-2-acetamido-2-deoxy-beta-D-glucopyranose-(1-4)-2-acetamido-2-deoxy-beta-D-glucopyranose
5 branched alpha-D-mannopyranose-(1-3)-beta-D-mannopyranose-(1-4)-2-acetamido-2-deoxy-beta-D-glucopyranose-(1-4)-2-acetamido-2-deoxy-beta-D-glucopyranose
6 branched alpha-D-mannopyranose-(1-3)-[alpha-D-mannopyranose-(1-6)]beta-D-mannopyranose-(1-4)-2-acetamido-2-deoxy-beta-D-glucopyranose-(1-4)-2-acetamido-2-deoxy-beta-D-glucopyranose
7 non-polymer 2-acetamido-2-deoxy-beta-D-glucopyranose
8 non-polymer 'CHLORIDE ION'
9 non-polymer 'SODIUM ION'
10 water water
#
_entity_poly.entity_id   1
_entity_poly.type   'polypeptide(L)'
_entity_poly.pdbx_seq_one_letter_code
;MHHHHHHHHENLYFQGSKEKFWKISTPPEAYWNREQEKLNRQYNPILSMLTNQTGEAGRLSNISHLNYCEPDLRVTSVVT
GFNNLPDRFKDFLLYLRCRNYSLLIDQPDKCAKKPFLLLAIKSLTPHFARRQAIRESWGQESNAGNQTVVRVFLLGQTPP
EDNHPDLSDMLKFESEKHQDILMWNYRDTFFNLSLKEVLFLRWVSTSCPDTEFVFKGDDDVFVNTHHILNYLNSLSKTKA
KDLFIGDVIHNAGPHRDKKLKYYIPEVVYSGLYPPYAGGGGFLYSGHLALRLYHITDQVHLYPIDDVYTGMCLQKLGLVP
EKHKGFRTFDIEEKNKNNICSYVDLMLVHSRKPQEMIDIWSQLQSAHLKC
;
_entity_poly.pdbx_strand_id   A,B,C,D
#
# COMPACT_ATOMS: atom_id res chain seq x y z
N PRO A 28 48.47 -8.51 23.45
CA PRO A 28 47.60 -8.63 22.28
C PRO A 28 46.20 -8.09 22.56
N GLU A 29 45.89 -6.93 21.98
CA GLU A 29 44.60 -6.32 22.26
C GLU A 29 43.46 -7.04 21.55
N ALA A 30 43.70 -7.58 20.36
CA ALA A 30 42.65 -8.21 19.59
C ALA A 30 42.26 -9.56 20.20
N TYR A 31 40.96 -9.86 20.15
CA TYR A 31 40.44 -11.03 20.87
C TYR A 31 40.93 -12.34 20.24
N TRP A 32 40.91 -12.44 18.90
CA TRP A 32 41.33 -13.68 18.27
C TRP A 32 42.80 -13.95 18.54
N ASN A 33 43.65 -12.94 18.37
CA ASN A 33 45.07 -13.10 18.63
C ASN A 33 45.33 -13.56 20.07
N ARG A 34 44.62 -12.96 21.04
CA ARG A 34 44.83 -13.34 22.43
C ARG A 34 44.36 -14.77 22.69
N GLU A 35 43.22 -15.17 22.12
CA GLU A 35 42.73 -16.52 22.34
C GLU A 35 43.60 -17.55 21.64
N GLN A 36 44.04 -17.25 20.42
CA GLN A 36 44.93 -18.16 19.70
C GLN A 36 46.26 -18.31 20.43
N GLU A 37 46.79 -17.21 20.97
CA GLU A 37 48.04 -17.28 21.73
C GLU A 37 47.91 -18.20 22.93
N LYS A 38 46.79 -18.08 23.67
CA LYS A 38 46.55 -19.00 24.78
C LYS A 38 46.37 -20.43 24.30
N LEU A 39 45.81 -20.61 23.11
CA LEU A 39 45.66 -21.96 22.56
C LEU A 39 47.01 -22.57 22.22
N ASN A 40 47.97 -21.75 21.76
CA ASN A 40 49.30 -22.25 21.47
C ASN A 40 49.98 -22.76 22.74
N ARG A 41 49.76 -22.08 23.86
CA ARG A 41 50.29 -22.56 25.13
C ARG A 41 49.64 -23.89 25.52
N GLN A 42 48.35 -24.05 25.22
CA GLN A 42 47.64 -25.27 25.57
C GLN A 42 48.21 -26.48 24.83
N TYR A 43 48.54 -26.32 23.55
CA TYR A 43 48.98 -27.44 22.73
C TYR A 43 50.48 -27.67 22.79
N ASN A 44 51.21 -26.90 23.60
CA ASN A 44 52.61 -27.18 23.94
C ASN A 44 52.66 -27.41 25.44
N PRO A 45 52.14 -28.54 25.92
CA PRO A 45 52.03 -28.75 27.36
C PRO A 45 53.40 -29.01 28.00
N ILE A 46 53.45 -28.79 29.31
CA ILE A 46 54.69 -28.98 30.05
C ILE A 46 55.01 -30.47 30.12
N LEU A 47 56.25 -30.82 29.80
CA LEU A 47 56.72 -32.21 29.75
C LEU A 47 56.01 -33.00 28.66
N ILE A 63 40.20 -29.29 25.59
CA ILE A 63 39.08 -29.67 24.73
C ILE A 63 37.87 -28.80 25.10
N SER A 64 38.09 -27.81 25.96
CA SER A 64 37.01 -26.89 26.32
C SER A 64 36.74 -25.85 25.24
N HIS A 65 37.64 -25.69 24.27
CA HIS A 65 37.43 -24.80 23.14
C HIS A 65 36.77 -25.49 21.95
N LEU A 66 36.38 -26.76 22.12
CA LEU A 66 35.80 -27.54 21.04
C LEU A 66 34.41 -28.09 21.35
N ASN A 67 34.03 -28.18 22.63
CA ASN A 67 32.74 -28.75 23.02
C ASN A 67 31.99 -27.89 24.03
N TYR A 68 32.40 -26.64 24.21
CA TYR A 68 31.71 -25.73 25.13
C TYR A 68 30.66 -24.98 24.34
N CYS A 69 29.44 -25.49 24.35
CA CYS A 69 28.38 -24.98 23.49
C CYS A 69 27.39 -24.08 24.21
N GLU A 70 27.56 -23.86 25.49
CA GLU A 70 26.83 -22.78 26.13
C GLU A 70 27.47 -21.44 25.76
N PRO A 71 26.70 -20.37 25.72
CA PRO A 71 27.26 -19.07 25.33
C PRO A 71 28.36 -18.64 26.29
N ASP A 72 29.49 -18.22 25.73
CA ASP A 72 30.62 -17.73 26.52
C ASP A 72 30.35 -16.27 26.82
N LEU A 73 29.62 -16.01 27.92
CA LEU A 73 29.23 -14.66 28.27
C LEU A 73 30.40 -13.77 28.64
N ARG A 74 31.61 -14.34 28.72
CA ARG A 74 32.78 -13.55 29.10
C ARG A 74 33.15 -12.53 28.03
N VAL A 75 32.94 -12.88 26.75
CA VAL A 75 33.28 -11.99 25.66
C VAL A 75 32.60 -10.64 25.82
N THR A 76 31.48 -10.60 26.54
CA THR A 76 30.78 -9.35 26.82
C THR A 76 31.71 -8.32 27.43
N SER A 77 32.50 -8.72 28.42
CA SER A 77 33.30 -7.77 29.19
C SER A 77 34.70 -7.58 28.63
N VAL A 78 35.31 -8.65 28.12
CA VAL A 78 36.71 -8.55 27.69
C VAL A 78 36.83 -7.95 26.29
N VAL A 79 35.81 -8.12 25.45
CA VAL A 79 35.80 -7.47 24.13
C VAL A 79 35.20 -6.08 24.27
N THR A 80 36.02 -5.06 24.00
CA THR A 80 35.56 -3.69 24.12
C THR A 80 34.57 -3.34 23.02
N GLY A 81 33.45 -2.71 23.39
CA GLY A 81 32.43 -2.37 22.42
C GLY A 81 31.68 -3.56 21.87
N PHE A 82 31.55 -4.63 22.66
CA PHE A 82 30.89 -5.84 22.18
C PHE A 82 29.45 -5.57 21.75
N ASN A 83 28.74 -4.73 22.49
CA ASN A 83 27.30 -4.60 22.30
C ASN A 83 26.95 -3.87 21.01
N ASN A 84 27.83 -3.02 20.51
CA ASN A 84 27.55 -2.30 19.27
C ASN A 84 28.09 -3.01 18.04
N LEU A 85 28.81 -4.12 18.22
CA LEU A 85 29.24 -4.93 17.09
C LEU A 85 28.02 -5.54 16.40
N PRO A 86 28.11 -5.81 15.10
CA PRO A 86 26.99 -6.45 14.40
C PRO A 86 26.63 -7.80 15.01
N ASP A 87 25.41 -8.25 14.68
CA ASP A 87 24.92 -9.49 15.28
C ASP A 87 25.78 -10.68 14.91
N ARG A 88 26.30 -10.72 13.67
CA ARG A 88 27.10 -11.86 13.25
C ARG A 88 28.37 -11.97 14.09
N PHE A 89 28.97 -10.85 14.45
CA PHE A 89 30.16 -10.88 15.29
C PHE A 89 29.82 -11.33 16.71
N LYS A 90 28.66 -10.91 17.23
CA LYS A 90 28.26 -11.30 18.57
C LYS A 90 28.08 -12.82 18.67
N ASP A 91 27.33 -13.40 17.72
CA ASP A 91 27.12 -14.85 17.74
C ASP A 91 28.43 -15.60 17.54
N PHE A 92 29.29 -15.11 16.63
CA PHE A 92 30.57 -15.77 16.40
C PHE A 92 31.41 -15.82 17.68
N LEU A 93 31.53 -14.68 18.36
CA LEU A 93 32.33 -14.64 19.58
C LEU A 93 31.68 -15.48 20.68
N LEU A 94 30.36 -15.45 20.77
CA LEU A 94 29.67 -16.13 21.87
C LEU A 94 29.80 -17.65 21.76
N TYR A 95 29.69 -18.19 20.55
CA TYR A 95 29.69 -19.63 20.35
C TYR A 95 30.96 -20.12 19.66
N LEU A 96 32.07 -19.38 19.83
CA LEU A 96 33.32 -19.72 19.17
C LEU A 96 33.89 -21.04 19.67
N ARG A 97 33.61 -21.41 20.91
CA ARG A 97 34.22 -22.57 21.54
C ARG A 97 33.41 -23.85 21.35
N CYS A 98 32.47 -23.87 20.42
CA CYS A 98 31.62 -25.02 20.15
C CYS A 98 31.76 -25.43 18.70
N ARG A 99 32.27 -26.64 18.45
CA ARG A 99 32.31 -27.17 17.09
C ARG A 99 31.96 -28.65 17.04
N ASN A 100 31.41 -29.22 18.10
CA ASN A 100 31.01 -30.64 18.09
C ASN A 100 29.54 -30.79 17.66
N TYR A 101 29.28 -30.40 16.42
CA TYR A 101 27.96 -30.49 15.84
C TYR A 101 27.80 -31.80 15.10
N SER A 102 26.60 -32.37 15.17
CA SER A 102 26.35 -33.71 14.67
C SER A 102 25.79 -33.68 13.25
N LEU A 103 25.82 -34.85 12.61
CA LEU A 103 25.38 -35.01 11.23
C LEU A 103 23.90 -35.42 11.22
N LEU A 104 23.05 -34.54 10.71
CA LEU A 104 21.64 -34.88 10.59
C LEU A 104 21.37 -35.73 9.36
N ILE A 105 22.07 -35.46 8.26
CA ILE A 105 21.97 -36.23 7.03
C ILE A 105 23.36 -36.63 6.60
N ASP A 106 23.57 -37.92 6.34
CA ASP A 106 24.88 -38.48 6.02
C ASP A 106 24.76 -39.39 4.81
N GLN A 107 25.90 -39.62 4.16
CA GLN A 107 26.01 -40.57 3.05
C GLN A 107 27.18 -41.49 3.39
N PRO A 108 26.95 -42.49 4.25
CA PRO A 108 28.08 -43.28 4.76
C PRO A 108 28.80 -44.09 3.69
N ASP A 109 28.09 -44.58 2.68
CA ASP A 109 28.68 -45.38 1.62
C ASP A 109 29.16 -44.53 0.44
N LYS A 110 29.32 -43.22 0.65
CA LYS A 110 29.75 -42.34 -0.44
C LYS A 110 31.15 -42.70 -0.92
N CYS A 111 32.05 -43.05 0.01
CA CYS A 111 33.42 -43.42 -0.34
C CYS A 111 33.69 -44.89 -0.05
N ALA A 112 32.66 -45.75 -0.16
CA ALA A 112 32.87 -47.19 -0.10
C ALA A 112 33.89 -47.61 -1.13
N LYS A 113 33.93 -46.92 -2.24
CA LYS A 113 34.92 -47.16 -3.27
C LYS A 113 35.92 -46.01 -3.24
N LYS A 114 37.21 -46.36 -3.20
CA LYS A 114 38.27 -45.36 -3.16
C LYS A 114 38.07 -44.36 -4.29
N PRO A 115 37.77 -43.10 -3.99
CA PRO A 115 37.61 -42.11 -5.05
C PRO A 115 38.94 -41.47 -5.42
N PHE A 116 39.06 -41.16 -6.71
CA PHE A 116 40.21 -40.37 -7.15
C PHE A 116 40.01 -38.89 -6.83
N LEU A 117 38.78 -38.39 -7.02
CA LEU A 117 38.46 -36.98 -6.79
C LEU A 117 37.14 -36.89 -6.05
N LEU A 118 37.16 -36.25 -4.89
CA LEU A 118 35.95 -36.01 -4.09
C LEU A 118 35.53 -34.56 -4.27
N LEU A 119 34.36 -34.34 -4.84
CA LEU A 119 33.81 -33.01 -5.03
C LEU A 119 32.98 -32.62 -3.82
N ALA A 120 33.39 -31.58 -3.11
CA ALA A 120 32.71 -31.09 -1.92
C ALA A 120 32.21 -29.68 -2.19
N ILE A 121 30.90 -29.54 -2.40
CA ILE A 121 30.31 -28.29 -2.85
C ILE A 121 29.52 -27.67 -1.71
N LYS A 122 29.93 -26.47 -1.29
CA LYS A 122 29.19 -25.74 -0.27
C LYS A 122 27.87 -25.24 -0.84
N SER A 123 26.79 -25.41 -0.09
CA SER A 123 25.47 -25.00 -0.57
C SER A 123 24.59 -24.63 0.61
N LEU A 124 23.42 -24.09 0.28
CA LEU A 124 22.41 -23.69 1.24
C LEU A 124 21.13 -24.45 0.92
N THR A 125 20.31 -24.70 1.95
CA THR A 125 19.07 -25.45 1.77
C THR A 125 18.25 -25.04 0.56
N PRO A 126 17.93 -23.75 0.34
CA PRO A 126 17.04 -23.40 -0.77
C PRO A 126 17.64 -23.57 -2.16
N HIS A 127 18.94 -23.82 -2.29
CA HIS A 127 19.57 -23.83 -3.60
C HIS A 127 19.38 -25.15 -4.34
N PHE A 128 18.14 -25.59 -4.52
CA PHE A 128 17.89 -26.86 -5.19
C PHE A 128 18.31 -26.82 -6.66
N ALA A 129 18.10 -25.69 -7.33
CA ALA A 129 18.43 -25.58 -8.75
C ALA A 129 19.94 -25.56 -8.96
N ARG A 130 20.67 -24.85 -8.10
CA ARG A 130 22.13 -24.86 -8.21
C ARG A 130 22.69 -26.27 -8.07
N ARG A 131 22.22 -27.01 -7.05
CA ARG A 131 22.73 -28.36 -6.83
C ARG A 131 22.36 -29.28 -7.98
N GLN A 132 21.14 -29.17 -8.49
CA GLN A 132 20.72 -30.04 -9.58
C GLN A 132 21.53 -29.76 -10.85
N ALA A 133 21.73 -28.48 -11.18
CA ALA A 133 22.53 -28.13 -12.35
C ALA A 133 23.94 -28.67 -12.23
N ILE A 134 24.50 -28.66 -11.03
CA ILE A 134 25.84 -29.21 -10.82
C ILE A 134 25.82 -30.72 -11.06
N ARG A 135 24.80 -31.41 -10.52
CA ARG A 135 24.66 -32.84 -10.73
C ARG A 135 24.67 -33.20 -12.21
N GLU A 136 24.00 -32.40 -13.02
CA GLU A 136 23.83 -32.70 -14.43
C GLU A 136 24.99 -32.24 -15.31
N SER A 137 25.82 -31.32 -14.80
CA SER A 137 26.94 -30.83 -15.59
C SER A 137 28.27 -31.30 -15.03
N TRP A 138 29.02 -30.40 -14.39
CA TRP A 138 30.40 -30.75 -14.05
C TRP A 138 30.52 -31.62 -12.80
N GLY A 139 29.48 -31.72 -11.99
CA GLY A 139 29.54 -32.51 -10.78
C GLY A 139 29.06 -33.94 -10.93
N GLN A 140 29.07 -34.45 -12.17
CA GLN A 140 28.64 -35.82 -12.42
C GLN A 140 29.59 -36.80 -11.74
N GLU A 141 29.02 -37.76 -11.01
CA GLU A 141 29.83 -38.82 -10.44
C GLU A 141 30.25 -39.80 -11.54
N SER A 142 31.33 -40.53 -11.27
CA SER A 142 31.93 -41.39 -12.30
C SER A 142 32.72 -42.50 -11.63
N ASN A 143 33.32 -43.35 -12.47
CA ASN A 143 34.16 -44.45 -12.01
C ASN A 143 35.42 -44.56 -12.85
N GLY A 145 38.16 -46.66 -15.27
CA GLY A 145 37.48 -47.13 -14.08
C GLY A 145 38.20 -46.80 -12.79
N ASN A 146 39.50 -46.51 -12.92
CA ASN A 146 40.34 -46.16 -11.78
C ASN A 146 40.16 -44.72 -11.33
N GLN A 147 39.39 -43.92 -12.06
CA GLN A 147 39.20 -42.50 -11.78
C GLN A 147 37.78 -42.27 -11.28
N THR A 148 37.52 -42.75 -10.06
CA THR A 148 36.21 -42.58 -9.47
C THR A 148 36.02 -41.17 -8.93
N VAL A 149 34.89 -40.58 -9.30
CA VAL A 149 34.51 -39.24 -8.87
C VAL A 149 33.26 -39.35 -8.02
N VAL A 150 33.31 -38.79 -6.81
CA VAL A 150 32.15 -38.76 -5.93
C VAL A 150 31.89 -37.30 -5.54
N ARG A 151 30.63 -37.04 -5.19
CA ARG A 151 30.14 -35.69 -4.99
C ARG A 151 29.35 -35.60 -3.69
N VAL A 152 29.59 -34.54 -2.92
CA VAL A 152 28.77 -34.23 -1.75
C VAL A 152 28.50 -32.73 -1.73
N PHE A 153 27.33 -32.37 -1.21
CA PHE A 153 26.97 -30.99 -0.94
C PHE A 153 27.00 -30.77 0.57
N LEU A 154 27.62 -29.67 1.00
CA LEU A 154 27.84 -29.38 2.40
C LEU A 154 26.81 -28.34 2.86
N LEU A 155 25.88 -28.77 3.70
CA LEU A 155 24.80 -27.92 4.18
C LEU A 155 24.82 -27.82 5.70
N GLY A 156 24.49 -26.64 6.19
CA GLY A 156 24.06 -26.45 7.56
C GLY A 156 22.56 -26.39 7.65
N GLN A 157 22.07 -25.84 8.76
CA GLN A 157 20.64 -25.72 8.98
C GLN A 157 20.16 -24.31 8.65
N THR A 158 18.99 -24.24 8.04
CA THR A 158 18.26 -22.99 7.85
C THR A 158 17.01 -23.06 8.74
N PRO A 159 17.14 -22.77 10.02
CA PRO A 159 16.11 -23.15 11.00
C PRO A 159 14.92 -22.22 10.95
N PRO A 160 13.74 -22.69 11.37
CA PRO A 160 12.54 -21.84 11.32
C PRO A 160 12.64 -20.64 12.25
N GLU A 161 13.40 -20.75 13.34
CA GLU A 161 13.53 -19.63 14.28
C GLU A 161 14.23 -18.44 13.66
N ASP A 162 14.92 -18.62 12.54
CA ASP A 162 15.51 -17.52 11.79
C ASP A 162 14.63 -17.08 10.63
N ASN A 163 13.36 -17.49 10.64
CA ASN A 163 12.34 -17.13 9.66
C ASN A 163 12.54 -17.80 8.31
N HIS A 164 13.37 -18.84 8.24
CA HIS A 164 13.53 -19.55 6.98
C HIS A 164 12.28 -20.38 6.68
N PRO A 165 11.88 -20.48 5.42
CA PRO A 165 10.76 -21.36 5.08
C PRO A 165 11.14 -22.83 5.28
N ASP A 166 10.17 -23.61 5.74
CA ASP A 166 10.41 -25.02 6.06
C ASP A 166 10.52 -25.82 4.77
N LEU A 167 11.75 -26.16 4.38
CA LEU A 167 12.02 -26.98 3.21
C LEU A 167 12.62 -28.33 3.57
N SER A 168 12.45 -28.76 4.83
CA SER A 168 13.11 -29.96 5.31
C SER A 168 12.59 -31.21 4.59
N ASP A 169 11.30 -31.25 4.27
CA ASP A 169 10.74 -32.41 3.58
C ASP A 169 11.31 -32.55 2.18
N MET A 170 11.39 -31.44 1.44
CA MET A 170 11.98 -31.48 0.11
C MET A 170 13.47 -31.81 0.18
N LEU A 171 14.16 -31.32 1.20
CA LEU A 171 15.57 -31.64 1.36
C LEU A 171 15.77 -33.13 1.64
N LYS A 172 14.89 -33.72 2.45
CA LYS A 172 14.98 -35.17 2.69
C LYS A 172 14.67 -35.94 1.42
N PHE A 173 13.61 -35.54 0.70
CA PHE A 173 13.30 -36.14 -0.60
C PHE A 173 14.48 -36.05 -1.55
N GLU A 174 15.17 -34.90 -1.58
CA GLU A 174 16.33 -34.74 -2.44
C GLU A 174 17.47 -35.64 -1.99
N SER A 175 17.68 -35.75 -0.68
CA SER A 175 18.76 -36.58 -0.15
C SER A 175 18.54 -38.06 -0.47
N GLU A 176 17.29 -38.53 -0.38
CA GLU A 176 17.02 -39.91 -0.73
C GLU A 176 17.20 -40.16 -2.23
N LYS A 177 16.89 -39.16 -3.06
CA LYS A 177 16.89 -39.37 -4.50
C LYS A 177 18.30 -39.30 -5.09
N HIS A 178 19.13 -38.37 -4.60
CA HIS A 178 20.46 -38.18 -5.16
C HIS A 178 21.60 -38.60 -4.25
N GLN A 179 21.35 -38.77 -2.95
CA GLN A 179 22.31 -39.36 -2.02
C GLN A 179 23.63 -38.60 -1.99
N ASP A 180 23.59 -37.28 -2.17
CA ASP A 180 24.79 -36.44 -2.16
C ASP A 180 24.68 -35.30 -1.16
N ILE A 181 23.83 -35.44 -0.14
CA ILE A 181 23.59 -34.37 0.83
C ILE A 181 24.22 -34.78 2.16
N LEU A 182 25.09 -33.91 2.67
CA LEU A 182 25.59 -33.98 4.04
C LEU A 182 25.12 -32.72 4.76
N MET A 183 24.44 -32.90 5.89
CA MET A 183 23.88 -31.76 6.61
C MET A 183 24.12 -31.91 8.11
N TRP A 184 24.71 -30.88 8.71
CA TRP A 184 25.01 -30.82 10.14
C TRP A 184 24.02 -29.88 10.84
N ASN A 185 23.91 -30.02 12.16
CA ASN A 185 22.92 -29.25 12.93
C ASN A 185 23.55 -28.00 13.54
N TYR A 186 24.02 -27.13 12.66
CA TYR A 186 24.45 -25.78 13.03
C TYR A 186 23.82 -24.79 12.07
N ARG A 187 23.71 -23.54 12.52
CA ARG A 187 23.08 -22.51 11.69
C ARG A 187 24.01 -22.13 10.55
N ASP A 188 23.54 -22.35 9.31
CA ASP A 188 24.33 -22.15 8.11
C ASP A 188 24.37 -20.66 7.77
N THR A 189 25.37 -19.97 8.30
CA THR A 189 25.52 -18.54 8.12
C THR A 189 26.89 -18.23 7.55
N PHE A 190 27.03 -16.98 7.08
CA PHE A 190 28.28 -16.50 6.50
C PHE A 190 29.45 -16.72 7.44
N PHE A 191 29.31 -16.29 8.70
CA PHE A 191 30.42 -16.39 9.65
C PHE A 191 30.60 -17.80 10.21
N ASN A 192 29.68 -18.71 9.96
CA ASN A 192 29.84 -20.10 10.35
C ASN A 192 30.43 -20.96 9.23
N LEU A 193 30.97 -20.34 8.18
CA LEU A 193 31.55 -21.11 7.09
C LEU A 193 32.82 -21.84 7.52
N SER A 194 33.57 -21.27 8.47
CA SER A 194 34.70 -22.01 9.04
C SER A 194 34.24 -23.29 9.70
N LEU A 195 33.07 -23.25 10.34
CA LEU A 195 32.47 -24.47 10.89
C LEU A 195 32.17 -25.46 9.78
N LYS A 196 31.62 -24.98 8.66
CA LYS A 196 31.38 -25.85 7.50
C LYS A 196 32.67 -26.50 7.03
N GLU A 197 33.77 -25.74 7.03
CA GLU A 197 35.06 -26.29 6.65
C GLU A 197 35.51 -27.37 7.62
N VAL A 198 35.59 -27.03 8.91
CA VAL A 198 36.09 -27.96 9.93
C VAL A 198 35.24 -29.23 9.94
N LEU A 199 33.91 -29.07 9.86
CA LEU A 199 33.03 -30.24 9.92
C LEU A 199 33.18 -31.10 8.68
N PHE A 200 33.46 -30.48 7.53
CA PHE A 200 33.70 -31.27 6.33
C PHE A 200 35.01 -32.04 6.43
N LEU A 201 36.06 -31.40 6.94
CA LEU A 201 37.32 -32.09 7.13
C LEU A 201 37.19 -33.23 8.13
N ARG A 202 36.31 -33.09 9.11
CA ARG A 202 36.04 -34.19 10.02
C ARG A 202 35.40 -35.36 9.29
N TRP A 203 34.41 -35.07 8.43
CA TRP A 203 33.75 -36.12 7.67
C TRP A 203 34.72 -36.84 6.75
N VAL A 204 35.61 -36.08 6.10
CA VAL A 204 36.63 -36.70 5.26
C VAL A 204 37.51 -37.63 6.09
N SER A 205 37.81 -37.23 7.33
CA SER A 205 38.66 -38.06 8.18
C SER A 205 37.99 -39.36 8.55
N THR A 206 36.71 -39.32 8.92
CA THR A 206 36.02 -40.52 9.37
C THR A 206 35.43 -41.34 8.22
N SER A 207 34.96 -40.67 7.15
CA SER A 207 34.16 -41.35 6.15
C SER A 207 34.75 -41.34 4.74
N CYS A 208 35.79 -40.54 4.49
CA CYS A 208 36.41 -40.61 3.17
C CYS A 208 37.93 -40.43 3.23
N PRO A 209 38.62 -41.12 4.15
CA PRO A 209 40.05 -40.79 4.36
C PRO A 209 40.96 -41.24 3.22
N ASP A 210 40.48 -42.03 2.27
CA ASP A 210 41.34 -42.57 1.21
C ASP A 210 41.07 -41.97 -0.15
N THR A 211 40.34 -40.85 -0.22
CA THR A 211 40.19 -40.17 -1.50
C THR A 211 41.53 -39.57 -1.93
N GLU A 212 41.86 -39.74 -3.20
CA GLU A 212 43.17 -39.27 -3.68
C GLU A 212 43.25 -37.75 -3.62
N PHE A 213 42.21 -37.07 -4.10
CA PHE A 213 42.20 -35.61 -4.15
C PHE A 213 40.83 -35.10 -3.72
N VAL A 214 40.81 -33.84 -3.29
CA VAL A 214 39.59 -33.18 -2.84
C VAL A 214 39.48 -31.84 -3.54
N PHE A 215 38.31 -31.55 -4.09
CA PHE A 215 37.96 -30.21 -4.55
C PHE A 215 36.82 -29.69 -3.68
N LYS A 216 37.02 -28.52 -3.09
CA LYS A 216 35.98 -27.83 -2.32
C LYS A 216 35.69 -26.49 -2.97
N GLY A 217 34.41 -26.24 -3.25
CA GLY A 217 34.01 -25.00 -3.89
C GLY A 217 32.57 -24.63 -3.58
N ASP A 218 32.17 -23.46 -4.07
CA ASP A 218 30.82 -22.95 -3.90
C ASP A 218 29.88 -23.55 -4.95
N ASP A 219 28.58 -23.40 -4.70
CA ASP A 219 27.57 -23.95 -5.60
C ASP A 219 27.21 -23.00 -6.74
N ASP A 220 27.91 -21.88 -6.89
CA ASP A 220 27.70 -20.98 -8.01
C ASP A 220 28.95 -20.85 -8.88
N VAL A 221 29.83 -21.83 -8.84
CA VAL A 221 31.10 -21.83 -9.57
C VAL A 221 31.08 -22.94 -10.60
N PHE A 222 31.47 -22.63 -11.84
CA PHE A 222 31.63 -23.66 -12.86
C PHE A 222 33.04 -24.23 -12.77
N VAL A 223 33.14 -25.56 -12.83
CA VAL A 223 34.40 -26.28 -12.71
C VAL A 223 34.57 -27.13 -13.96
N ASN A 224 35.69 -26.94 -14.67
CA ASN A 224 36.02 -27.81 -15.79
C ASN A 224 36.65 -29.07 -15.21
N THR A 225 35.80 -30.02 -14.83
CA THR A 225 36.28 -31.23 -14.15
C THR A 225 37.14 -32.08 -15.07
N HIS A 226 36.90 -32.02 -16.39
CA HIS A 226 37.79 -32.70 -17.33
C HIS A 226 39.21 -32.21 -17.18
N HIS A 227 39.40 -30.89 -17.13
CA HIS A 227 40.73 -30.31 -16.98
C HIS A 227 41.30 -30.58 -15.60
N ILE A 228 40.45 -30.66 -14.58
CA ILE A 228 40.92 -31.03 -13.24
C ILE A 228 41.57 -32.42 -13.29
N LEU A 229 40.82 -33.40 -13.79
CA LEU A 229 41.32 -34.78 -13.83
C LEU A 229 42.59 -34.88 -14.66
N ASN A 230 42.65 -34.17 -15.79
CA ASN A 230 43.86 -34.18 -16.60
C ASN A 230 45.04 -33.60 -15.83
N TYR A 231 44.81 -32.47 -15.15
CA TYR A 231 45.87 -31.87 -14.35
C TYR A 231 46.33 -32.80 -13.24
N LEU A 232 45.39 -33.40 -12.52
CA LEU A 232 45.75 -34.30 -11.42
C LEU A 232 46.54 -35.50 -11.92
N ASN A 233 46.14 -36.06 -13.06
CA ASN A 233 46.84 -37.21 -13.60
C ASN A 233 48.26 -36.86 -14.02
N SER A 234 48.50 -35.61 -14.43
CA SER A 234 49.82 -35.19 -14.88
C SER A 234 50.78 -34.91 -13.74
N LEU A 235 50.30 -34.81 -12.50
CA LEU A 235 51.16 -34.44 -11.39
C LEU A 235 52.18 -35.54 -11.08
N SER A 236 53.41 -35.11 -10.81
CA SER A 236 54.40 -36.04 -10.28
C SER A 236 54.08 -36.37 -8.83
N LYS A 237 54.68 -37.46 -8.34
CA LYS A 237 54.33 -37.93 -7.00
C LYS A 237 54.73 -36.92 -5.92
N THR A 238 55.81 -36.17 -6.12
CA THR A 238 56.22 -35.22 -5.09
C THR A 238 55.23 -34.06 -4.97
N LYS A 239 54.75 -33.54 -6.11
CA LYS A 239 53.82 -32.41 -6.07
C LYS A 239 52.40 -32.82 -5.74
N ALA A 240 52.07 -34.10 -5.89
CA ALA A 240 50.71 -34.55 -5.61
C ALA A 240 50.47 -34.75 -4.12
N LYS A 241 51.51 -35.08 -3.36
CA LYS A 241 51.31 -35.55 -1.99
C LYS A 241 50.76 -34.45 -1.08
N ASP A 242 51.27 -33.23 -1.22
CA ASP A 242 50.81 -32.11 -0.41
C ASP A 242 50.22 -31.01 -1.27
N LEU A 243 49.52 -31.40 -2.33
CA LEU A 243 48.97 -30.45 -3.28
C LEU A 243 47.96 -29.52 -2.61
N PHE A 244 48.04 -28.24 -2.93
CA PHE A 244 47.01 -27.27 -2.56
C PHE A 244 47.16 -26.08 -3.48
N ILE A 245 46.24 -25.94 -4.43
CA ILE A 245 46.29 -24.85 -5.40
C ILE A 245 44.94 -24.15 -5.45
N GLY A 246 44.98 -22.87 -5.76
CA GLY A 246 43.77 -22.09 -5.93
C GLY A 246 44.11 -20.70 -6.43
N ASP A 247 43.14 -19.81 -6.32
CA ASP A 247 43.40 -18.39 -6.56
C ASP A 247 43.96 -17.81 -5.26
N VAL A 248 45.28 -17.91 -5.12
CA VAL A 248 45.94 -17.56 -3.87
C VAL A 248 46.17 -16.05 -3.82
N ILE A 249 45.90 -15.47 -2.65
CA ILE A 249 46.03 -14.04 -2.41
C ILE A 249 47.16 -13.83 -1.41
N HIS A 250 48.08 -12.93 -1.73
CA HIS A 250 49.22 -12.64 -0.86
C HIS A 250 49.11 -11.21 -0.32
N ASN A 251 49.74 -11.00 0.84
CA ASN A 251 49.87 -9.67 1.44
C ASN A 251 48.52 -9.02 1.70
N ALA A 252 47.53 -9.84 2.08
CA ALA A 252 46.21 -9.36 2.40
C ALA A 252 46.07 -9.12 3.90
N GLY A 253 45.06 -8.34 4.26
CA GLY A 253 44.76 -8.09 5.65
C GLY A 253 43.27 -7.88 5.84
N PRO A 254 42.83 -7.79 7.10
CA PRO A 254 41.41 -7.58 7.36
C PRO A 254 40.97 -6.22 6.83
N HIS A 255 39.82 -6.22 6.15
CA HIS A 255 39.22 -4.96 5.73
C HIS A 255 38.67 -4.24 6.97
N ARG A 256 39.01 -2.96 7.11
CA ARG A 256 38.60 -2.18 8.26
C ARG A 256 37.34 -1.36 8.03
N ASP A 257 36.87 -1.26 6.78
CA ASP A 257 35.69 -0.48 6.46
C ASP A 257 34.44 -1.24 6.89
N LYS A 258 33.67 -0.64 7.80
CA LYS A 258 32.51 -1.32 8.40
C LYS A 258 31.48 -1.73 7.34
N LYS A 259 31.41 -1.02 6.22
CA LYS A 259 30.41 -1.32 5.21
C LYS A 259 30.75 -2.57 4.42
N LEU A 260 32.04 -2.90 4.31
CA LEU A 260 32.46 -4.02 3.48
C LEU A 260 31.98 -5.35 4.05
N LYS A 261 31.73 -6.30 3.16
CA LYS A 261 31.21 -7.60 3.58
C LYS A 261 32.23 -8.37 4.40
N TYR A 262 33.50 -8.32 4.01
CA TYR A 262 34.58 -9.00 4.72
C TYR A 262 35.24 -8.14 5.78
N TYR A 263 34.48 -7.20 6.36
CA TYR A 263 35.02 -6.29 7.35
C TYR A 263 35.29 -7.00 8.67
N ILE A 264 36.47 -6.75 9.24
CA ILE A 264 36.85 -7.32 10.52
C ILE A 264 37.34 -6.19 11.42
N PRO A 265 36.71 -5.95 12.58
CA PRO A 265 37.18 -4.89 13.46
C PRO A 265 38.52 -5.22 14.08
N GLU A 266 39.35 -4.19 14.25
CA GLU A 266 40.64 -4.36 14.92
C GLU A 266 40.49 -5.02 16.28
N VAL A 267 39.36 -4.76 16.96
CA VAL A 267 39.08 -5.35 18.26
C VAL A 267 39.11 -6.87 18.18
N VAL A 268 38.63 -7.43 17.07
CA VAL A 268 38.50 -8.87 16.95
C VAL A 268 39.77 -9.52 16.43
N TYR A 269 40.40 -8.95 15.41
CA TYR A 269 41.63 -9.53 14.86
C TYR A 269 42.62 -8.43 14.51
N SER A 270 43.89 -8.69 14.86
CA SER A 270 44.99 -7.80 14.52
C SER A 270 46.01 -8.55 13.68
N GLY A 271 46.75 -7.81 12.87
CA GLY A 271 47.82 -8.38 12.08
C GLY A 271 47.45 -8.59 10.63
N LEU A 272 48.29 -9.36 9.95
CA LEU A 272 48.12 -9.65 8.54
C LEU A 272 47.33 -10.95 8.36
N TYR A 273 47.05 -11.27 7.11
CA TYR A 273 46.44 -12.52 6.70
C TYR A 273 47.48 -13.45 6.10
N PRO A 274 47.44 -14.74 6.38
CA PRO A 274 48.34 -15.67 5.71
C PRO A 274 48.00 -15.76 4.24
N PRO A 275 48.90 -16.29 3.41
CA PRO A 275 48.50 -16.59 2.03
C PRO A 275 47.35 -17.60 2.05
N TYR A 276 46.31 -17.31 1.28
CA TYR A 276 45.15 -18.18 1.29
C TYR A 276 44.51 -18.21 -0.09
N ALA A 277 44.03 -19.38 -0.47
CA ALA A 277 43.22 -19.52 -1.67
C ALA A 277 41.83 -19.00 -1.40
N GLY A 278 41.27 -18.26 -2.36
N GLY A 278 41.35 -18.11 -2.26
CA GLY A 278 39.87 -17.87 -2.27
CA GLY A 278 40.08 -17.48 -2.04
C GLY A 278 38.94 -19.06 -2.21
C GLY A 278 39.09 -17.85 -3.12
N GLY A 279 37.73 -18.81 -1.72
N GLY A 279 38.50 -16.85 -3.76
CA GLY A 279 36.77 -19.84 -1.45
CA GLY A 279 37.52 -17.07 -4.80
C GLY A 279 35.84 -20.22 -2.57
C GLY A 279 36.37 -17.95 -4.40
N GLY A 280 35.88 -19.50 -3.70
N GLY A 280 36.22 -19.09 -5.05
CA GLY A 280 35.18 -19.96 -4.87
CA GLY A 280 35.15 -20.00 -4.75
C GLY A 280 35.53 -21.39 -5.23
C GLY A 280 35.48 -21.46 -5.00
N GLY A 281 36.75 -21.81 -4.93
CA GLY A 281 37.17 -23.18 -5.14
C GLY A 281 38.66 -23.38 -5.07
N PHE A 282 39.11 -24.42 -4.36
CA PHE A 282 40.49 -24.82 -4.38
C PHE A 282 40.58 -26.34 -4.37
N LEU A 283 41.76 -26.84 -4.76
CA LEU A 283 41.97 -28.25 -5.01
C LEU A 283 43.18 -28.72 -4.20
N TYR A 284 43.04 -29.83 -3.49
CA TYR A 284 44.13 -30.31 -2.65
C TYR A 284 44.08 -31.83 -2.54
N SER A 285 45.16 -32.39 -2.00
CA SER A 285 45.30 -33.84 -1.91
C SER A 285 44.60 -34.37 -0.66
N GLY A 286 44.11 -35.60 -0.78
CA GLY A 286 43.50 -36.25 0.38
C GLY A 286 44.47 -36.40 1.53
N HIS A 287 45.75 -36.63 1.22
CA HIS A 287 46.78 -36.67 2.26
C HIS A 287 46.81 -35.37 3.03
N LEU A 288 46.66 -34.24 2.33
CA LEU A 288 46.69 -32.94 3.00
C LEU A 288 45.43 -32.71 3.82
N ALA A 289 44.28 -33.18 3.32
CA ALA A 289 43.03 -33.01 4.06
C ALA A 289 43.13 -33.64 5.45
N LEU A 290 43.70 -34.85 5.54
CA LEU A 290 43.84 -35.51 6.83
C LEU A 290 44.77 -34.71 7.74
N ARG A 291 45.85 -34.15 7.19
CA ARG A 291 46.71 -33.29 8.00
C ARG A 291 45.98 -32.02 8.40
N LEU A 292 45.23 -31.41 7.48
CA LEU A 292 44.52 -30.17 7.78
C LEU A 292 43.52 -30.37 8.91
N TYR A 293 42.77 -31.47 8.90
CA TYR A 293 41.75 -31.66 9.93
C TYR A 293 42.37 -31.74 11.32
N HIS A 294 43.47 -32.48 11.45
CA HIS A 294 44.06 -32.65 12.77
C HIS A 294 44.68 -31.36 13.29
N ILE A 295 45.03 -30.41 12.41
CA ILE A 295 45.53 -29.12 12.87
C ILE A 295 44.39 -28.16 13.22
N THR A 296 43.15 -28.43 12.79
CA THR A 296 42.08 -27.49 13.02
C THR A 296 41.82 -27.26 14.50
N ASP A 297 42.02 -28.28 15.33
CA ASP A 297 41.82 -28.11 16.77
C ASP A 297 42.78 -27.08 17.35
N GLN A 298 43.96 -26.93 16.74
CA GLN A 298 44.96 -26.01 17.25
C GLN A 298 44.82 -24.60 16.70
N VAL A 299 43.79 -24.32 15.90
CA VAL A 299 43.56 -22.99 15.36
C VAL A 299 42.12 -22.59 15.69
N HIS A 300 41.96 -21.48 16.39
CA HIS A 300 40.63 -20.95 16.66
C HIS A 300 39.92 -20.63 15.36
N LEU A 301 38.62 -20.92 15.33
CA LEU A 301 37.80 -20.56 14.18
C LEU A 301 37.94 -19.08 13.86
N TYR A 302 37.87 -18.76 12.58
CA TYR A 302 37.95 -17.40 12.10
C TYR A 302 36.73 -17.10 11.24
N PRO A 303 36.21 -15.86 11.29
CA PRO A 303 34.93 -15.58 10.60
C PRO A 303 34.97 -15.78 9.09
N ILE A 304 36.13 -15.71 8.45
CA ILE A 304 36.25 -15.91 7.01
C ILE A 304 36.86 -17.27 6.76
N ASP A 305 36.11 -18.17 6.14
CA ASP A 305 36.51 -19.57 6.08
C ASP A 305 37.78 -19.76 5.26
N ASP A 306 37.95 -18.96 4.20
CA ASP A 306 39.16 -19.08 3.37
C ASP A 306 40.40 -18.67 4.15
N VAL A 307 40.32 -17.58 4.91
CA VAL A 307 41.43 -17.18 5.75
C VAL A 307 41.75 -18.27 6.76
N TYR A 308 40.71 -18.88 7.34
CA TYR A 308 40.92 -19.96 8.30
C TYR A 308 41.68 -21.12 7.66
N THR A 309 41.32 -21.49 6.43
CA THR A 309 42.05 -22.56 5.74
C THR A 309 43.49 -22.14 5.49
N GLY A 310 43.72 -20.90 5.07
CA GLY A 310 45.08 -20.41 4.94
C GLY A 310 45.83 -20.43 6.25
N MET A 311 45.15 -20.06 7.35
CA MET A 311 45.77 -20.14 8.67
C MET A 311 46.17 -21.57 8.99
N CYS A 312 45.29 -22.53 8.73
CA CYS A 312 45.60 -23.93 9.01
C CYS A 312 46.78 -24.42 8.18
N LEU A 313 46.89 -23.96 6.93
CA LEU A 313 48.06 -24.29 6.13
C LEU A 313 49.32 -23.70 6.73
N GLN A 314 49.24 -22.47 7.23
CA GLN A 314 50.41 -21.83 7.85
C GLN A 314 50.86 -22.61 9.08
N LYS A 315 49.90 -23.10 9.87
CA LYS A 315 50.24 -23.89 11.05
C LYS A 315 50.98 -25.16 10.69
N LEU A 316 50.74 -25.71 9.50
CA LEU A 316 51.46 -26.88 9.02
C LEU A 316 52.78 -26.51 8.34
N GLY A 317 53.09 -25.22 8.22
CA GLY A 317 54.28 -24.82 7.51
C GLY A 317 54.18 -24.96 6.00
N LEU A 318 52.96 -24.99 5.47
CA LEU A 318 52.74 -25.11 4.03
C LEU A 318 52.26 -23.77 3.48
N VAL A 319 52.37 -23.65 2.16
CA VAL A 319 52.00 -22.42 1.45
C VAL A 319 51.10 -22.79 0.28
N PRO A 320 49.88 -22.28 0.21
CA PRO A 320 49.03 -22.55 -0.95
C PRO A 320 49.67 -22.03 -2.23
N GLU A 321 49.52 -22.81 -3.30
CA GLU A 321 50.16 -22.51 -4.58
C GLU A 321 49.18 -21.84 -5.51
N LYS A 322 49.57 -20.70 -6.06
CA LYS A 322 48.67 -19.96 -6.94
C LYS A 322 48.65 -20.60 -8.33
N HIS A 323 47.45 -20.74 -8.88
CA HIS A 323 47.23 -21.36 -10.18
C HIS A 323 46.34 -20.43 -11.00
N LYS A 324 46.83 -20.02 -12.17
CA LYS A 324 46.09 -19.07 -12.98
C LYS A 324 44.76 -19.62 -13.47
N GLY A 325 44.60 -20.94 -13.47
CA GLY A 325 43.36 -21.55 -13.95
C GLY A 325 42.16 -21.29 -13.08
N PHE A 326 42.38 -20.84 -11.85
CA PHE A 326 41.30 -20.51 -10.93
C PHE A 326 40.98 -19.03 -11.10
N ARG A 327 40.09 -18.74 -12.03
CA ARG A 327 39.68 -17.36 -12.30
C ARG A 327 38.38 -17.05 -11.55
N THR A 328 38.54 -16.85 -10.24
CA THR A 328 37.57 -16.17 -9.39
C THR A 328 37.01 -14.97 -10.17
N PHE A 329 37.93 -14.33 -10.90
CA PHE A 329 37.77 -13.09 -11.62
C PHE A 329 37.52 -13.39 -13.09
N ASP A 330 36.24 -13.47 -13.50
CA ASP A 330 35.90 -13.40 -14.93
C ASP A 330 34.39 -13.39 -15.18
N ILE A 331 33.89 -12.23 -15.65
CA ILE A 331 32.45 -11.95 -15.66
C ILE A 331 31.71 -12.93 -16.56
N GLU A 332 32.10 -13.01 -17.83
CA GLU A 332 31.41 -13.92 -18.76
C GLU A 332 32.37 -14.53 -19.77
N ASN A 337 30.44 -15.28 -28.19
CA ASN A 337 30.78 -16.13 -27.06
C ASN A 337 32.29 -16.37 -27.03
N ASN A 338 32.76 -17.15 -26.05
CA ASN A 338 34.15 -17.56 -26.01
C ASN A 338 34.34 -18.83 -25.18
N ILE A 339 33.96 -19.98 -25.77
CA ILE A 339 34.15 -21.28 -25.13
C ILE A 339 35.62 -21.61 -24.94
N CYS A 340 36.51 -20.93 -25.68
CA CYS A 340 37.92 -21.29 -25.68
C CYS A 340 38.55 -21.10 -24.30
N SER A 341 38.17 -20.03 -23.60
CA SER A 341 38.69 -19.84 -22.26
C SER A 341 38.35 -21.01 -21.36
N TYR A 342 37.23 -21.70 -21.63
CA TYR A 342 36.75 -22.73 -20.72
C TYR A 342 37.52 -24.05 -20.81
N VAL A 343 38.23 -24.31 -21.91
CA VAL A 343 38.92 -25.59 -22.06
C VAL A 343 40.19 -25.65 -21.20
N ASP A 344 40.89 -24.52 -21.06
CA ASP A 344 42.16 -24.48 -20.34
C ASP A 344 42.01 -23.87 -18.96
N LEU A 345 40.79 -23.67 -18.49
CA LEU A 345 40.55 -23.23 -17.11
C LEU A 345 40.24 -24.41 -16.22
N MET A 346 40.44 -24.21 -14.92
CA MET A 346 40.05 -25.22 -13.95
C MET A 346 38.72 -24.89 -13.29
N LEU A 347 38.47 -23.63 -12.97
CA LEU A 347 37.15 -23.20 -12.54
C LEU A 347 36.98 -21.72 -12.84
N VAL A 348 35.73 -21.30 -13.00
CA VAL A 348 35.39 -19.91 -13.24
C VAL A 348 34.24 -19.50 -12.34
N HIS A 349 34.44 -18.43 -11.57
CA HIS A 349 33.42 -17.87 -10.69
C HIS A 349 32.91 -16.59 -11.31
N SER A 350 31.59 -16.40 -11.41
CA SER A 350 30.59 -17.36 -10.96
C SER A 350 29.56 -17.57 -12.06
N ARG A 351 28.71 -18.61 -11.94
CA ARG A 351 27.76 -18.93 -13.00
C ARG A 351 26.42 -19.35 -12.40
N LYS A 352 25.35 -19.03 -13.14
CA LYS A 352 23.99 -19.40 -12.78
C LYS A 352 23.74 -20.86 -13.15
N PRO A 353 22.65 -21.45 -12.64
CA PRO A 353 22.35 -22.86 -13.01
C PRO A 353 22.27 -23.07 -14.52
N GLN A 354 21.51 -22.25 -15.23
CA GLN A 354 21.40 -22.38 -16.67
C GLN A 354 22.76 -22.25 -17.34
N GLU A 355 23.56 -21.27 -16.92
CA GLU A 355 24.87 -21.07 -17.52
C GLU A 355 25.77 -22.29 -17.32
N MET A 356 25.72 -22.89 -16.13
CA MET A 356 26.55 -24.06 -15.85
C MET A 356 26.25 -25.20 -16.82
N ILE A 357 24.97 -25.44 -17.10
CA ILE A 357 24.61 -26.50 -18.03
C ILE A 357 24.98 -26.10 -19.46
N ASP A 358 24.75 -24.84 -19.81
CA ASP A 358 25.07 -24.35 -21.16
C ASP A 358 26.56 -24.47 -21.44
N ILE A 359 27.39 -24.00 -20.49
CA ILE A 359 28.85 -24.06 -20.66
C ILE A 359 29.31 -25.51 -20.75
N TRP A 360 28.70 -26.40 -19.95
CA TRP A 360 29.15 -27.79 -19.91
C TRP A 360 28.84 -28.53 -21.21
N SER A 361 27.62 -28.36 -21.72
CA SER A 361 27.26 -28.98 -23.00
C SER A 361 28.21 -28.52 -24.10
N GLN A 362 28.43 -27.20 -24.22
CA GLN A 362 29.38 -26.67 -25.18
C GLN A 362 30.77 -27.26 -24.95
N LEU A 363 31.19 -27.38 -23.69
CA LEU A 363 32.55 -27.83 -23.39
C LEU A 363 32.80 -29.24 -23.89
N GLN A 364 31.75 -30.06 -24.05
CA GLN A 364 31.94 -31.43 -24.50
C GLN A 364 32.38 -31.51 -25.96
N SER A 365 31.98 -30.54 -26.79
CA SER A 365 32.37 -30.49 -28.19
C SER A 365 33.50 -29.51 -28.45
N ALA A 366 34.20 -29.09 -27.39
CA ALA A 366 35.13 -27.98 -27.53
C ALA A 366 36.48 -28.40 -28.12
N HIS A 367 36.86 -29.67 -27.96
CA HIS A 367 38.08 -30.14 -28.61
C HIS A 367 37.97 -30.03 -30.13
N LEU A 368 36.78 -30.26 -30.67
CA LEU A 368 36.55 -30.03 -32.08
C LEU A 368 36.61 -28.53 -32.38
N LYS A 369 35.58 -27.79 -31.95
CA LYS A 369 35.51 -26.35 -32.22
C LYS A 369 36.78 -25.62 -31.81
N CYS A 370 36.96 -25.41 -30.51
CA CYS A 370 38.12 -24.68 -30.04
C CYS A 370 39.38 -25.55 -30.06
N PRO B 28 0.16 0.62 -40.50
CA PRO B 28 1.17 0.96 -39.49
C PRO B 28 2.51 0.26 -39.73
N GLU B 29 3.61 1.00 -39.51
CA GLU B 29 4.93 0.42 -39.71
C GLU B 29 5.26 -0.64 -38.67
N ALA B 30 4.87 -0.40 -37.42
CA ALA B 30 5.20 -1.32 -36.34
C ALA B 30 4.39 -2.61 -36.51
N TYR B 31 5.06 -3.74 -36.27
CA TYR B 31 4.46 -5.04 -36.55
C TYR B 31 3.25 -5.29 -35.67
N TRP B 32 3.38 -5.05 -34.36
CA TRP B 32 2.28 -5.35 -33.44
C TRP B 32 1.06 -4.49 -33.74
N ASN B 33 1.28 -3.18 -33.90
CA ASN B 33 0.17 -2.27 -34.18
C ASN B 33 -0.55 -2.68 -35.46
N ARG B 34 0.19 -3.05 -36.50
CA ARG B 34 -0.42 -3.47 -37.75
C ARG B 34 -1.20 -4.77 -37.58
N GLU B 35 -0.59 -5.77 -36.95
CA GLU B 35 -1.29 -7.04 -36.74
C GLU B 35 -2.50 -6.87 -35.83
N GLN B 36 -2.43 -5.96 -34.86
CA GLN B 36 -3.60 -5.71 -34.03
C GLN B 36 -4.72 -5.05 -34.82
N GLU B 37 -4.38 -4.18 -35.78
CA GLU B 37 -5.40 -3.57 -36.61
C GLU B 37 -6.12 -4.61 -37.45
N LYS B 38 -5.39 -5.59 -37.99
CA LYS B 38 -6.02 -6.69 -38.70
C LYS B 38 -7.01 -7.41 -37.79
N LEU B 39 -6.60 -7.68 -36.54
CA LEU B 39 -7.52 -8.26 -35.56
C LEU B 39 -8.74 -7.37 -35.36
N ASN B 40 -8.54 -6.05 -35.36
CA ASN B 40 -9.65 -5.14 -35.10
C ASN B 40 -10.73 -5.26 -36.17
N ARG B 41 -10.34 -5.25 -37.45
CA ARG B 41 -11.35 -5.37 -38.51
C ARG B 41 -12.02 -6.73 -38.48
N GLN B 42 -11.27 -7.78 -38.17
CA GLN B 42 -11.85 -9.12 -38.12
C GLN B 42 -12.97 -9.19 -37.09
N TYR B 43 -12.79 -8.53 -35.95
CA TYR B 43 -13.76 -8.58 -34.87
C TYR B 43 -14.78 -7.46 -34.92
N ASN B 44 -14.59 -6.44 -35.76
CA ASN B 44 -15.48 -5.29 -35.80
C ASN B 44 -15.93 -5.04 -37.23
N PRO B 45 -17.12 -5.53 -37.62
CA PRO B 45 -17.61 -5.30 -38.98
C PRO B 45 -17.68 -3.83 -39.37
N ILE B 46 -18.02 -2.95 -38.43
CA ILE B 46 -18.24 -1.54 -38.76
C ILE B 46 -16.98 -0.88 -39.31
N LEU B 47 -15.81 -1.49 -39.09
CA LEU B 47 -14.57 -0.99 -39.68
C LEU B 47 -14.35 -1.48 -41.11
N SER B 48 -15.19 -2.37 -41.61
CA SER B 48 -15.01 -2.93 -42.94
C SER B 48 -15.60 -2.01 -44.00
N MET B 49 -15.17 -0.74 -44.00
CA MET B 49 -15.66 0.25 -44.95
C MET B 49 -14.52 1.16 -45.39
N ASN B 62 -6.39 -16.69 -44.67
CA ASN B 62 -5.55 -16.21 -43.59
C ASN B 62 -5.43 -17.23 -42.45
N ILE B 63 -4.25 -17.27 -41.86
CA ILE B 63 -3.94 -18.22 -40.80
C ILE B 63 -4.61 -17.79 -39.50
N SER B 64 -4.98 -18.78 -38.67
CA SER B 64 -5.54 -18.47 -37.36
C SER B 64 -4.51 -17.75 -36.48
N HIS B 65 -5.00 -16.86 -35.64
CA HIS B 65 -4.16 -16.11 -34.72
C HIS B 65 -4.20 -16.67 -33.31
N LEU B 66 -4.88 -17.80 -33.10
CA LEU B 66 -5.04 -18.38 -31.77
C LEU B 66 -4.45 -19.77 -31.63
N ASN B 67 -4.46 -20.58 -32.68
CA ASN B 67 -4.00 -21.96 -32.56
C ASN B 67 -3.09 -22.37 -33.72
N TYR B 68 -2.33 -21.43 -34.27
CA TYR B 68 -1.32 -21.74 -35.28
C TYR B 68 0.03 -21.81 -34.57
N CYS B 69 0.51 -23.02 -34.33
CA CYS B 69 1.70 -23.23 -33.53
C CYS B 69 2.91 -23.61 -34.38
N GLU B 70 2.79 -23.57 -35.70
CA GLU B 70 3.96 -23.59 -36.55
C GLU B 70 4.61 -22.21 -36.57
N PRO B 71 5.91 -22.13 -36.80
CA PRO B 71 6.57 -20.82 -36.83
C PRO B 71 6.03 -19.94 -37.95
N ASP B 72 5.70 -18.70 -37.62
CA ASP B 72 5.20 -17.74 -38.61
C ASP B 72 6.35 -17.32 -39.51
N LEU B 73 6.53 -18.03 -40.62
CA LEU B 73 7.69 -17.79 -41.48
C LEU B 73 7.67 -16.40 -42.09
N ARG B 74 6.48 -15.83 -42.29
CA ARG B 74 6.35 -14.54 -42.96
C ARG B 74 6.95 -13.40 -42.15
N VAL B 75 7.10 -13.55 -40.84
CA VAL B 75 7.54 -12.43 -40.00
C VAL B 75 8.95 -12.01 -40.36
N THR B 76 9.76 -12.93 -40.91
CA THR B 76 11.14 -12.58 -41.24
C THR B 76 11.22 -11.58 -42.39
N SER B 77 10.31 -11.68 -43.36
CA SER B 77 10.33 -10.75 -44.49
C SER B 77 9.60 -9.45 -44.20
N VAL B 78 8.58 -9.47 -43.36
CA VAL B 78 7.79 -8.27 -43.14
C VAL B 78 8.42 -7.36 -42.08
N VAL B 79 9.16 -7.91 -41.13
CA VAL B 79 9.72 -7.13 -40.03
C VAL B 79 11.15 -6.74 -40.39
N THR B 80 11.39 -5.43 -40.47
CA THR B 80 12.69 -4.91 -40.85
C THR B 80 13.74 -5.27 -39.79
N GLY B 81 14.89 -5.78 -40.24
CA GLY B 81 15.96 -6.15 -39.35
C GLY B 81 15.61 -7.28 -38.40
N PHE B 82 14.72 -8.19 -38.81
CA PHE B 82 14.30 -9.28 -37.93
C PHE B 82 15.48 -10.10 -37.43
N ASN B 83 16.45 -10.37 -38.30
CA ASN B 83 17.55 -11.25 -37.93
C ASN B 83 18.45 -10.61 -36.88
N ASN B 84 18.54 -9.27 -36.86
CA ASN B 84 19.35 -8.58 -35.86
C ASN B 84 18.65 -8.45 -34.52
N LEU B 85 17.36 -8.77 -34.44
CA LEU B 85 16.64 -8.62 -33.18
C LEU B 85 17.10 -9.67 -32.18
N PRO B 86 16.96 -9.39 -30.88
CA PRO B 86 17.32 -10.39 -29.86
C PRO B 86 16.42 -11.61 -29.95
N ASP B 87 16.94 -12.73 -29.44
CA ASP B 87 16.25 -14.01 -29.57
C ASP B 87 14.83 -13.97 -29.03
N ARG B 88 14.64 -13.27 -27.90
CA ARG B 88 13.31 -13.24 -27.29
C ARG B 88 12.28 -12.63 -28.23
N PHE B 89 12.67 -11.61 -29.00
CA PHE B 89 11.75 -11.04 -29.97
C PHE B 89 11.52 -11.98 -31.14
N LYS B 90 12.55 -12.70 -31.57
CA LYS B 90 12.40 -13.67 -32.64
C LYS B 90 11.39 -14.76 -32.27
N ASP B 91 11.59 -15.40 -31.11
CA ASP B 91 10.66 -16.42 -30.66
C ASP B 91 9.26 -15.85 -30.42
N PHE B 92 9.18 -14.62 -29.91
CA PHE B 92 7.88 -14.01 -29.68
C PHE B 92 7.15 -13.76 -30.99
N LEU B 93 7.87 -13.28 -32.01
CA LEU B 93 7.23 -12.98 -33.28
C LEU B 93 6.85 -14.25 -34.04
N LEU B 94 7.67 -15.31 -33.91
CA LEU B 94 7.44 -16.52 -34.70
C LEU B 94 6.24 -17.30 -34.19
N TYR B 95 6.04 -17.35 -32.88
CA TYR B 95 5.00 -18.18 -32.28
C TYR B 95 3.90 -17.35 -31.63
N LEU B 96 3.70 -16.12 -32.12
CA LEU B 96 2.70 -15.21 -31.56
C LEU B 96 1.29 -15.73 -31.76
N ARG B 97 1.07 -16.54 -32.79
CA ARG B 97 -0.27 -16.98 -33.16
C ARG B 97 -0.66 -18.31 -32.52
N CYS B 98 0.02 -18.70 -31.44
CA CYS B 98 -0.26 -19.95 -30.73
C CYS B 98 -0.47 -19.64 -29.26
N ARG B 99 -1.64 -20.00 -28.74
CA ARG B 99 -1.89 -19.87 -27.31
C ARG B 99 -2.73 -21.01 -26.74
N ASN B 100 -2.96 -22.09 -27.51
CA ASN B 100 -3.73 -23.23 -27.01
C ASN B 100 -2.80 -24.27 -26.38
N TYR B 101 -2.31 -23.91 -25.21
CA TYR B 101 -1.41 -24.77 -24.45
C TYR B 101 -2.16 -25.51 -23.36
N SER B 102 -1.75 -26.73 -23.09
CA SER B 102 -2.45 -27.62 -22.18
C SER B 102 -1.89 -27.50 -20.76
N LEU B 103 -2.72 -27.88 -19.79
CA LEU B 103 -2.32 -27.90 -18.40
C LEU B 103 -1.62 -29.23 -18.08
N LEU B 104 -0.35 -29.16 -17.70
CA LEU B 104 0.35 -30.38 -17.32
C LEU B 104 0.04 -30.79 -15.89
N ILE B 105 -0.06 -29.82 -14.98
CA ILE B 105 -0.42 -30.07 -13.59
C ILE B 105 -1.60 -29.19 -13.23
N ASP B 106 -2.65 -29.80 -12.69
CA ASP B 106 -3.89 -29.10 -12.39
C ASP B 106 -4.31 -29.34 -10.95
N GLN B 107 -5.15 -28.43 -10.46
CA GLN B 107 -5.84 -28.58 -9.17
C GLN B 107 -7.31 -28.26 -9.41
N PRO B 108 -8.04 -29.16 -10.07
CA PRO B 108 -9.39 -28.81 -10.55
C PRO B 108 -10.38 -28.52 -9.44
N ASP B 109 -10.19 -29.06 -8.24
CA ASP B 109 -11.11 -28.85 -7.13
C ASP B 109 -10.66 -27.72 -6.21
N LYS B 110 -9.75 -26.86 -6.69
CA LYS B 110 -9.26 -25.75 -5.88
C LYS B 110 -10.39 -24.82 -5.47
N CYS B 111 -11.37 -24.62 -6.35
CA CYS B 111 -12.51 -23.75 -6.06
C CYS B 111 -13.80 -24.56 -5.90
N ALA B 112 -13.69 -25.75 -5.31
CA ALA B 112 -14.87 -26.54 -5.00
C ALA B 112 -15.76 -25.80 -4.00
N LYS B 113 -15.16 -25.14 -3.02
CA LYS B 113 -15.85 -24.20 -2.16
C LYS B 113 -15.62 -22.80 -2.70
N LYS B 114 -16.70 -22.06 -2.93
CA LYS B 114 -16.63 -20.75 -3.56
C LYS B 114 -15.69 -19.83 -2.79
N PRO B 115 -14.60 -19.36 -3.42
CA PRO B 115 -13.65 -18.51 -2.70
C PRO B 115 -14.04 -17.04 -2.73
N PHE B 116 -13.78 -16.35 -1.62
CA PHE B 116 -13.92 -14.90 -1.61
C PHE B 116 -12.75 -14.23 -2.31
N LEU B 117 -11.54 -14.76 -2.13
CA LEU B 117 -10.34 -14.22 -2.74
C LEU B 117 -9.49 -15.36 -3.26
N LEU B 118 -9.14 -15.30 -4.55
CA LEU B 118 -8.22 -16.26 -5.16
C LEU B 118 -6.86 -15.60 -5.31
N LEU B 119 -5.84 -16.20 -4.70
CA LEU B 119 -4.48 -15.70 -4.80
C LEU B 119 -3.77 -16.45 -5.93
N ALA B 120 -3.36 -15.72 -6.96
CA ALA B 120 -2.69 -16.28 -8.13
C ALA B 120 -1.29 -15.71 -8.21
N ILE B 121 -0.29 -16.54 -7.91
CA ILE B 121 1.08 -16.08 -7.76
C ILE B 121 1.91 -16.65 -8.90
N LYS B 122 2.39 -15.78 -9.78
CA LYS B 122 3.31 -16.19 -10.83
C LYS B 122 4.61 -16.69 -10.20
N SER B 123 5.16 -17.77 -10.74
CA SER B 123 6.40 -18.31 -10.21
C SER B 123 7.14 -19.08 -11.31
N LEU B 124 8.36 -19.46 -10.98
CA LEU B 124 9.23 -20.25 -11.83
C LEU B 124 9.57 -21.54 -11.10
N THR B 125 9.70 -22.63 -11.86
CA THR B 125 10.01 -23.95 -11.28
C THR B 125 11.03 -23.91 -10.14
N PRO B 126 12.22 -23.30 -10.29
CA PRO B 126 13.24 -23.42 -9.23
C PRO B 126 12.91 -22.67 -7.94
N HIS B 127 11.86 -21.85 -7.89
CA HIS B 127 11.61 -20.97 -6.75
C HIS B 127 10.86 -21.70 -5.63
N PHE B 128 11.46 -22.80 -5.17
CA PHE B 128 10.83 -23.58 -4.11
C PHE B 128 10.76 -22.79 -2.80
N ALA B 129 11.81 -22.04 -2.49
CA ALA B 129 11.84 -21.29 -1.24
C ALA B 129 10.79 -20.17 -1.25
N ARG B 130 10.66 -19.47 -2.38
CA ARG B 130 9.71 -18.36 -2.46
C ARG B 130 8.28 -18.86 -2.29
N ARG B 131 7.92 -19.95 -2.97
CA ARG B 131 6.57 -20.49 -2.84
C ARG B 131 6.30 -20.95 -1.42
N GLN B 132 7.28 -21.62 -0.78
CA GLN B 132 7.07 -22.14 0.55
C GLN B 132 6.94 -21.02 1.58
N ALA B 133 7.71 -19.94 1.42
CA ALA B 133 7.57 -18.80 2.32
C ALA B 133 6.20 -18.15 2.16
N ILE B 134 5.69 -18.09 0.94
CA ILE B 134 4.36 -17.53 0.72
C ILE B 134 3.31 -18.43 1.33
N ARG B 135 3.47 -19.76 1.22
CA ARG B 135 2.55 -20.70 1.86
C ARG B 135 2.44 -20.44 3.35
N GLU B 136 3.56 -20.21 4.01
CA GLU B 136 3.59 -20.12 5.46
C GLU B 136 3.16 -18.75 5.97
N SER B 137 3.19 -17.73 5.12
CA SER B 137 2.89 -16.39 5.58
C SER B 137 1.62 -15.85 4.93
N TRP B 138 1.75 -14.83 4.07
CA TRP B 138 0.57 -14.10 3.60
C TRP B 138 -0.27 -14.92 2.63
N GLY B 139 0.25 -16.00 2.08
CA GLY B 139 -0.48 -16.75 1.08
C GLY B 139 -1.15 -18.00 1.60
N GLN B 140 -1.29 -18.14 2.91
CA GLN B 140 -1.91 -19.32 3.46
C GLN B 140 -3.41 -19.30 3.24
N GLU B 141 -3.97 -20.44 2.88
CA GLU B 141 -5.40 -20.55 2.66
C GLU B 141 -6.14 -20.46 4.00
N SER B 142 -7.28 -19.78 3.99
CA SER B 142 -8.02 -19.55 5.23
C SER B 142 -9.51 -19.51 4.94
N ASN B 143 -10.29 -19.62 6.02
CA ASN B 143 -11.74 -19.63 5.95
C ASN B 143 -12.36 -18.67 6.97
N ALA B 144 -11.56 -17.79 7.55
CA ALA B 144 -12.03 -16.93 8.63
C ALA B 144 -13.20 -16.07 8.18
N GLY B 145 -14.24 -16.02 9.01
CA GLY B 145 -15.47 -15.35 8.64
C GLY B 145 -16.22 -16.03 7.52
N ASN B 146 -15.91 -17.30 7.25
CA ASN B 146 -16.44 -18.05 6.11
C ASN B 146 -16.10 -17.39 4.78
N GLN B 147 -15.07 -16.55 4.76
CA GLN B 147 -14.54 -15.95 3.54
C GLN B 147 -13.33 -16.77 3.12
N THR B 148 -13.54 -17.66 2.13
CA THR B 148 -12.50 -18.60 1.75
C THR B 148 -11.40 -17.91 0.95
N VAL B 149 -10.15 -18.19 1.32
CA VAL B 149 -8.97 -17.73 0.58
C VAL B 149 -8.26 -18.96 0.04
N VAL B 150 -8.05 -19.01 -1.27
CA VAL B 150 -7.38 -20.13 -1.92
C VAL B 150 -6.16 -19.60 -2.67
N ARG B 151 -5.19 -20.50 -2.86
CA ARG B 151 -3.88 -20.14 -3.40
C ARG B 151 -3.50 -21.07 -4.55
N VAL B 152 -3.06 -20.50 -5.66
CA VAL B 152 -2.43 -21.25 -6.75
C VAL B 152 -1.16 -20.55 -7.16
N PHE B 153 -0.19 -21.33 -7.63
CA PHE B 153 1.03 -20.82 -8.24
C PHE B 153 1.00 -21.09 -9.73
N LEU B 154 1.40 -20.10 -10.52
CA LEU B 154 1.31 -20.15 -11.97
C LEU B 154 2.68 -20.43 -12.56
N LEU B 155 2.83 -21.58 -13.21
CA LEU B 155 4.11 -22.02 -13.74
C LEU B 155 3.98 -22.46 -15.18
N GLY B 156 4.94 -22.05 -16.01
CA GLY B 156 5.17 -22.65 -17.30
C GLY B 156 6.24 -23.70 -17.20
N GLN B 157 6.85 -24.01 -18.34
CA GLN B 157 7.90 -25.01 -18.39
C GLN B 157 9.27 -24.35 -18.42
N THR B 158 10.24 -25.00 -17.77
CA THR B 158 11.65 -24.66 -17.84
C THR B 158 12.34 -25.88 -18.46
N PRO B 159 12.29 -26.01 -19.78
CA PRO B 159 12.59 -27.30 -20.41
C PRO B 159 14.08 -27.57 -20.47
N PRO B 160 14.48 -28.84 -20.61
CA PRO B 160 15.92 -29.15 -20.66
C PRO B 160 16.64 -28.51 -21.84
N GLU B 161 15.99 -28.40 -23.00
CA GLU B 161 16.63 -27.79 -24.16
C GLU B 161 16.93 -26.31 -23.96
N ASP B 162 16.40 -25.70 -22.91
CA ASP B 162 16.74 -24.33 -22.54
C ASP B 162 17.84 -24.28 -21.47
N ASN B 163 18.61 -25.37 -21.34
CA ASN B 163 19.67 -25.46 -20.34
C ASN B 163 19.14 -25.36 -18.92
N HIS B 164 17.87 -25.74 -18.72
CA HIS B 164 17.34 -25.72 -17.36
C HIS B 164 17.63 -27.03 -16.66
N PRO B 165 17.97 -26.98 -15.37
CA PRO B 165 18.14 -28.23 -14.61
C PRO B 165 16.80 -28.94 -14.44
N ASP B 166 16.86 -30.27 -14.47
CA ASP B 166 15.65 -31.10 -14.35
C ASP B 166 15.21 -31.12 -12.88
N LEU B 167 14.22 -30.30 -12.55
CA LEU B 167 13.62 -30.29 -11.23
C LEU B 167 12.21 -30.86 -11.25
N SER B 168 11.88 -31.63 -12.29
CA SER B 168 10.51 -32.09 -12.48
C SER B 168 10.04 -32.98 -11.34
N ASP B 169 10.90 -33.89 -10.87
CA ASP B 169 10.51 -34.77 -9.77
C ASP B 169 10.27 -33.98 -8.49
N MET B 170 11.10 -32.97 -8.24
CA MET B 170 10.90 -32.11 -7.08
C MET B 170 9.58 -31.35 -7.18
N LEU B 171 9.24 -30.87 -8.38
CA LEU B 171 7.98 -30.15 -8.56
C LEU B 171 6.79 -31.06 -8.31
N LYS B 172 6.82 -32.27 -8.89
CA LYS B 172 5.74 -33.24 -8.65
C LYS B 172 5.56 -33.51 -7.17
N PHE B 173 6.67 -33.69 -6.45
CA PHE B 173 6.61 -33.88 -5.00
C PHE B 173 5.94 -32.69 -4.32
N GLU B 174 6.32 -31.47 -4.72
CA GLU B 174 5.76 -30.27 -4.11
C GLU B 174 4.28 -30.11 -4.45
N SER B 175 3.89 -30.40 -5.69
CA SER B 175 2.46 -30.33 -6.06
C SER B 175 1.65 -31.34 -5.28
N GLU B 176 2.16 -32.57 -5.14
CA GLU B 176 1.43 -33.60 -4.40
C GLU B 176 1.27 -33.22 -2.93
N LYS B 177 2.30 -32.61 -2.34
CA LYS B 177 2.24 -32.29 -0.93
C LYS B 177 1.38 -31.06 -0.65
N HIS B 178 1.48 -30.04 -1.50
CA HIS B 178 0.88 -28.75 -1.22
C HIS B 178 -0.32 -28.40 -2.08
N GLN B 179 -0.51 -29.09 -3.21
CA GLN B 179 -1.76 -29.02 -3.99
C GLN B 179 -2.06 -27.61 -4.49
N ASP B 180 -1.02 -26.80 -4.75
CA ASP B 180 -1.23 -25.43 -5.18
C ASP B 180 -0.52 -25.08 -6.48
N ILE B 181 -0.06 -26.09 -7.24
CA ILE B 181 0.72 -25.86 -8.44
C ILE B 181 -0.18 -25.99 -9.66
N LEU B 182 -0.16 -24.97 -10.53
CA LEU B 182 -0.76 -25.03 -11.86
C LEU B 182 0.35 -24.85 -12.89
N MET B 183 0.42 -25.78 -13.84
CA MET B 183 1.54 -25.81 -14.78
C MET B 183 1.02 -26.11 -16.18
N TRP B 184 1.43 -25.27 -17.14
CA TRP B 184 1.09 -25.40 -18.55
C TRP B 184 2.32 -25.79 -19.36
N ASN B 185 2.10 -26.23 -20.60
CA ASN B 185 3.18 -26.79 -21.41
C ASN B 185 3.79 -25.77 -22.37
N TYR B 186 4.05 -24.55 -21.89
CA TYR B 186 4.72 -23.54 -22.69
C TYR B 186 6.02 -23.13 -22.00
N ARG B 187 6.95 -22.60 -22.79
CA ARG B 187 8.22 -22.10 -22.27
C ARG B 187 7.99 -20.94 -21.31
N ASP B 188 8.29 -21.13 -20.03
CA ASP B 188 8.12 -20.06 -19.03
C ASP B 188 9.27 -19.08 -19.19
N THR B 189 9.05 -18.05 -20.00
CA THR B 189 10.04 -17.01 -20.24
C THR B 189 9.44 -15.63 -19.95
N PHE B 190 10.33 -14.64 -19.87
CA PHE B 190 9.93 -13.27 -19.60
C PHE B 190 8.93 -12.76 -20.65
N PHE B 191 9.19 -13.04 -21.93
CA PHE B 191 8.30 -12.56 -22.98
C PHE B 191 7.05 -13.40 -23.14
N ASN B 192 6.94 -14.53 -22.43
CA ASN B 192 5.74 -15.36 -22.48
C ASN B 192 4.83 -15.12 -21.28
N LEU B 193 5.05 -14.04 -20.53
CA LEU B 193 4.24 -13.80 -19.34
C LEU B 193 2.80 -13.39 -19.68
N SER B 194 2.59 -12.72 -20.81
CA SER B 194 1.22 -12.43 -21.22
C SER B 194 0.50 -13.71 -21.63
N LEU B 195 1.26 -14.71 -22.08
CA LEU B 195 0.70 -16.05 -22.24
C LEU B 195 0.31 -16.65 -20.90
N LYS B 196 1.18 -16.50 -19.89
CA LYS B 196 0.86 -16.95 -18.54
C LYS B 196 -0.42 -16.31 -18.04
N GLU B 197 -0.65 -15.03 -18.39
CA GLU B 197 -1.87 -14.34 -17.99
C GLU B 197 -3.09 -14.94 -18.66
N VAL B 198 -3.03 -15.10 -19.99
CA VAL B 198 -4.16 -15.64 -20.74
C VAL B 198 -4.51 -17.04 -20.24
N LEU B 199 -3.49 -17.89 -20.06
CA LEU B 199 -3.75 -19.26 -19.61
C LEU B 199 -4.32 -19.29 -18.20
N PHE B 200 -3.93 -18.34 -17.34
CA PHE B 200 -4.52 -18.28 -16.02
C PHE B 200 -5.98 -17.83 -16.09
N LEU B 201 -6.27 -16.84 -16.94
CA LEU B 201 -7.64 -16.37 -17.11
C LEU B 201 -8.54 -17.47 -17.69
N ARG B 202 -7.99 -18.30 -18.58
CA ARG B 202 -8.74 -19.45 -19.06
C ARG B 202 -9.06 -20.41 -17.93
N TRP B 203 -8.07 -20.68 -17.08
CA TRP B 203 -8.27 -21.59 -15.95
C TRP B 203 -9.33 -21.05 -14.99
N VAL B 204 -9.37 -19.73 -14.79
CA VAL B 204 -10.38 -19.15 -13.92
C VAL B 204 -11.77 -19.38 -14.49
N SER B 205 -11.92 -19.27 -15.81
CA SER B 205 -13.25 -19.39 -16.40
C SER B 205 -13.74 -20.84 -16.40
N THR B 206 -12.84 -21.80 -16.55
CA THR B 206 -13.24 -23.21 -16.53
C THR B 206 -13.29 -23.79 -15.13
N SER B 207 -12.44 -23.30 -14.22
CA SER B 207 -12.25 -23.96 -12.94
C SER B 207 -12.43 -23.08 -11.71
N CYS B 208 -12.46 -21.75 -11.87
CA CYS B 208 -12.77 -20.93 -10.70
C CYS B 208 -13.62 -19.72 -11.08
N PRO B 209 -14.72 -19.91 -11.83
CA PRO B 209 -15.47 -18.74 -12.31
C PRO B 209 -16.25 -18.03 -11.23
N ASP B 210 -16.40 -18.62 -10.05
CA ASP B 210 -17.23 -18.07 -8.99
C ASP B 210 -16.45 -17.40 -7.88
N THR B 211 -15.14 -17.25 -8.03
CA THR B 211 -14.38 -16.51 -7.03
C THR B 211 -14.78 -15.05 -7.08
N GLU B 212 -14.98 -14.45 -5.90
CA GLU B 212 -15.45 -13.08 -5.89
C GLU B 212 -14.36 -12.08 -6.23
N PHE B 213 -13.11 -12.36 -5.86
CA PHE B 213 -12.01 -11.45 -6.16
C PHE B 213 -10.76 -12.26 -6.48
N VAL B 214 -9.85 -11.63 -7.22
CA VAL B 214 -8.63 -12.26 -7.70
C VAL B 214 -7.47 -11.32 -7.43
N PHE B 215 -6.40 -11.83 -6.82
CA PHE B 215 -5.13 -11.12 -6.73
C PHE B 215 -4.09 -11.90 -7.51
N LYS B 216 -3.55 -11.29 -8.56
CA LYS B 216 -2.45 -11.85 -9.32
C LYS B 216 -1.19 -11.04 -9.06
N GLY B 217 -0.12 -11.71 -8.63
CA GLY B 217 1.13 -11.05 -8.31
C GLY B 217 2.32 -11.95 -8.51
N ASP B 218 3.51 -11.38 -8.27
CA ASP B 218 4.77 -12.08 -8.37
C ASP B 218 5.11 -12.77 -7.05
N ASP B 219 6.09 -13.67 -7.10
CA ASP B 219 6.47 -14.43 -5.92
C ASP B 219 7.60 -13.79 -5.11
N ASP B 220 7.95 -12.53 -5.39
CA ASP B 220 8.96 -11.83 -4.60
C ASP B 220 8.39 -10.57 -3.93
N VAL B 221 7.08 -10.44 -3.87
CA VAL B 221 6.45 -9.30 -3.22
C VAL B 221 5.79 -9.77 -1.93
N PHE B 222 5.79 -8.90 -0.92
CA PHE B 222 5.02 -9.14 0.27
C PHE B 222 3.63 -8.53 0.11
N VAL B 223 2.62 -9.27 0.53
CA VAL B 223 1.23 -8.88 0.38
C VAL B 223 0.57 -8.90 1.75
N ASN B 224 -0.06 -7.80 2.13
CA ASN B 224 -0.82 -7.79 3.38
C ASN B 224 -2.22 -8.30 3.06
N THR B 225 -2.38 -9.62 3.15
CA THR B 225 -3.65 -10.25 2.81
C THR B 225 -4.75 -9.80 3.78
N HIS B 226 -4.40 -9.62 5.05
CA HIS B 226 -5.38 -9.12 6.02
C HIS B 226 -5.93 -7.76 5.61
N HIS B 227 -5.04 -6.86 5.14
CA HIS B 227 -5.50 -5.54 4.73
C HIS B 227 -6.30 -5.62 3.43
N ILE B 228 -5.93 -6.53 2.53
CA ILE B 228 -6.69 -6.69 1.29
C ILE B 228 -8.11 -7.16 1.58
N LEU B 229 -8.25 -8.09 2.53
CA LEU B 229 -9.58 -8.57 2.89
C LEU B 229 -10.42 -7.46 3.50
N ASN B 230 -9.81 -6.63 4.36
CA ASN B 230 -10.53 -5.48 4.90
C ASN B 230 -10.97 -4.53 3.79
N TYR B 231 -10.07 -4.24 2.85
CA TYR B 231 -10.41 -3.35 1.74
C TYR B 231 -11.52 -3.92 0.90
N LEU B 232 -11.46 -5.22 0.57
CA LEU B 232 -12.50 -5.83 -0.24
C LEU B 232 -13.85 -5.77 0.45
N ASN B 233 -13.88 -6.05 1.75
CA ASN B 233 -15.15 -6.02 2.47
C ASN B 233 -15.70 -4.61 2.63
N SER B 234 -14.86 -3.58 2.46
CA SER B 234 -15.30 -2.20 2.58
C SER B 234 -15.94 -1.67 1.31
N LEU B 235 -15.90 -2.43 0.22
CA LEU B 235 -16.30 -1.91 -1.09
C LEU B 235 -17.81 -1.93 -1.27
N SER B 236 -18.32 -0.90 -1.95
CA SER B 236 -19.71 -0.91 -2.37
C SER B 236 -19.94 -2.03 -3.39
N LYS B 237 -21.20 -2.44 -3.51
CA LYS B 237 -21.53 -3.46 -4.50
C LYS B 237 -21.28 -2.96 -5.93
N THR B 238 -21.49 -1.67 -6.17
CA THR B 238 -21.20 -1.10 -7.48
C THR B 238 -19.71 -1.15 -7.78
N LYS B 239 -18.89 -0.64 -6.86
CA LYS B 239 -17.45 -0.58 -7.11
C LYS B 239 -16.83 -1.97 -7.17
N ALA B 240 -17.35 -2.92 -6.39
CA ALA B 240 -16.74 -4.25 -6.32
C ALA B 240 -16.88 -5.01 -7.62
N LYS B 241 -17.93 -4.74 -8.41
CA LYS B 241 -18.24 -5.59 -9.55
C LYS B 241 -17.17 -5.50 -10.63
N ASP B 242 -16.72 -4.30 -10.97
CA ASP B 242 -15.68 -4.11 -11.97
C ASP B 242 -14.42 -3.53 -11.34
N LEU B 243 -14.09 -4.02 -10.14
CA LEU B 243 -12.87 -3.60 -9.46
C LEU B 243 -11.65 -4.02 -10.26
N PHE B 244 -10.70 -3.10 -10.39
CA PHE B 244 -9.35 -3.43 -10.87
C PHE B 244 -8.44 -2.32 -10.34
N ILE B 245 -7.59 -2.66 -9.36
CA ILE B 245 -6.73 -1.67 -8.73
C ILE B 245 -5.30 -2.18 -8.69
N GLY B 246 -4.38 -1.23 -8.62
CA GLY B 246 -2.97 -1.55 -8.54
C GLY B 246 -2.16 -0.27 -8.63
N ASP B 247 -0.89 -0.42 -9.00
CA ASP B 247 -0.02 0.73 -9.25
C ASP B 247 -0.17 1.09 -10.73
N VAL B 248 -1.16 1.94 -11.02
CA VAL B 248 -1.55 2.22 -12.39
C VAL B 248 -0.65 3.31 -12.96
N ILE B 249 -0.15 3.08 -14.17
CA ILE B 249 0.72 4.01 -14.88
C ILE B 249 -0.02 4.51 -16.11
N HIS B 250 -0.03 5.84 -16.29
CA HIS B 250 -0.63 6.45 -17.46
C HIS B 250 0.45 7.04 -18.36
N ASN B 251 0.16 7.02 -19.67
CA ASN B 251 1.01 7.65 -20.68
C ASN B 251 2.43 7.07 -20.68
N ALA B 252 2.57 5.80 -20.34
CA ALA B 252 3.86 5.16 -20.51
C ALA B 252 4.07 4.81 -21.98
N GLY B 253 5.34 4.64 -22.35
CA GLY B 253 5.68 4.21 -23.67
C GLY B 253 6.71 3.10 -23.64
N PRO B 254 6.95 2.47 -24.77
CA PRO B 254 8.02 1.48 -24.84
C PRO B 254 9.37 2.14 -24.62
N HIS B 255 10.19 1.51 -23.78
CA HIS B 255 11.57 1.96 -23.64
C HIS B 255 12.34 1.63 -24.91
N ARG B 256 13.06 2.61 -25.45
CA ARG B 256 13.78 2.43 -26.70
C ARG B 256 15.25 2.11 -26.50
N ASP B 257 15.72 2.03 -25.26
CA ASP B 257 17.11 1.73 -24.97
C ASP B 257 17.34 0.22 -25.01
N LYS B 258 18.17 -0.22 -25.96
CA LYS B 258 18.41 -1.65 -26.18
C LYS B 258 18.92 -2.37 -24.92
N LYS B 259 19.56 -1.64 -24.00
CA LYS B 259 20.10 -2.27 -22.80
C LYS B 259 19.03 -2.57 -21.76
N LEU B 260 17.88 -1.91 -21.82
CA LEU B 260 16.90 -2.00 -20.75
C LEU B 260 16.10 -3.28 -20.83
N LYS B 261 15.62 -3.71 -19.66
CA LYS B 261 14.85 -4.95 -19.55
C LYS B 261 13.58 -4.91 -20.38
N TYR B 262 12.85 -3.79 -20.33
CA TYR B 262 11.59 -3.64 -21.04
C TYR B 262 11.75 -2.95 -22.38
N TYR B 263 12.91 -3.09 -23.01
CA TYR B 263 13.16 -2.50 -24.32
C TYR B 263 12.20 -3.08 -25.36
N ILE B 264 11.60 -2.21 -26.17
CA ILE B 264 10.73 -2.61 -27.26
C ILE B 264 11.15 -1.84 -28.51
N PRO B 265 11.59 -2.52 -29.57
CA PRO B 265 11.99 -1.80 -30.79
C PRO B 265 10.80 -1.11 -31.45
N GLU B 266 11.11 -0.02 -32.15
CA GLU B 266 10.09 0.72 -32.88
C GLU B 266 9.45 -0.13 -33.97
N VAL B 267 10.21 -1.06 -34.55
CA VAL B 267 9.67 -1.95 -35.56
C VAL B 267 8.64 -2.90 -34.97
N VAL B 268 8.69 -3.15 -33.65
CA VAL B 268 7.75 -4.06 -33.01
C VAL B 268 6.50 -3.33 -32.53
N TYR B 269 6.65 -2.20 -31.85
CA TYR B 269 5.50 -1.48 -31.31
C TYR B 269 5.73 0.01 -31.37
N SER B 270 4.70 0.74 -31.82
CA SER B 270 4.74 2.19 -31.92
C SER B 270 3.63 2.80 -31.07
N GLY B 271 3.87 4.02 -30.59
CA GLY B 271 2.88 4.72 -29.78
C GLY B 271 3.02 4.45 -28.31
N LEU B 272 2.12 5.04 -27.54
CA LEU B 272 2.13 4.94 -26.09
C LEU B 272 1.35 3.70 -25.65
N TYR B 273 1.53 3.34 -24.38
CA TYR B 273 0.82 2.25 -23.75
C TYR B 273 -0.50 2.73 -23.17
N PRO B 274 -1.52 1.88 -23.12
CA PRO B 274 -2.72 2.21 -22.37
C PRO B 274 -2.42 2.22 -20.88
N PRO B 275 -3.32 2.74 -20.05
CA PRO B 275 -3.09 2.65 -18.60
C PRO B 275 -3.05 1.20 -18.15
N TYR B 276 -2.10 0.88 -17.28
CA TYR B 276 -1.94 -0.50 -16.84
C TYR B 276 -1.36 -0.53 -15.43
N ALA B 277 -1.87 -1.46 -14.62
CA ALA B 277 -1.31 -1.73 -13.31
C ALA B 277 -0.08 -2.63 -13.46
N GLY B 278 0.98 -2.30 -12.72
CA GLY B 278 2.20 -3.07 -12.80
C GLY B 278 3.02 -3.05 -11.53
N GLY B 279 4.25 -3.53 -11.60
CA GLY B 279 5.15 -3.47 -10.47
C GLY B 279 5.04 -4.62 -9.49
N GLY B 280 4.22 -5.64 -9.75
CA GLY B 280 4.25 -6.83 -8.93
C GLY B 280 2.92 -7.38 -8.46
N GLY B 281 1.81 -6.71 -8.77
CA GLY B 281 0.54 -7.23 -8.36
C GLY B 281 -0.64 -6.29 -8.54
N PHE B 282 -1.81 -6.85 -8.81
CA PHE B 282 -3.03 -6.06 -8.88
C PHE B 282 -4.20 -6.90 -8.40
N LEU B 283 -5.32 -6.22 -8.13
CA LEU B 283 -6.48 -6.80 -7.48
C LEU B 283 -7.71 -6.47 -8.30
N TYR B 284 -8.54 -7.47 -8.58
CA TYR B 284 -9.73 -7.25 -9.39
C TYR B 284 -10.80 -8.26 -9.05
N SER B 285 -12.00 -8.03 -9.58
CA SER B 285 -13.14 -8.88 -9.28
C SER B 285 -13.15 -10.11 -10.19
N GLY B 286 -13.74 -11.19 -9.68
CA GLY B 286 -13.88 -12.39 -10.50
C GLY B 286 -14.77 -12.16 -11.71
N HIS B 287 -15.81 -11.33 -11.55
CA HIS B 287 -16.65 -10.96 -12.69
C HIS B 287 -15.82 -10.31 -13.79
N LEU B 288 -14.92 -9.38 -13.40
CA LEU B 288 -14.06 -8.75 -14.38
C LEU B 288 -13.06 -9.75 -14.97
N ALA B 289 -12.72 -10.79 -14.22
CA ALA B 289 -11.82 -11.82 -14.75
C ALA B 289 -12.46 -12.56 -15.92
N LEU B 290 -13.76 -12.85 -15.81
CA LEU B 290 -14.45 -13.52 -16.91
C LEU B 290 -14.55 -12.62 -18.13
N ARG B 291 -14.85 -11.34 -17.94
CA ARG B 291 -14.86 -10.40 -19.06
C ARG B 291 -13.47 -10.26 -19.66
N LEU B 292 -12.44 -10.18 -18.81
CA LEU B 292 -11.08 -10.09 -19.30
C LEU B 292 -10.72 -11.30 -20.17
N TYR B 293 -11.09 -12.51 -19.71
CA TYR B 293 -10.69 -13.69 -20.46
C TYR B 293 -11.37 -13.75 -21.82
N HIS B 294 -12.64 -13.34 -21.89
N HIS B 294 -12.63 -13.34 -21.91
CA HIS B 294 -13.38 -13.37 -23.15
CA HIS B 294 -13.32 -13.44 -23.19
C HIS B 294 -12.79 -12.41 -24.17
C HIS B 294 -12.83 -12.40 -24.19
N ILE B 295 -12.21 -11.30 -23.71
CA ILE B 295 -11.68 -10.30 -24.64
C ILE B 295 -10.26 -10.63 -25.09
N THR B 296 -9.59 -11.59 -24.46
CA THR B 296 -8.18 -11.85 -24.79
C THR B 296 -8.02 -12.33 -26.22
N ASP B 297 -9.01 -13.03 -26.78
CA ASP B 297 -8.92 -13.45 -28.18
C ASP B 297 -8.77 -12.26 -29.11
N GLN B 298 -9.30 -11.10 -28.73
CA GLN B 298 -9.30 -9.92 -29.59
C GLN B 298 -8.03 -9.09 -29.46
N VAL B 299 -7.10 -9.46 -28.59
CA VAL B 299 -5.86 -8.72 -28.39
C VAL B 299 -4.70 -9.67 -28.63
N HIS B 300 -3.85 -9.32 -29.59
CA HIS B 300 -2.61 -10.06 -29.80
C HIS B 300 -1.76 -10.00 -28.54
N LEU B 301 -1.09 -11.11 -28.22
CA LEU B 301 -0.18 -11.14 -27.09
C LEU B 301 0.86 -10.04 -27.23
N TYR B 302 1.36 -9.57 -26.08
CA TYR B 302 2.36 -8.53 -26.06
C TYR B 302 3.49 -8.93 -25.12
N PRO B 303 4.75 -8.59 -25.45
CA PRO B 303 5.88 -9.10 -24.65
C PRO B 303 5.84 -8.72 -23.18
N ILE B 304 5.12 -7.66 -22.80
CA ILE B 304 5.02 -7.24 -21.41
C ILE B 304 3.63 -7.58 -20.93
N ASP B 305 3.52 -8.49 -19.96
CA ASP B 305 2.22 -9.02 -19.58
C ASP B 305 1.33 -7.94 -18.97
N ASP B 306 1.89 -7.09 -18.10
CA ASP B 306 1.09 -6.05 -17.46
C ASP B 306 0.52 -5.07 -18.49
N VAL B 307 1.30 -4.77 -19.54
CA VAL B 307 0.79 -3.93 -20.61
C VAL B 307 -0.34 -4.65 -21.34
N TYR B 308 -0.20 -5.96 -21.55
CA TYR B 308 -1.25 -6.72 -22.23
C TYR B 308 -2.56 -6.68 -21.44
N THR B 309 -2.48 -6.84 -20.12
CA THR B 309 -3.67 -6.75 -19.28
C THR B 309 -4.34 -5.39 -19.42
N GLY B 310 -3.55 -4.31 -19.44
CA GLY B 310 -4.12 -2.99 -19.65
C GLY B 310 -4.75 -2.84 -21.02
N MET B 311 -4.14 -3.46 -22.04
CA MET B 311 -4.74 -3.44 -23.37
C MET B 311 -6.12 -4.08 -23.35
N CYS B 312 -6.27 -5.20 -22.67
CA CYS B 312 -7.56 -5.86 -22.58
C CYS B 312 -8.56 -5.01 -21.79
N LEU B 313 -8.12 -4.43 -20.67
CA LEU B 313 -8.98 -3.54 -19.91
C LEU B 313 -9.50 -2.40 -20.77
N GLN B 314 -8.62 -1.80 -21.58
CA GLN B 314 -9.03 -0.70 -22.44
C GLN B 314 -10.06 -1.15 -23.48
N LYS B 315 -9.90 -2.35 -24.02
CA LYS B 315 -10.89 -2.86 -24.96
C LYS B 315 -12.27 -2.99 -24.33
N LEU B 316 -12.32 -3.26 -23.02
CA LEU B 316 -13.59 -3.35 -22.31
C LEU B 316 -14.17 -1.99 -21.96
N GLY B 317 -13.52 -0.90 -22.34
CA GLY B 317 -13.98 0.41 -21.93
C GLY B 317 -13.77 0.71 -20.47
N LEU B 318 -12.77 0.10 -19.85
CA LEU B 318 -12.48 0.28 -18.44
C LEU B 318 -11.08 0.85 -18.28
N VAL B 319 -10.88 1.57 -17.19
CA VAL B 319 -9.58 2.15 -16.83
C VAL B 319 -9.17 1.56 -15.48
N PRO B 320 -7.99 0.96 -15.37
CA PRO B 320 -7.53 0.50 -14.06
C PRO B 320 -7.33 1.68 -13.12
N GLU B 321 -7.71 1.48 -11.87
CA GLU B 321 -7.74 2.54 -10.87
C GLU B 321 -6.49 2.46 -10.00
N LYS B 322 -5.80 3.59 -9.86
CA LYS B 322 -4.59 3.64 -9.04
C LYS B 322 -4.93 3.52 -7.57
N HIS B 323 -4.13 2.72 -6.85
CA HIS B 323 -4.22 2.60 -5.41
C HIS B 323 -2.80 2.67 -4.87
N LYS B 324 -2.51 3.69 -4.05
CA LYS B 324 -1.14 3.94 -3.63
C LYS B 324 -0.70 3.05 -2.48
N GLY B 325 -1.53 2.13 -2.02
CA GLY B 325 -1.09 1.06 -1.15
C GLY B 325 -0.28 0.00 -1.83
N PHE B 326 -0.12 0.08 -3.15
CA PHE B 326 0.74 -0.82 -3.90
C PHE B 326 2.11 -0.17 -4.01
N ARG B 327 2.98 -0.50 -3.05
CA ARG B 327 4.29 0.13 -2.92
C ARG B 327 5.29 -0.62 -3.79
N THR B 328 5.15 -0.41 -5.10
CA THR B 328 6.00 -1.06 -6.08
C THR B 328 7.43 -0.54 -6.04
N PHE B 329 7.65 0.62 -5.44
CA PHE B 329 8.98 1.19 -5.27
C PHE B 329 9.51 1.02 -3.85
N ASP B 330 9.03 0.00 -3.14
CA ASP B 330 9.39 -0.27 -1.74
C ASP B 330 8.88 0.86 -0.83
N ILE B 331 9.25 0.82 0.44
CA ILE B 331 8.90 1.88 1.37
C ILE B 331 10.18 2.58 1.81
N GLU B 332 10.02 3.65 2.59
CA GLU B 332 11.17 4.38 3.09
C GLU B 332 12.04 3.47 3.95
N GLU B 333 13.36 3.59 3.78
CA GLU B 333 14.29 2.67 4.43
C GLU B 333 14.24 2.80 5.94
N LYS B 334 14.05 4.02 6.46
CA LYS B 334 13.98 4.21 7.90
C LYS B 334 12.76 3.50 8.49
N ASN B 335 11.67 3.43 7.75
CA ASN B 335 10.46 2.74 8.20
C ASN B 335 10.46 1.26 7.84
N LYS B 336 11.50 0.78 7.15
CA LYS B 336 11.54 -0.62 6.72
C LYS B 336 11.53 -1.59 7.88
N ASN B 337 11.92 -1.16 9.07
N ASN B 337 11.93 -1.18 9.08
CA ASN B 337 11.97 -2.00 10.26
CA ASN B 337 11.93 -2.05 10.23
C ASN B 337 10.80 -1.76 11.20
C ASN B 337 10.83 -1.71 11.23
N ASN B 338 9.84 -0.92 10.82
CA ASN B 338 8.67 -0.62 11.64
C ASN B 338 7.49 -1.38 11.08
N ILE B 339 6.99 -2.35 11.84
CA ILE B 339 5.88 -3.19 11.39
C ILE B 339 4.63 -2.35 11.11
N CYS B 340 4.51 -1.18 11.74
CA CYS B 340 3.37 -0.31 11.46
C CYS B 340 3.39 0.23 10.04
N SER B 341 4.54 0.22 9.38
CA SER B 341 4.60 0.62 7.98
C SER B 341 3.84 -0.35 7.09
N TYR B 342 3.69 -1.61 7.51
CA TYR B 342 3.06 -2.64 6.72
C TYR B 342 1.58 -2.83 7.03
N VAL B 343 1.05 -2.15 8.04
CA VAL B 343 -0.31 -2.42 8.52
C VAL B 343 -1.34 -2.00 7.48
N ASP B 344 -1.13 -0.86 6.82
CA ASP B 344 -2.13 -0.29 5.94
C ASP B 344 -1.66 -0.21 4.49
N LEU B 345 -0.73 -1.07 4.09
CA LEU B 345 -0.37 -1.18 2.69
C LEU B 345 -0.96 -2.46 2.11
N MET B 346 -1.12 -2.47 0.79
CA MET B 346 -1.62 -3.65 0.09
C MET B 346 -0.50 -4.63 -0.23
N LEU B 347 0.56 -4.15 -0.89
CA LEU B 347 1.73 -4.97 -1.17
C LEU B 347 2.97 -4.08 -1.16
N VAL B 348 4.13 -4.73 -1.02
CA VAL B 348 5.41 -4.06 -1.12
C VAL B 348 6.35 -4.93 -1.95
N HIS B 349 7.11 -4.28 -2.82
CA HIS B 349 8.11 -4.93 -3.65
C HIS B 349 9.48 -4.37 -3.28
N SER B 350 10.48 -5.21 -3.03
CA SER B 350 10.35 -6.67 -3.03
C SER B 350 10.90 -7.23 -1.72
N ARG B 351 10.61 -8.50 -1.42
CA ARG B 351 11.05 -9.11 -0.18
C ARG B 351 11.49 -10.55 -0.43
N LYS B 352 12.53 -10.98 0.30
CA LYS B 352 13.04 -12.34 0.23
C LYS B 352 12.24 -13.27 1.12
N PRO B 353 12.33 -14.59 0.90
CA PRO B 353 11.48 -15.53 1.68
C PRO B 353 11.54 -15.33 3.18
N GLN B 354 12.75 -15.16 3.73
CA GLN B 354 12.90 -14.92 5.15
C GLN B 354 12.15 -13.66 5.57
N GLU B 355 12.23 -12.60 4.76
CA GLU B 355 11.59 -11.33 5.11
C GLU B 355 10.08 -11.47 5.13
N MET B 356 9.52 -12.23 4.20
CA MET B 356 8.06 -12.40 4.16
C MET B 356 7.56 -13.10 5.42
N ILE B 357 8.28 -14.13 5.87
CA ILE B 357 7.89 -14.82 7.09
C ILE B 357 8.07 -13.91 8.30
N ASP B 358 9.15 -13.14 8.33
CA ASP B 358 9.38 -12.25 9.46
C ASP B 358 8.32 -11.16 9.54
N ILE B 359 8.06 -10.47 8.42
CA ILE B 359 7.07 -9.40 8.41
C ILE B 359 5.70 -9.96 8.81
N TRP B 360 5.32 -11.09 8.24
CA TRP B 360 4.00 -11.66 8.51
C TRP B 360 3.86 -12.07 9.97
N SER B 361 4.93 -12.59 10.57
CA SER B 361 4.90 -12.96 11.97
C SER B 361 4.70 -11.73 12.85
N GLN B 362 5.49 -10.68 12.62
CA GLN B 362 5.33 -9.44 13.37
C GLN B 362 3.94 -8.85 13.15
N LEU B 363 3.44 -8.92 11.92
CA LEU B 363 2.16 -8.30 11.58
C LEU B 363 1.01 -8.85 12.41
N GLN B 364 1.12 -10.08 12.92
CA GLN B 364 -0.02 -10.70 13.58
C GLN B 364 -0.34 -10.04 14.92
N SER B 365 0.65 -9.41 15.56
CA SER B 365 0.42 -8.67 16.80
C SER B 365 0.57 -7.16 16.60
N ALA B 366 0.46 -6.69 15.36
CA ALA B 366 0.65 -5.27 15.08
C ALA B 366 -0.49 -4.41 15.61
N HIS B 367 -1.70 -4.97 15.78
CA HIS B 367 -2.80 -4.17 16.27
C HIS B 367 -2.57 -3.70 17.70
N LEU B 368 -1.76 -4.45 18.47
CA LEU B 368 -1.43 -4.02 19.82
C LEU B 368 -0.42 -2.88 19.80
N LYS B 369 0.61 -2.97 18.95
CA LYS B 369 1.68 -1.99 18.92
C LYS B 369 1.42 -0.82 17.98
N CYS B 370 0.56 -0.99 16.97
CA CYS B 370 0.46 -0.02 15.88
C CYS B 370 -0.91 0.66 15.80
N PRO C 28 -34.40 23.23 32.55
CA PRO C 28 -34.51 24.61 33.12
C PRO C 28 -35.91 24.82 33.67
N GLU C 29 -36.67 25.80 33.18
CA GLU C 29 -38.05 25.90 33.62
C GLU C 29 -38.94 24.88 32.91
N ALA C 30 -38.61 24.53 31.66
CA ALA C 30 -39.42 23.60 30.89
C ALA C 30 -39.27 22.18 31.41
N TYR C 31 -40.39 21.46 31.46
CA TYR C 31 -40.40 20.16 32.13
C TYR C 31 -39.50 19.15 31.44
N TRP C 32 -39.62 19.03 30.11
CA TRP C 32 -38.84 18.01 29.40
C TRP C 32 -37.35 18.30 29.52
N ASN C 33 -36.96 19.56 29.32
CA ASN C 33 -35.54 19.92 29.42
C ASN C 33 -35.00 19.60 30.81
N ARG C 34 -35.75 19.96 31.86
CA ARG C 34 -35.30 19.63 33.21
C ARG C 34 -35.19 18.13 33.41
N GLU C 35 -36.21 17.38 32.99
CA GLU C 35 -36.17 15.93 33.15
C GLU C 35 -35.04 15.32 32.32
N GLN C 36 -34.78 15.85 31.13
CA GLN C 36 -33.69 15.34 30.31
C GLN C 36 -32.34 15.58 30.97
N GLU C 37 -32.16 16.73 31.63
CA GLU C 37 -30.88 16.98 32.28
C GLU C 37 -30.70 16.10 33.52
N LYS C 38 -31.79 15.69 34.17
CA LYS C 38 -31.67 14.68 35.23
C LYS C 38 -31.16 13.36 34.66
N LEU C 39 -31.69 12.95 33.50
CA LEU C 39 -31.21 11.73 32.87
C LEU C 39 -29.73 11.84 32.51
N ASN C 40 -29.30 13.02 32.07
CA ASN C 40 -27.90 13.21 31.72
C ASN C 40 -27.00 12.97 32.93
N ARG C 41 -27.34 13.58 34.08
CA ARG C 41 -26.57 13.36 35.30
C ARG C 41 -26.53 11.88 35.69
N GLN C 42 -27.61 11.15 35.42
CA GLN C 42 -27.68 9.74 35.79
C GLN C 42 -26.79 8.88 34.90
N TYR C 43 -26.63 9.26 33.63
CA TYR C 43 -25.83 8.49 32.69
C TYR C 43 -24.43 9.04 32.49
N ASN C 44 -24.07 10.12 33.18
CA ASN C 44 -22.78 10.78 32.97
C ASN C 44 -22.18 11.17 34.32
N PRO C 45 -21.30 10.33 34.87
CA PRO C 45 -20.66 10.67 36.16
C PRO C 45 -19.90 11.99 36.17
N ILE C 46 -19.31 12.41 35.04
CA ILE C 46 -18.49 13.63 35.08
C ILE C 46 -19.35 14.86 35.38
N LEU C 47 -20.63 14.81 35.05
CA LEU C 47 -21.52 15.91 35.43
C LEU C 47 -21.66 16.01 36.94
N SER C 48 -21.56 14.88 37.63
CA SER C 48 -21.75 14.82 39.08
C SER C 48 -20.43 15.17 39.78
N MET C 49 -20.01 16.43 39.58
CA MET C 49 -18.79 16.94 40.17
C MET C 49 -18.94 18.41 40.54
N ASN C 62 -35.12 5.64 43.52
CA ASN C 62 -36.02 6.53 42.79
C ASN C 62 -36.76 5.77 41.69
N ILE C 63 -37.92 6.31 41.29
CA ILE C 63 -38.72 5.63 40.29
C ILE C 63 -37.99 5.58 38.96
N SER C 64 -38.21 4.50 38.22
CA SER C 64 -37.57 4.32 36.93
C SER C 64 -38.16 5.28 35.90
N HIS C 65 -37.37 5.57 34.87
CA HIS C 65 -37.82 6.36 33.73
C HIS C 65 -38.11 5.50 32.51
N LEU C 66 -38.06 4.18 32.66
CA LEU C 66 -38.20 3.24 31.56
C LEU C 66 -39.35 2.27 31.73
N ASN C 67 -39.60 1.82 32.97
CA ASN C 67 -40.61 0.79 33.24
C ASN C 67 -41.63 1.25 34.27
N TYR C 68 -41.71 2.56 34.55
CA TYR C 68 -42.67 3.08 35.51
C TYR C 68 -43.94 3.44 34.75
N CYS C 69 -44.88 2.49 34.72
CA CYS C 69 -46.09 2.64 33.92
C CYS C 69 -47.29 3.07 34.73
N GLU C 70 -47.12 3.36 36.01
CA GLU C 70 -48.20 3.96 36.76
C GLU C 70 -48.21 5.47 36.50
N PRO C 71 -49.36 6.12 36.63
CA PRO C 71 -49.43 7.57 36.38
C PRO C 71 -48.49 8.32 37.29
N ASP C 72 -47.65 9.17 36.69
CA ASP C 72 -46.69 9.97 37.44
C ASP C 72 -47.39 11.24 37.90
N LEU C 73 -48.12 11.12 39.01
CA LEU C 73 -48.94 12.23 39.50
C LEU C 73 -48.11 13.45 39.89
N ARG C 74 -46.79 13.29 40.04
CA ARG C 74 -45.95 14.42 40.39
C ARG C 74 -46.01 15.53 39.34
N VAL C 75 -46.43 15.23 38.11
CA VAL C 75 -46.51 16.27 37.10
C VAL C 75 -47.62 17.28 37.38
N THR C 76 -48.64 16.90 38.15
CA THR C 76 -49.74 17.82 38.42
C THR C 76 -49.27 19.04 39.18
N SER C 77 -48.29 18.88 40.07
CA SER C 77 -47.79 19.99 40.85
C SER C 77 -46.50 20.59 40.30
N VAL C 78 -45.71 19.83 39.52
CA VAL C 78 -44.47 20.39 38.99
C VAL C 78 -44.71 21.17 37.72
N VAL C 79 -45.64 20.74 36.88
CA VAL C 79 -45.92 21.43 35.61
C VAL C 79 -46.94 22.52 35.90
N THR C 80 -46.54 23.77 35.68
CA THR C 80 -47.43 24.89 35.93
C THR C 80 -48.53 24.92 34.87
N GLY C 81 -49.78 25.04 35.33
CA GLY C 81 -50.92 25.02 34.43
C GLY C 81 -51.26 23.67 33.86
N PHE C 82 -50.90 22.59 34.56
CA PHE C 82 -51.08 21.25 34.01
C PHE C 82 -52.53 20.94 33.68
N ASN C 83 -53.46 21.39 34.52
CA ASN C 83 -54.87 21.07 34.32
C ASN C 83 -55.43 21.73 33.08
N ASN C 84 -54.85 22.85 32.65
CA ASN C 84 -55.33 23.57 31.48
C ASN C 84 -54.68 23.10 30.19
N LEU C 85 -53.67 22.23 30.26
CA LEU C 85 -53.05 21.70 29.05
C LEU C 85 -53.99 20.75 28.35
N PRO C 86 -53.86 20.60 27.02
CA PRO C 86 -54.67 19.61 26.31
C PRO C 86 -54.43 18.20 26.82
N ASP C 87 -55.42 17.34 26.59
CA ASP C 87 -55.39 15.99 27.16
C ASP C 87 -54.21 15.18 26.65
N ARG C 88 -53.79 15.39 25.40
CA ARG C 88 -52.66 14.63 24.88
C ARG C 88 -51.39 14.94 25.64
N PHE C 89 -51.23 16.19 26.11
CA PHE C 89 -50.08 16.54 26.93
C PHE C 89 -50.20 15.94 28.33
N LYS C 90 -51.41 15.93 28.89
CA LYS C 90 -51.61 15.27 30.18
C LYS C 90 -51.24 13.80 30.10
N ASP C 91 -51.75 13.10 29.09
CA ASP C 91 -51.43 11.69 28.93
C ASP C 91 -49.93 11.48 28.69
N PHE C 92 -49.31 12.37 27.92
CA PHE C 92 -47.87 12.26 27.66
C PHE C 92 -47.06 12.44 28.93
N LEU C 93 -47.34 13.51 29.68
CA LEU C 93 -46.57 13.78 30.89
C LEU C 93 -46.81 12.71 31.96
N LEU C 94 -48.04 12.20 32.05
CA LEU C 94 -48.35 11.25 33.10
C LEU C 94 -47.66 9.91 32.89
N TYR C 95 -47.53 9.46 31.64
CA TYR C 95 -47.02 8.13 31.35
C TYR C 95 -45.69 8.17 30.61
N LEU C 96 -44.98 9.30 30.69
CA LEU C 96 -43.69 9.46 30.02
C LEU C 96 -42.68 8.40 30.41
N ARG C 97 -42.72 7.95 31.66
CA ARG C 97 -41.69 7.06 32.21
C ARG C 97 -41.98 5.58 31.93
N CYS C 98 -42.87 5.28 30.99
CA CYS C 98 -43.21 3.91 30.63
C CYS C 98 -42.92 3.70 29.16
N ARG C 99 -42.11 2.69 28.85
CA ARG C 99 -41.88 2.31 27.46
C ARG C 99 -41.69 0.80 27.29
N ASN C 100 -41.98 -0.01 28.31
CA ASN C 100 -41.83 -1.46 28.20
C ASN C 100 -43.18 -2.09 27.82
N TYR C 101 -43.53 -1.93 26.56
CA TYR C 101 -44.78 -2.46 26.03
C TYR C 101 -44.52 -3.73 25.22
N SER C 102 -45.48 -4.65 25.28
CA SER C 102 -45.31 -5.97 24.70
C SER C 102 -45.77 -6.00 23.24
N LEU C 103 -45.28 -6.99 22.51
CA LEU C 103 -45.65 -7.21 21.11
C LEU C 103 -46.86 -8.14 21.06
N LEU C 104 -47.99 -7.59 20.61
CA LEU C 104 -49.18 -8.43 20.45
C LEU C 104 -49.12 -9.24 19.16
N ILE C 105 -48.60 -8.65 18.09
CA ILE C 105 -48.46 -9.32 16.80
C ILE C 105 -47.01 -9.22 16.36
N ASP C 106 -46.41 -10.36 16.06
CA ASP C 106 -45.01 -10.42 15.67
C ASP C 106 -44.87 -11.18 14.36
N GLN C 107 -43.75 -10.95 13.69
CA GLN C 107 -43.34 -11.70 12.52
C GLN C 107 -41.91 -12.12 12.76
N PRO C 108 -41.70 -13.16 13.58
CA PRO C 108 -40.33 -13.49 14.02
C PRO C 108 -39.41 -13.93 12.90
N ASP C 109 -39.95 -14.46 11.80
CA ASP C 109 -39.16 -14.89 10.65
C ASP C 109 -38.91 -13.77 9.65
N LYS C 110 -39.35 -12.55 9.94
CA LYS C 110 -39.25 -11.47 8.95
C LYS C 110 -37.82 -11.36 8.41
N CYS C 111 -36.84 -11.59 9.27
CA CYS C 111 -35.44 -11.43 8.89
C CYS C 111 -34.66 -12.73 9.06
N ALA C 112 -35.32 -13.87 8.81
CA ALA C 112 -34.62 -15.14 8.82
C ALA C 112 -33.50 -15.15 7.79
N LYS C 113 -33.75 -14.61 6.61
CA LYS C 113 -32.69 -14.35 5.64
C LYS C 113 -32.23 -12.91 5.82
N LYS C 114 -30.92 -12.72 5.81
CA LYS C 114 -30.34 -11.40 6.07
C LYS C 114 -30.84 -10.39 5.06
N PRO C 115 -31.51 -9.32 5.50
CA PRO C 115 -32.03 -8.33 4.55
C PRO C 115 -31.01 -7.27 4.19
N PHE C 116 -31.08 -6.83 2.94
CA PHE C 116 -30.32 -5.65 2.53
C PHE C 116 -31.04 -4.37 2.91
N LEU C 117 -32.37 -4.34 2.76
CA LEU C 117 -33.16 -3.17 3.07
C LEU C 117 -34.42 -3.58 3.81
N LEU C 118 -34.62 -3.03 5.00
CA LEU C 118 -35.83 -3.26 5.79
C LEU C 118 -36.75 -2.06 5.65
N LEU C 119 -37.92 -2.27 5.04
CA LEU C 119 -38.93 -1.24 4.94
C LEU C 119 -39.84 -1.32 6.15
N ALA C 120 -39.87 -0.25 6.96
CA ALA C 120 -40.68 -0.18 8.16
C ALA C 120 -41.63 0.99 8.03
N ILE C 121 -42.92 0.70 7.86
CA ILE C 121 -43.91 1.70 7.50
C ILE C 121 -44.84 1.91 8.69
N LYS C 122 -44.83 3.12 9.24
CA LYS C 122 -45.77 3.46 10.29
C LYS C 122 -47.19 3.44 9.74
N SER C 123 -48.12 2.88 10.50
CA SER C 123 -49.49 2.77 10.03
C SER C 123 -50.43 2.77 11.23
N LEU C 124 -51.72 2.72 10.93
CA LEU C 124 -52.79 2.71 11.91
C LEU C 124 -53.77 1.63 11.51
N THR C 125 -54.36 0.96 12.50
CA THR C 125 -55.26 -0.18 12.29
C THR C 125 -56.19 0.01 11.09
N PRO C 126 -56.93 1.11 10.97
CA PRO C 126 -57.94 1.19 9.90
C PRO C 126 -57.37 1.36 8.50
N HIS C 127 -56.07 1.55 8.34
CA HIS C 127 -55.51 1.89 7.02
C HIS C 127 -55.25 0.66 6.16
N PHE C 128 -56.29 -0.17 5.97
CA PHE C 128 -56.12 -1.40 5.20
C PHE C 128 -55.77 -1.12 3.75
N ALA C 129 -56.40 -0.11 3.14
CA ALA C 129 -56.14 0.20 1.74
C ALA C 129 -54.73 0.76 1.55
N ARG C 130 -54.26 1.59 2.49
CA ARG C 130 -52.92 2.15 2.36
C ARG C 130 -51.86 1.06 2.43
N ARG C 131 -52.00 0.12 3.35
CA ARG C 131 -51.02 -0.95 3.48
C ARG C 131 -51.02 -1.87 2.27
N GLN C 132 -52.21 -2.18 1.75
CA GLN C 132 -52.29 -3.08 0.61
C GLN C 132 -51.71 -2.44 -0.65
N ALA C 133 -51.96 -1.13 -0.83
CA ALA C 133 -51.39 -0.43 -1.98
C ALA C 133 -49.87 -0.44 -1.92
N ILE C 134 -49.31 -0.26 -0.72
CA ILE C 134 -47.85 -0.31 -0.58
C ILE C 134 -47.32 -1.70 -0.88
N ARG C 135 -48.04 -2.73 -0.43
CA ARG C 135 -47.64 -4.11 -0.73
C ARG C 135 -47.53 -4.35 -2.23
N GLU C 136 -48.50 -3.84 -3.01
CA GLU C 136 -48.56 -4.08 -4.43
C GLU C 136 -47.62 -3.19 -5.24
N SER C 137 -47.09 -2.13 -4.65
CA SER C 137 -46.25 -1.21 -5.40
C SER C 137 -44.85 -1.12 -4.79
N TRP C 138 -44.49 0.04 -4.23
CA TRP C 138 -43.09 0.24 -3.87
C TRP C 138 -42.64 -0.58 -2.67
N GLY C 139 -43.55 -1.15 -1.90
CA GLY C 139 -43.21 -1.91 -0.72
C GLY C 139 -43.15 -3.41 -0.89
N GLN C 140 -43.20 -3.92 -2.12
CA GLN C 140 -43.21 -5.37 -2.30
C GLN C 140 -41.86 -5.97 -1.95
N GLU C 141 -41.90 -7.14 -1.31
CA GLU C 141 -40.68 -7.83 -0.95
C GLU C 141 -40.02 -8.40 -2.20
N SER C 142 -38.69 -8.33 -2.25
CA SER C 142 -37.94 -8.73 -3.43
C SER C 142 -36.64 -9.41 -3.02
N ASN C 143 -36.03 -10.07 -4.00
CA ASN C 143 -34.73 -10.70 -3.82
C ASN C 143 -33.85 -10.50 -5.05
N ALA C 144 -34.13 -9.46 -5.85
CA ALA C 144 -33.35 -9.21 -7.05
C ALA C 144 -31.89 -8.94 -6.70
N GLY C 145 -30.99 -9.47 -7.52
CA GLY C 145 -29.57 -9.33 -7.27
C GLY C 145 -29.11 -9.97 -5.98
N ASN C 146 -29.87 -10.93 -5.45
CA ASN C 146 -29.63 -11.56 -4.15
C ASN C 146 -29.71 -10.55 -3.01
N GLN C 147 -30.36 -9.41 -3.22
CA GLN C 147 -30.52 -8.38 -2.20
C GLN C 147 -31.93 -8.45 -1.63
N THR C 148 -32.02 -8.96 -0.40
CA THR C 148 -33.30 -9.15 0.28
C THR C 148 -33.93 -7.79 0.62
N VAL C 149 -35.22 -7.65 0.33
CA VAL C 149 -36.02 -6.52 0.76
C VAL C 149 -37.23 -7.06 1.51
N VAL C 150 -37.38 -6.68 2.78
CA VAL C 150 -38.49 -7.12 3.61
C VAL C 150 -39.26 -5.91 4.08
N ARG C 151 -40.52 -6.16 4.46
CA ARG C 151 -41.49 -5.11 4.76
C ARG C 151 -42.23 -5.43 6.05
N VAL C 152 -42.38 -4.43 6.91
CA VAL C 152 -43.18 -4.53 8.12
C VAL C 152 -43.95 -3.23 8.30
N PHE C 153 -45.17 -3.34 8.84
CA PHE C 153 -45.97 -2.19 9.20
C PHE C 153 -46.01 -2.05 10.72
N LEU C 154 -45.82 -0.83 11.20
CA LEU C 154 -45.64 -0.55 12.62
C LEU C 154 -46.94 0.02 13.18
N LEU C 155 -47.61 -0.75 14.03
CA LEU C 155 -48.91 -0.37 14.56
C LEU C 155 -48.92 -0.43 16.07
N GLY C 156 -49.62 0.52 16.68
CA GLY C 156 -50.06 0.43 18.05
C GLY C 156 -51.49 -0.05 18.11
N GLN C 157 -52.15 0.25 19.22
CA GLN C 157 -53.53 -0.15 19.41
C GLN C 157 -54.47 1.02 19.16
N THR C 158 -55.65 0.69 18.61
CA THR C 158 -56.74 1.62 18.45
C THR C 158 -57.89 1.17 19.35
N PRO C 159 -57.83 1.49 20.64
CA PRO C 159 -58.72 0.84 21.61
C PRO C 159 -60.11 1.47 21.60
N PRO C 160 -61.10 0.76 22.15
CA PRO C 160 -62.47 1.31 22.16
C PRO C 160 -62.64 2.51 23.08
N GLU C 161 -61.83 2.62 24.14
CA GLU C 161 -61.93 3.77 25.02
C GLU C 161 -61.58 5.07 24.30
N ASP C 162 -60.92 4.98 23.14
CA ASP C 162 -60.70 6.12 22.26
C ASP C 162 -61.75 6.24 21.18
N ASN C 163 -62.87 5.51 21.30
CA ASN C 163 -63.96 5.50 20.33
C ASN C 163 -63.53 4.90 18.98
N HIS C 164 -62.51 4.05 19.00
CA HIS C 164 -62.13 3.38 17.76
C HIS C 164 -63.07 2.22 17.47
N PRO C 165 -63.48 2.04 16.21
CA PRO C 165 -64.21 0.81 15.85
C PRO C 165 -63.33 -0.41 16.06
N ASP C 166 -63.96 -1.53 16.36
CA ASP C 166 -63.23 -2.76 16.64
C ASP C 166 -62.89 -3.44 15.31
N LEU C 167 -61.65 -3.27 14.86
CA LEU C 167 -61.15 -3.91 13.66
C LEU C 167 -60.07 -4.95 13.96
N SER C 168 -60.05 -5.47 15.19
CA SER C 168 -58.98 -6.36 15.62
C SER C 168 -59.02 -7.69 14.86
N ASP C 169 -60.22 -8.20 14.57
CA ASP C 169 -60.33 -9.44 13.82
C ASP C 169 -59.85 -9.25 12.38
N MET C 170 -60.19 -8.13 11.77
CA MET C 170 -59.71 -7.84 10.42
C MET C 170 -58.19 -7.74 10.39
N LEU C 171 -57.62 -7.05 11.38
CA LEU C 171 -56.16 -6.92 11.46
C LEU C 171 -55.50 -8.27 11.69
N LYS C 172 -56.10 -9.11 12.55
CA LYS C 172 -55.59 -10.46 12.75
C LYS C 172 -55.57 -11.22 11.44
N PHE C 173 -56.68 -11.18 10.68
CA PHE C 173 -56.74 -11.84 9.37
C PHE C 173 -55.70 -11.26 8.42
N GLU C 174 -55.54 -9.93 8.39
CA GLU C 174 -54.53 -9.31 7.55
C GLU C 174 -53.13 -9.77 7.94
N SER C 175 -52.86 -9.89 9.24
CA SER C 175 -51.55 -10.32 9.69
C SER C 175 -51.23 -11.74 9.23
N GLU C 176 -52.21 -12.65 9.29
CA GLU C 176 -51.97 -14.03 8.90
C GLU C 176 -51.73 -14.15 7.40
N LYS C 177 -52.43 -13.34 6.60
CA LYS C 177 -52.34 -13.46 5.15
C LYS C 177 -51.06 -12.85 4.60
N HIS C 178 -50.61 -11.72 5.15
CA HIS C 178 -49.49 -10.99 4.61
C HIS C 178 -48.24 -11.03 5.49
N GLN C 179 -48.38 -11.40 6.76
CA GLN C 179 -47.23 -11.66 7.64
C GLN C 179 -46.26 -10.49 7.69
N ASP C 180 -46.79 -9.27 7.67
CA ASP C 180 -45.96 -8.08 7.71
C ASP C 180 -46.47 -7.06 8.72
N ILE C 181 -47.18 -7.52 9.74
CA ILE C 181 -47.77 -6.64 10.75
C ILE C 181 -47.01 -6.82 12.06
N LEU C 182 -46.48 -5.73 12.60
CA LEU C 182 -45.96 -5.67 13.95
C LEU C 182 -46.86 -4.72 14.75
N MET C 183 -47.42 -5.22 15.84
CA MET C 183 -48.39 -4.45 16.61
C MET C 183 -48.07 -4.55 18.10
N TRP C 184 -47.94 -3.40 18.75
CA TRP C 184 -47.59 -3.32 20.16
C TRP C 184 -48.80 -2.90 20.99
N ASN C 185 -48.75 -3.24 22.28
CA ASN C 185 -49.86 -3.02 23.21
C ASN C 185 -49.75 -1.64 23.86
N TYR C 186 -49.90 -0.60 23.04
CA TYR C 186 -49.93 0.77 23.53
C TYR C 186 -50.88 1.59 22.67
N ARG C 187 -51.39 2.67 23.25
CA ARG C 187 -52.33 3.57 22.56
C ARG C 187 -51.63 4.24 21.38
N ASP C 188 -52.07 3.90 20.16
CA ASP C 188 -51.47 4.46 18.96
C ASP C 188 -52.03 5.85 18.73
N THR C 189 -51.29 6.87 19.19
CA THR C 189 -51.69 8.26 19.06
C THR C 189 -50.54 9.08 18.50
N PHE C 190 -50.87 10.30 18.08
CA PHE C 190 -49.87 11.23 17.55
C PHE C 190 -48.71 11.41 18.53
N PHE C 191 -49.02 11.66 19.80
CA PHE C 191 -47.98 11.92 20.79
C PHE C 191 -47.28 10.66 21.28
N ASN C 192 -47.72 9.48 20.86
CA ASN C 192 -47.03 8.25 21.18
C ASN C 192 -46.20 7.72 20.02
N LEU C 193 -45.95 8.55 19.01
CA LEU C 193 -45.14 8.11 17.88
C LEU C 193 -43.68 7.86 18.28
N SER C 194 -43.17 8.60 19.26
CA SER C 194 -41.85 8.30 19.79
C SER C 194 -41.81 6.90 20.38
N LEU C 195 -42.90 6.49 21.03
CA LEU C 195 -43.03 5.12 21.51
C LEU C 195 -42.97 4.13 20.35
N LYS C 196 -43.62 4.46 19.22
CA LYS C 196 -43.55 3.62 18.04
C LYS C 196 -42.12 3.50 17.53
N GLU C 197 -41.37 4.60 17.60
CA GLU C 197 -39.98 4.59 17.18
C GLU C 197 -39.13 3.72 18.09
N VAL C 198 -39.23 3.93 19.40
CA VAL C 198 -38.42 3.18 20.36
C VAL C 198 -38.72 1.69 20.26
N LEU C 199 -40.00 1.33 20.20
CA LEU C 199 -40.38 -0.07 20.14
C LEU C 199 -39.89 -0.71 18.84
N PHE C 200 -40.01 0.00 17.72
CA PHE C 200 -39.48 -0.53 16.47
C PHE C 200 -37.98 -0.73 16.52
N LEU C 201 -37.26 0.24 17.09
CA LEU C 201 -35.82 0.08 17.25
C LEU C 201 -35.49 -1.10 18.14
N ARG C 202 -36.27 -1.31 19.21
CA ARG C 202 -36.10 -2.49 20.03
C ARG C 202 -36.29 -3.76 19.21
N TRP C 203 -37.37 -3.80 18.43
CA TRP C 203 -37.63 -4.97 17.60
C TRP C 203 -36.48 -5.24 16.63
N VAL C 204 -35.90 -4.18 16.07
CA VAL C 204 -34.77 -4.36 15.16
C VAL C 204 -33.61 -5.04 15.88
N SER C 205 -33.29 -4.58 17.09
CA SER C 205 -32.16 -5.16 17.81
C SER C 205 -32.43 -6.60 18.21
N THR C 206 -33.66 -6.91 18.63
CA THR C 206 -33.96 -8.25 19.10
C THR C 206 -34.25 -9.22 17.95
N SER C 207 -34.78 -8.74 16.83
CA SER C 207 -35.31 -9.62 15.81
C SER C 207 -34.79 -9.37 14.40
N CYS C 208 -34.22 -8.21 14.10
CA CYS C 208 -33.66 -7.99 12.77
C CYS C 208 -32.32 -7.28 12.84
N PRO C 209 -31.40 -7.71 13.72
CA PRO C 209 -30.21 -6.87 13.98
C PRO C 209 -29.22 -6.82 12.83
N ASP C 210 -29.30 -7.73 11.86
CA ASP C 210 -28.31 -7.82 10.81
C ASP C 210 -28.76 -7.18 9.50
N THR C 211 -29.89 -6.47 9.50
CA THR C 211 -30.29 -5.79 8.28
C THR C 211 -29.30 -4.69 7.94
N GLU C 212 -28.97 -4.57 6.66
CA GLU C 212 -27.94 -3.62 6.25
C GLU C 212 -28.45 -2.19 6.31
N PHE C 213 -29.67 -1.96 5.84
CA PHE C 213 -30.22 -0.61 5.83
C PHE C 213 -31.67 -0.67 6.26
N VAL C 214 -32.15 0.47 6.77
CA VAL C 214 -33.52 0.63 7.24
C VAL C 214 -34.11 1.87 6.59
N PHE C 215 -35.30 1.74 6.03
CA PHE C 215 -36.12 2.88 5.68
C PHE C 215 -37.35 2.86 6.58
N LYS C 216 -37.58 3.97 7.28
CA LYS C 216 -38.76 4.15 8.12
C LYS C 216 -39.59 5.29 7.52
N GLY C 217 -40.87 5.00 7.25
CA GLY C 217 -41.71 5.97 6.58
C GLY C 217 -43.16 5.91 7.00
N ASP C 218 -43.90 6.93 6.57
CA ASP C 218 -45.35 6.97 6.72
C ASP C 218 -46.02 6.14 5.65
N ASP C 219 -47.27 5.76 5.90
CA ASP C 219 -48.01 4.94 4.96
C ASP C 219 -48.76 5.75 3.90
N ASP C 220 -48.53 7.06 3.84
CA ASP C 220 -49.13 7.88 2.78
C ASP C 220 -48.05 8.55 1.92
N VAL C 221 -46.83 8.00 1.91
CA VAL C 221 -45.75 8.52 1.08
C VAL C 221 -45.42 7.50 -0.01
N PHE C 222 -45.15 8.00 -1.21
CA PHE C 222 -44.64 7.16 -2.28
C PHE C 222 -43.11 7.13 -2.21
N VAL C 223 -42.54 5.93 -2.36
CA VAL C 223 -41.11 5.72 -2.21
C VAL C 223 -40.57 5.10 -3.49
N ASN C 224 -39.57 5.73 -4.09
CA ASN C 224 -38.91 5.16 -5.26
C ASN C 224 -37.87 4.16 -4.76
N THR C 225 -38.30 2.91 -4.56
CA THR C 225 -37.44 1.91 -3.94
C THR C 225 -36.25 1.58 -4.84
N HIS C 226 -36.48 1.46 -6.15
CA HIS C 226 -35.37 1.19 -7.08
C HIS C 226 -34.29 2.25 -6.95
N HIS C 227 -34.68 3.52 -6.89
CA HIS C 227 -33.70 4.60 -6.74
C HIS C 227 -32.99 4.54 -5.40
N ILE C 228 -33.69 4.09 -4.36
CA ILE C 228 -33.04 3.93 -3.06
C ILE C 228 -32.00 2.82 -3.12
N LEU C 229 -32.35 1.69 -3.74
CA LEU C 229 -31.41 0.57 -3.83
C LEU C 229 -30.16 0.95 -4.62
N ASN C 230 -30.33 1.72 -5.70
CA ASN C 230 -29.19 2.16 -6.49
C ASN C 230 -28.30 3.10 -5.67
N TYR C 231 -28.90 3.96 -4.85
CA TYR C 231 -28.12 4.80 -3.96
C TYR C 231 -27.37 3.95 -2.94
N LEU C 232 -28.07 2.99 -2.33
CA LEU C 232 -27.45 2.16 -1.30
C LEU C 232 -26.28 1.34 -1.87
N ASN C 233 -26.46 0.77 -3.05
CA ASN C 233 -25.41 -0.04 -3.64
C ASN C 233 -24.20 0.78 -4.06
N SER C 234 -24.32 2.10 -4.12
CA SER C 234 -23.17 2.97 -4.43
C SER C 234 -22.35 3.33 -3.19
N LEU C 235 -22.85 3.03 -2.00
CA LEU C 235 -22.21 3.47 -0.76
C LEU C 235 -21.13 2.47 -0.33
N SER C 236 -19.95 2.99 0.00
CA SER C 236 -18.92 2.18 0.63
C SER C 236 -19.32 1.87 2.07
N LYS C 237 -18.60 0.93 2.67
CA LYS C 237 -18.89 0.56 4.05
C LYS C 237 -18.68 1.74 5.00
N THR C 238 -17.67 2.55 4.73
CA THR C 238 -17.38 3.68 5.62
C THR C 238 -18.54 4.66 5.64
N LYS C 239 -19.03 5.07 4.46
CA LYS C 239 -20.16 5.98 4.40
C LYS C 239 -21.44 5.30 4.87
N ALA C 240 -21.58 3.99 4.64
CA ALA C 240 -22.81 3.30 5.00
C ALA C 240 -22.96 3.16 6.50
N LYS C 241 -21.85 3.11 7.26
CA LYS C 241 -21.94 2.73 8.67
C LYS C 241 -22.73 3.74 9.49
N ASP C 242 -22.57 5.04 9.20
CA ASP C 242 -23.29 6.09 9.90
C ASP C 242 -24.32 6.79 9.01
N LEU C 243 -24.84 6.08 8.01
CA LEU C 243 -25.78 6.70 7.08
C LEU C 243 -27.06 7.10 7.80
N PHE C 244 -27.46 8.35 7.60
CA PHE C 244 -28.79 8.81 8.00
C PHE C 244 -29.12 10.00 7.13
N ILE C 245 -30.03 9.81 6.17
CA ILE C 245 -30.39 10.88 5.24
C ILE C 245 -31.91 11.05 5.24
N GLY C 246 -32.34 12.24 4.84
CA GLY C 246 -33.73 12.54 4.66
C GLY C 246 -33.95 14.01 4.41
N ASP C 247 -35.15 14.49 4.73
CA ASP C 247 -35.47 15.92 4.64
C ASP C 247 -35.16 16.53 6.00
N VAL C 248 -34.01 17.20 6.09
CA VAL C 248 -33.42 17.60 7.37
C VAL C 248 -33.64 19.09 7.57
N ILE C 249 -34.34 19.43 8.65
CA ILE C 249 -34.59 20.80 9.05
C ILE C 249 -33.56 21.19 10.09
N HIS C 250 -32.88 22.32 9.88
CA HIS C 250 -31.90 22.85 10.82
C HIS C 250 -32.48 24.07 11.53
N ASN C 251 -32.14 24.20 12.81
CA ASN C 251 -32.51 25.35 13.64
C ASN C 251 -34.01 25.51 13.81
N ALA C 252 -34.78 24.43 13.69
CA ALA C 252 -36.21 24.51 13.93
C ALA C 252 -36.50 24.60 15.42
N GLY C 253 -37.71 25.02 15.74
CA GLY C 253 -38.13 25.15 17.12
C GLY C 253 -39.57 24.73 17.33
N PRO C 254 -39.99 24.64 18.60
CA PRO C 254 -41.37 24.28 18.89
C PRO C 254 -42.33 25.35 18.44
N HIS C 255 -43.47 24.94 17.90
CA HIS C 255 -44.51 25.87 17.51
C HIS C 255 -45.28 26.31 18.74
N ARG C 256 -45.36 27.62 18.96
CA ARG C 256 -45.97 28.16 20.16
C ARG C 256 -47.47 28.40 20.04
N ASP C 257 -48.00 28.46 18.82
CA ASP C 257 -49.43 28.69 18.63
C ASP C 257 -50.22 27.49 19.11
N LYS C 258 -51.17 27.72 20.01
CA LYS C 258 -51.99 26.64 20.56
C LYS C 258 -52.79 25.91 19.49
N LYS C 259 -53.01 26.53 18.34
CA LYS C 259 -53.96 26.00 17.35
C LYS C 259 -53.31 25.07 16.34
N LEU C 260 -51.98 25.01 16.28
CA LEU C 260 -51.32 24.16 15.31
C LEU C 260 -51.17 22.73 15.85
N LYS C 261 -50.97 21.80 14.92
CA LYS C 261 -50.89 20.38 15.29
C LYS C 261 -49.61 20.09 16.06
N TYR C 262 -48.48 20.67 15.65
CA TYR C 262 -47.19 20.45 16.31
C TYR C 262 -46.93 21.43 17.43
N TYR C 263 -47.98 21.95 18.07
CA TYR C 263 -47.84 22.94 19.13
C TYR C 263 -47.22 22.30 20.38
N ILE C 264 -46.18 22.94 20.91
CA ILE C 264 -45.51 22.50 22.13
C ILE C 264 -45.47 23.68 23.09
N PRO C 265 -46.05 23.57 24.27
CA PRO C 265 -46.05 24.71 25.20
C PRO C 265 -44.67 25.00 25.75
N GLU C 266 -44.51 26.24 26.22
CA GLU C 266 -43.24 26.69 26.75
C GLU C 266 -42.87 25.92 28.01
N VAL C 267 -43.87 25.58 28.84
CA VAL C 267 -43.59 24.85 30.07
C VAL C 267 -43.16 23.42 29.79
N VAL C 268 -43.46 22.88 28.61
CA VAL C 268 -43.07 21.52 28.29
C VAL C 268 -41.65 21.47 27.71
N TYR C 269 -41.34 22.33 26.76
CA TYR C 269 -40.03 22.31 26.12
C TYR C 269 -39.59 23.73 25.79
N SER C 270 -38.31 24.01 26.03
CA SER C 270 -37.72 25.31 25.78
C SER C 270 -36.50 25.17 24.90
N GLY C 271 -36.22 26.22 24.11
CA GLY C 271 -35.10 26.19 23.21
C GLY C 271 -35.45 25.56 21.87
N LEU C 272 -34.43 25.44 21.04
CA LEU C 272 -34.63 24.94 19.68
C LEU C 272 -34.45 23.43 19.63
N TYR C 273 -34.76 22.88 18.49
CA TYR C 273 -34.66 21.48 18.14
C TYR C 273 -33.30 21.17 17.52
N PRO C 274 -32.75 19.98 17.76
CA PRO C 274 -31.56 19.55 17.04
C PRO C 274 -31.89 19.31 15.58
N PRO C 275 -30.88 19.15 14.72
CA PRO C 275 -31.17 18.75 13.35
C PRO C 275 -31.92 17.43 13.34
N TYR C 276 -32.98 17.36 12.52
CA TYR C 276 -33.77 16.16 12.46
C TYR C 276 -34.38 15.98 11.07
N ALA C 277 -34.38 14.74 10.60
CA ALA C 277 -35.02 14.40 9.35
C ALA C 277 -36.51 14.25 9.57
N GLY C 278 -37.29 14.78 8.62
N GLY C 278 -37.29 14.82 8.65
CA GLY C 278 -38.74 14.67 8.72
CA GLY C 278 -38.73 14.79 8.82
C GLY C 278 -39.20 13.22 8.69
C GLY C 278 -39.50 14.68 7.52
N GLY C 279 -40.37 12.98 9.25
N GLY C 279 -40.82 14.79 7.60
CA GLY C 279 -40.87 11.64 9.45
CA GLY C 279 -41.66 14.79 6.44
C GLY C 279 -41.71 11.07 8.34
C GLY C 279 -42.24 13.46 6.03
N GLY C 280 -41.96 11.84 7.29
N GLY C 280 -41.85 12.37 6.69
CA GLY C 280 -42.45 11.24 6.07
CA GLY C 280 -42.49 11.08 6.47
C GLY C 280 -41.61 10.04 5.68
C GLY C 280 -41.59 9.97 5.96
N GLY C 281 -40.29 10.17 5.82
CA GLY C 281 -39.39 9.08 5.49
C GLY C 281 -37.94 9.46 5.63
N PHE C 282 -37.14 8.57 6.23
CA PHE C 282 -35.69 8.75 6.22
C PHE C 282 -35.03 7.38 6.13
N LEU C 283 -33.76 7.40 5.77
CA LEU C 283 -33.02 6.19 5.40
C LEU C 283 -31.73 6.13 6.17
N TYR C 284 -31.44 4.98 6.77
CA TYR C 284 -30.26 4.85 7.63
C TYR C 284 -29.84 3.39 7.70
N SER C 285 -28.63 3.18 8.19
CA SER C 285 -28.05 1.85 8.21
C SER C 285 -28.52 1.07 9.43
N GLY C 286 -28.48 -0.26 9.31
CA GLY C 286 -28.81 -1.11 10.43
C GLY C 286 -27.84 -0.97 11.58
N HIS C 287 -26.57 -0.68 11.28
CA HIS C 287 -25.58 -0.44 12.33
C HIS C 287 -25.98 0.73 13.19
N LEU C 288 -26.30 1.86 12.55
CA LEU C 288 -26.78 3.04 13.28
C LEU C 288 -28.07 2.74 14.03
N ALA C 289 -28.93 1.89 13.45
CA ALA C 289 -30.18 1.52 14.13
C ALA C 289 -29.89 0.85 15.47
N LEU C 290 -28.93 -0.06 15.51
CA LEU C 290 -28.56 -0.69 16.76
C LEU C 290 -27.98 0.33 17.74
N ARG C 291 -27.14 1.24 17.24
CA ARG C 291 -26.64 2.32 18.10
C ARG C 291 -27.76 3.26 18.52
N LEU C 292 -28.73 3.49 17.65
CA LEU C 292 -29.87 4.33 18.01
C LEU C 292 -30.70 3.72 19.12
N TYR C 293 -30.96 2.40 19.04
CA TYR C 293 -31.78 1.77 20.08
C TYR C 293 -31.12 1.86 21.44
N HIS C 294 -29.81 1.60 21.51
N HIS C 294 -29.82 1.61 21.52
CA HIS C 294 -29.09 1.64 22.78
CA HIS C 294 -29.18 1.63 22.83
C HIS C 294 -29.14 3.03 23.40
C HIS C 294 -29.08 3.04 23.41
N ILE C 295 -29.16 4.09 22.59
CA ILE C 295 -29.13 5.44 23.12
C ILE C 295 -30.52 5.92 23.55
N THR C 296 -31.59 5.26 23.11
CA THR C 296 -32.93 5.76 23.42
C THR C 296 -33.19 5.79 24.92
N ASP C 297 -32.59 4.87 25.67
CA ASP C 297 -32.78 4.87 27.12
C ASP C 297 -32.29 6.17 27.75
N GLN C 298 -31.31 6.82 27.13
CA GLN C 298 -30.72 8.03 27.69
C GLN C 298 -31.45 9.30 27.25
N VAL C 299 -32.55 9.19 26.51
CA VAL C 299 -33.31 10.35 26.07
C VAL C 299 -34.78 10.13 26.41
N HIS C 300 -35.36 11.09 27.13
CA HIS C 300 -36.78 11.04 27.43
C HIS C 300 -37.61 11.14 26.15
N LEU C 301 -38.69 10.36 26.10
CA LEU C 301 -39.61 10.42 24.98
C LEU C 301 -40.10 11.86 24.76
N TYR C 302 -40.38 12.19 23.51
CA TYR C 302 -40.81 13.52 23.13
C TYR C 302 -42.06 13.42 22.27
N PRO C 303 -42.99 14.38 22.39
CA PRO C 303 -44.26 14.25 21.67
C PRO C 303 -44.12 14.16 20.15
N ILE C 304 -43.10 14.76 19.57
CA ILE C 304 -42.91 14.78 18.12
C ILE C 304 -41.81 13.78 17.79
N ASP C 305 -42.19 12.66 17.15
CA ASP C 305 -41.28 11.52 17.04
C ASP C 305 -40.03 11.84 16.25
N ASP C 306 -40.13 12.70 15.22
CA ASP C 306 -38.95 13.04 14.42
C ASP C 306 -37.93 13.80 15.22
N VAL C 307 -38.38 14.79 16.00
CA VAL C 307 -37.48 15.49 16.89
C VAL C 307 -36.77 14.50 17.80
N TYR C 308 -37.51 13.49 18.29
CA TYR C 308 -36.90 12.50 19.18
C TYR C 308 -35.77 11.76 18.49
N THR C 309 -35.95 11.38 17.22
CA THR C 309 -34.87 10.72 16.49
C THR C 309 -33.68 11.65 16.34
N GLY C 310 -33.93 12.93 16.04
CA GLY C 310 -32.85 13.89 15.96
C GLY C 310 -32.12 14.06 17.28
N MET C 311 -32.87 14.02 18.39
CA MET C 311 -32.24 14.10 19.71
C MET C 311 -31.34 12.89 19.96
N CYS C 312 -31.78 11.70 19.54
CA CYS C 312 -30.97 10.50 19.71
C CYS C 312 -29.72 10.55 18.86
N LEU C 313 -29.84 11.02 17.61
CA LEU C 313 -28.67 11.15 16.75
C LEU C 313 -27.66 12.13 17.34
N GLN C 314 -28.14 13.27 17.83
CA GLN C 314 -27.23 14.27 18.41
C GLN C 314 -26.45 13.68 19.57
N LYS C 315 -27.10 12.89 20.42
CA LYS C 315 -26.39 12.24 21.52
C LYS C 315 -25.41 11.19 21.06
N LEU C 316 -25.53 10.71 19.82
CA LEU C 316 -24.52 9.82 19.25
C LEU C 316 -23.38 10.57 18.58
N GLY C 317 -23.43 11.91 18.58
CA GLY C 317 -22.41 12.70 17.92
C GLY C 317 -22.57 12.80 16.42
N LEU C 318 -23.77 12.56 15.91
CA LEU C 318 -24.02 12.54 14.47
C LEU C 318 -25.02 13.61 14.10
N VAL C 319 -25.01 13.98 12.82
CA VAL C 319 -25.91 14.98 12.27
C VAL C 319 -26.62 14.36 11.07
N PRO C 320 -27.94 14.31 11.04
CA PRO C 320 -28.64 13.74 9.88
C PRO C 320 -28.36 14.54 8.62
N GLU C 321 -28.08 13.82 7.54
CA GLU C 321 -27.66 14.44 6.29
C GLU C 321 -28.86 14.76 5.41
N LYS C 322 -28.87 15.96 4.84
CA LYS C 322 -29.91 16.37 3.91
C LYS C 322 -29.70 15.70 2.55
N HIS C 323 -30.79 15.27 1.94
CA HIS C 323 -30.76 14.68 0.61
C HIS C 323 -31.91 15.26 -0.20
N LYS C 324 -31.59 15.81 -1.37
CA LYS C 324 -32.60 16.49 -2.19
C LYS C 324 -33.70 15.55 -2.65
N GLY C 325 -33.46 14.24 -2.64
CA GLY C 325 -34.44 13.29 -3.11
C GLY C 325 -35.65 13.12 -2.22
N PHE C 326 -35.58 13.61 -0.99
CA PHE C 326 -36.70 13.45 -0.05
C PHE C 326 -37.61 14.65 -0.20
N ARG C 327 -38.73 14.42 -0.89
CA ARG C 327 -39.60 15.49 -1.37
C ARG C 327 -40.90 15.47 -0.56
N THR C 328 -40.79 15.84 0.71
CA THR C 328 -41.99 15.85 1.56
C THR C 328 -42.81 17.12 1.39
N PHE C 329 -42.32 18.10 0.65
CA PHE C 329 -43.12 19.26 0.29
C PHE C 329 -43.78 19.09 -1.08
N ASP C 330 -43.66 17.90 -1.69
CA ASP C 330 -44.36 17.46 -2.87
C ASP C 330 -43.86 18.14 -4.15
N ILE C 331 -44.13 17.49 -5.28
CA ILE C 331 -43.66 17.90 -6.60
C ILE C 331 -44.33 19.20 -7.02
N GLU C 332 -43.70 19.87 -8.00
CA GLU C 332 -44.34 21.03 -8.62
C GLU C 332 -45.63 20.60 -9.31
N GLU C 333 -46.64 21.49 -9.25
CA GLU C 333 -47.98 21.15 -9.73
C GLU C 333 -47.96 20.79 -11.22
N LYS C 334 -47.10 21.44 -12.00
CA LYS C 334 -47.08 21.23 -13.44
C LYS C 334 -46.47 19.87 -13.81
N ASN C 335 -45.39 19.48 -13.12
CA ASN C 335 -44.73 18.21 -13.40
C ASN C 335 -45.25 17.05 -12.56
N LYS C 336 -46.34 17.26 -11.80
CA LYS C 336 -46.90 16.15 -11.03
C LYS C 336 -47.45 15.07 -11.95
N ASN C 337 -48.06 15.49 -13.07
CA ASN C 337 -48.43 14.57 -14.14
C ASN C 337 -47.24 13.74 -14.60
N ASN C 338 -46.10 14.38 -14.81
CA ASN C 338 -45.00 13.75 -15.52
C ASN C 338 -44.34 12.66 -14.69
N ILE C 339 -44.22 11.46 -15.27
CA ILE C 339 -43.65 10.33 -14.55
C ILE C 339 -42.17 10.52 -14.28
N CYS C 340 -41.49 11.30 -15.13
CA CYS C 340 -40.04 11.46 -14.98
C CYS C 340 -39.68 12.20 -13.69
N SER C 341 -40.58 13.08 -13.21
CA SER C 341 -40.35 13.74 -11.94
C SER C 341 -40.05 12.74 -10.83
N TYR C 342 -40.68 11.57 -10.88
CA TYR C 342 -40.52 10.54 -9.86
C TYR C 342 -39.27 9.70 -10.04
N VAL C 343 -38.58 9.82 -11.17
CA VAL C 343 -37.42 8.96 -11.44
C VAL C 343 -36.25 9.32 -10.53
N ASP C 344 -36.03 10.61 -10.29
CA ASP C 344 -34.85 11.06 -9.56
C ASP C 344 -35.07 11.21 -8.07
N LEU C 345 -36.31 11.26 -7.60
CA LEU C 345 -36.53 11.45 -6.18
C LEU C 345 -36.46 10.11 -5.44
N MET C 346 -36.36 10.21 -4.12
CA MET C 346 -36.39 9.06 -3.25
C MET C 346 -37.76 8.81 -2.63
N LEU C 347 -38.51 9.87 -2.32
CA LEU C 347 -39.87 9.72 -1.84
C LEU C 347 -40.66 10.99 -2.09
N VAL C 348 -41.98 10.83 -2.22
CA VAL C 348 -42.91 11.95 -2.36
C VAL C 348 -43.98 11.83 -1.29
N HIS C 349 -44.29 12.95 -0.65
CA HIS C 349 -45.39 13.03 0.30
C HIS C 349 -46.37 14.09 -0.22
N SER C 350 -47.65 13.77 -0.35
CA SER C 350 -48.21 12.47 0.01
C SER C 350 -49.13 11.96 -1.11
N ARG C 351 -49.39 10.65 -1.13
CA ARG C 351 -50.13 10.03 -2.22
C ARG C 351 -51.22 9.09 -1.68
N LYS C 352 -52.33 9.03 -2.41
CA LYS C 352 -53.43 8.13 -2.09
C LYS C 352 -53.10 6.72 -2.54
N PRO C 353 -53.81 5.71 -2.01
CA PRO C 353 -53.52 4.32 -2.42
C PRO C 353 -53.57 4.07 -3.92
N GLN C 354 -54.59 4.60 -4.60
CA GLN C 354 -54.66 4.44 -6.05
C GLN C 354 -53.49 5.12 -6.75
N GLU C 355 -53.08 6.29 -6.24
CA GLU C 355 -51.99 7.03 -6.86
C GLU C 355 -50.67 6.27 -6.74
N MET C 356 -50.42 5.64 -5.60
CA MET C 356 -49.20 4.85 -5.42
C MET C 356 -49.12 3.73 -6.46
N ILE C 357 -50.21 3.00 -6.64
CA ILE C 357 -50.22 1.95 -7.66
C ILE C 357 -50.08 2.55 -9.05
N ASP C 358 -50.78 3.66 -9.31
CA ASP C 358 -50.69 4.31 -10.61
C ASP C 358 -49.27 4.79 -10.91
N ILE C 359 -48.66 5.49 -9.96
CA ILE C 359 -47.31 6.01 -10.16
C ILE C 359 -46.33 4.86 -10.35
N TRP C 360 -46.40 3.85 -9.47
CA TRP C 360 -45.48 2.72 -9.53
C TRP C 360 -45.56 2.02 -10.88
N SER C 361 -46.78 1.83 -11.40
CA SER C 361 -46.95 1.20 -12.69
C SER C 361 -46.26 2.01 -13.79
N GLN C 362 -46.54 3.31 -13.84
CA GLN C 362 -45.88 4.17 -14.84
C GLN C 362 -44.37 4.18 -14.65
N LEU C 363 -43.91 4.11 -13.39
CA LEU C 363 -42.48 4.17 -13.12
C LEU C 363 -41.73 2.97 -13.68
N GLN C 364 -42.41 1.83 -13.89
CA GLN C 364 -41.73 0.64 -14.39
C GLN C 364 -41.20 0.86 -15.81
N SER C 365 -41.97 1.57 -16.65
CA SER C 365 -41.54 1.90 -18.00
C SER C 365 -41.02 3.33 -18.11
N ALA C 366 -40.72 3.97 -16.99
CA ALA C 366 -40.27 5.36 -17.02
C ALA C 366 -38.88 5.49 -17.66
N HIS C 367 -38.04 4.46 -17.54
CA HIS C 367 -36.70 4.54 -18.10
C HIS C 367 -36.72 4.66 -19.61
N LEU C 368 -37.78 4.17 -20.25
CA LEU C 368 -37.88 4.28 -21.70
C LEU C 368 -38.25 5.69 -22.13
N LYS C 369 -39.10 6.36 -21.34
CA LYS C 369 -39.66 7.66 -21.67
C LYS C 369 -38.86 8.81 -21.07
N CYS C 370 -37.86 8.54 -20.25
CA CYS C 370 -37.13 9.60 -19.58
C CYS C 370 -35.63 9.53 -19.89
N GLU D 29 17.55 48.42 17.06
CA GLU D 29 16.35 49.04 17.60
C GLU D 29 15.07 48.43 17.02
N ALA D 30 15.15 47.94 15.79
CA ALA D 30 13.99 47.32 15.16
C ALA D 30 13.63 46.03 15.87
N TYR D 31 12.32 45.75 15.94
CA TYR D 31 11.85 44.65 16.77
C TYR D 31 12.32 43.29 16.26
N TRP D 32 12.17 43.04 14.95
CA TRP D 32 12.53 41.73 14.43
C TRP D 32 14.03 41.47 14.57
N ASN D 33 14.85 42.46 14.23
CA ASN D 33 16.30 42.31 14.39
C ASN D 33 16.65 42.07 15.86
N ARG D 34 15.99 42.77 16.77
CA ARG D 34 16.28 42.61 18.19
C ARG D 34 15.90 41.22 18.68
N GLU D 35 14.70 40.76 18.33
CA GLU D 35 14.27 39.42 18.76
C GLU D 35 15.07 38.32 18.08
N GLN D 36 15.51 38.54 16.84
CA GLN D 36 16.30 37.52 16.15
C GLN D 36 17.66 37.34 16.84
N GLU D 37 18.28 38.42 17.29
CA GLU D 37 19.57 38.29 17.96
C GLU D 37 19.44 37.57 19.29
N LYS D 38 18.32 37.75 20.00
CA LYS D 38 18.06 36.92 21.18
C LYS D 38 17.97 35.46 20.78
N LEU D 39 17.33 35.15 19.65
CA LEU D 39 17.28 33.78 19.16
C LEU D 39 18.68 33.26 18.83
N ASN D 40 19.48 34.08 18.14
CA ASN D 40 20.87 33.70 17.84
C ASN D 40 21.63 33.37 19.13
N ARG D 41 21.39 34.15 20.18
CA ARG D 41 22.07 33.94 21.44
C ARG D 41 21.57 32.69 22.14
N GLN D 42 20.27 32.44 22.07
CA GLN D 42 19.70 31.24 22.67
C GLN D 42 20.33 29.98 22.09
N TYR D 43 20.52 29.95 20.77
CA TYR D 43 21.05 28.76 20.11
C TYR D 43 22.57 28.71 20.08
N ASN D 44 23.25 29.83 20.30
CA ASN D 44 24.72 29.87 20.35
C ASN D 44 25.13 30.73 21.54
N PRO D 45 24.96 30.22 22.76
CA PRO D 45 25.18 31.07 23.95
C PRO D 45 26.61 31.60 24.08
N ILE D 46 27.61 30.85 23.64
CA ILE D 46 28.98 31.36 23.71
C ILE D 46 29.26 32.31 22.56
N LEU D 47 28.96 31.88 21.33
CA LEU D 47 29.35 32.67 20.16
C LEU D 47 28.49 33.91 20.01
N SER D 48 27.26 33.89 20.51
CA SER D 48 26.38 35.05 20.40
C SER D 48 26.05 35.63 21.77
N MET D 49 27.08 35.89 22.58
CA MET D 49 26.88 36.46 23.90
C MET D 49 26.13 37.79 23.85
N ASN D 62 11.60 31.35 30.50
CA ASN D 62 11.14 32.34 29.53
C ASN D 62 9.95 31.81 28.74
N ILE D 63 9.62 32.47 27.64
CA ILE D 63 8.46 32.13 26.82
C ILE D 63 8.95 31.58 25.50
N SER D 64 8.44 30.40 25.12
CA SER D 64 8.82 29.76 23.87
C SER D 64 8.53 30.65 22.68
N HIS D 65 9.37 30.54 21.66
CA HIS D 65 9.18 31.24 20.40
C HIS D 65 8.56 30.36 19.33
N LEU D 66 8.30 29.10 19.64
CA LEU D 66 7.82 28.13 18.65
C LEU D 66 6.38 27.69 18.89
N ASN D 67 5.96 27.51 20.14
CA ASN D 67 4.63 26.99 20.42
C ASN D 67 3.86 27.87 21.40
N TYR D 68 4.22 29.15 21.54
CA TYR D 68 3.48 30.06 22.41
C TYR D 68 2.41 30.75 21.57
N CYS D 69 1.16 30.35 21.75
CA CYS D 69 0.08 30.75 20.87
C CYS D 69 -0.93 31.69 21.53
N GLU D 70 -0.76 31.99 22.82
CA GLU D 70 -1.45 33.11 23.40
C GLU D 70 -0.87 34.41 22.85
N PRO D 71 -1.66 35.47 22.75
CA PRO D 71 -1.13 36.74 22.25
C PRO D 71 0.01 37.23 23.12
N ASP D 72 1.10 37.62 22.48
CA ASP D 72 2.28 38.17 23.16
C ASP D 72 1.98 39.63 23.48
N LEU D 73 1.26 39.84 24.59
CA LEU D 73 0.83 41.17 24.96
C LEU D 73 1.99 42.08 25.35
N ARG D 74 3.18 41.53 25.59
CA ARG D 74 4.34 42.36 25.86
C ARG D 74 4.75 43.18 24.65
N VAL D 75 4.33 42.79 23.44
CA VAL D 75 4.77 43.47 22.24
C VAL D 75 4.14 44.85 22.10
N THR D 76 3.02 45.09 22.78
CA THR D 76 2.36 46.39 22.65
C THR D 76 3.17 47.50 23.31
N SER D 77 3.92 47.19 24.37
CA SER D 77 4.70 48.20 25.07
C SER D 77 6.10 48.36 24.50
N VAL D 78 6.69 47.30 23.95
CA VAL D 78 8.08 47.38 23.50
C VAL D 78 8.21 47.96 22.10
N VAL D 79 7.14 47.96 21.30
CA VAL D 79 7.17 48.48 19.94
C VAL D 79 6.51 49.85 19.95
N THR D 80 7.24 50.87 19.51
CA THR D 80 6.74 52.23 19.53
C THR D 80 5.72 52.45 18.41
N GLY D 81 4.59 53.04 18.75
CA GLY D 81 3.53 53.24 17.78
C GLY D 81 2.82 51.97 17.39
N PHE D 82 2.77 50.98 18.30
CA PHE D 82 2.17 49.69 17.96
C PHE D 82 0.70 49.83 17.60
N ASN D 83 -0.01 50.75 18.25
CA ASN D 83 -1.46 50.82 18.06
C ASN D 83 -1.84 51.44 16.72
N ASN D 84 -1.00 52.30 16.16
CA ASN D 84 -1.29 52.91 14.88
C ASN D 84 -0.74 52.11 13.71
N LEU D 85 -0.01 51.03 13.97
CA LEU D 85 0.44 50.15 12.90
C LEU D 85 -0.75 49.42 12.29
N PRO D 86 -0.67 49.07 11.00
CA PRO D 86 -1.78 48.34 10.36
C PRO D 86 -2.09 47.03 11.05
N ASP D 87 -3.31 46.54 10.81
CA ASP D 87 -3.78 45.33 11.50
C ASP D 87 -2.90 44.13 11.21
N ARG D 88 -2.42 44.00 9.97
CA ARG D 88 -1.59 42.84 9.62
C ARG D 88 -0.32 42.79 10.47
N PHE D 89 0.25 43.97 10.78
CA PHE D 89 1.44 43.99 11.62
C PHE D 89 1.10 43.66 13.07
N LYS D 90 -0.07 44.12 13.55
CA LYS D 90 -0.47 43.80 14.91
C LYS D 90 -0.64 42.30 15.11
N ASP D 91 -1.40 41.65 14.21
CA ASP D 91 -1.58 40.21 14.30
C ASP D 91 -0.25 39.47 14.14
N PHE D 92 0.61 39.96 13.24
CA PHE D 92 1.91 39.33 13.04
C PHE D 92 2.74 39.38 14.32
N LEU D 93 2.83 40.57 14.93
CA LEU D 93 3.67 40.71 16.11
C LEU D 93 3.10 39.97 17.31
N LEU D 94 1.76 39.93 17.43
CA LEU D 94 1.15 39.33 18.60
C LEU D 94 1.28 37.81 18.61
N TYR D 95 1.31 37.18 17.44
CA TYR D 95 1.32 35.72 17.37
C TYR D 95 2.57 35.19 16.65
N LEU D 96 3.64 35.99 16.63
CA LEU D 96 4.89 35.59 15.98
C LEU D 96 5.49 34.33 16.58
N ARG D 97 5.20 34.03 17.84
CA ARG D 97 5.82 32.91 18.53
C ARG D 97 4.99 31.63 18.45
N CYS D 98 4.01 31.56 17.54
CA CYS D 98 3.15 30.40 17.38
C CYS D 98 3.30 29.87 15.97
N ARG D 99 3.78 28.63 15.85
CA ARG D 99 3.86 27.98 14.54
C ARG D 99 3.52 26.49 14.61
N ASN D 100 3.00 25.99 15.73
CA ASN D 100 2.64 24.58 15.87
C ASN D 100 1.18 24.38 15.44
N TYR D 101 0.94 24.64 14.16
CA TYR D 101 -0.39 24.47 13.58
C TYR D 101 -0.51 23.07 12.98
N SER D 102 -1.69 22.49 13.13
CA SER D 102 -1.94 21.12 12.71
C SER D 102 -2.52 21.06 11.31
N LEU D 103 -2.40 19.88 10.70
CA LEU D 103 -2.89 19.63 9.35
C LEU D 103 -4.35 19.20 9.42
N LEU D 104 -5.24 19.99 8.82
CA LEU D 104 -6.64 19.63 8.75
C LEU D 104 -6.92 18.67 7.60
N ILE D 105 -6.24 18.86 6.48
CA ILE D 105 -6.35 17.98 5.31
C ILE D 105 -4.96 17.56 4.92
N ASP D 106 -4.69 16.26 5.00
CA ASP D 106 -3.38 15.69 4.73
C ASP D 106 -3.47 14.80 3.49
N GLN D 107 -2.31 14.54 2.90
CA GLN D 107 -2.16 13.52 1.85
C GLN D 107 -0.97 12.66 2.25
N PRO D 108 -1.13 11.79 3.25
CA PRO D 108 0.03 11.10 3.81
C PRO D 108 0.70 10.16 2.82
N ASP D 109 -0.06 9.55 1.92
CA ASP D 109 0.47 8.63 0.92
C ASP D 109 0.94 9.35 -0.34
N LYS D 110 1.05 10.68 -0.31
CA LYS D 110 1.41 11.44 -1.50
C LYS D 110 2.73 10.97 -2.08
N CYS D 111 3.68 10.58 -1.23
CA CYS D 111 5.00 10.16 -1.68
C CYS D 111 5.25 8.69 -1.42
N ALA D 112 4.18 7.89 -1.43
CA ALA D 112 4.25 6.44 -1.30
C ALA D 112 5.31 5.86 -2.23
N LYS D 113 5.36 6.36 -3.46
CA LYS D 113 6.46 6.09 -4.38
C LYS D 113 7.40 7.28 -4.38
N LYS D 114 8.69 7.02 -4.24
CA LYS D 114 9.68 8.08 -4.15
C LYS D 114 9.61 8.99 -5.37
N PRO D 115 9.33 10.28 -5.19
CA PRO D 115 9.23 11.18 -6.34
C PRO D 115 10.57 11.77 -6.74
N PHE D 116 10.69 12.00 -8.05
CA PHE D 116 11.82 12.76 -8.57
C PHE D 116 11.62 14.26 -8.38
N LEU D 117 10.39 14.73 -8.59
CA LEU D 117 10.08 16.15 -8.49
C LEU D 117 8.76 16.33 -7.75
N LEU D 118 8.78 17.12 -6.68
CA LEU D 118 7.59 17.45 -5.91
C LEU D 118 7.19 18.89 -6.24
N LEU D 119 5.99 19.06 -6.79
CA LEU D 119 5.46 20.38 -7.08
C LEU D 119 4.62 20.84 -5.91
N ALA D 120 5.05 21.90 -5.23
CA ALA D 120 4.33 22.49 -4.12
C ALA D 120 3.83 23.86 -4.57
N ILE D 121 2.52 24.01 -4.67
CA ILE D 121 1.92 25.23 -5.20
C ILE D 121 1.11 25.89 -4.10
N LYS D 122 1.48 27.11 -3.76
CA LYS D 122 0.69 27.90 -2.82
C LYS D 122 -0.62 28.32 -3.46
N SER D 123 -1.70 28.27 -2.69
CA SER D 123 -3.01 28.60 -3.23
C SER D 123 -3.91 29.05 -2.09
N LEU D 124 -5.08 29.56 -2.48
CA LEU D 124 -6.10 30.02 -1.57
C LEU D 124 -7.36 29.19 -1.80
N THR D 125 -8.19 29.04 -0.76
CA THR D 125 -9.41 28.25 -0.87
C THR D 125 -10.22 28.53 -2.13
N PRO D 126 -10.58 29.77 -2.47
CA PRO D 126 -11.49 29.98 -3.61
C PRO D 126 -10.85 29.81 -4.98
N HIS D 127 -9.55 29.51 -5.07
CA HIS D 127 -8.87 29.43 -6.37
C HIS D 127 -9.04 28.06 -7.04
N PHE D 128 -10.29 27.59 -7.14
CA PHE D 128 -10.52 26.25 -7.70
C PHE D 128 -10.07 26.18 -9.16
N ALA D 129 -10.30 27.25 -9.92
CA ALA D 129 -9.97 27.23 -11.35
C ALA D 129 -8.45 27.20 -11.56
N ARG D 130 -7.70 27.99 -10.79
CA ARG D 130 -6.25 27.99 -10.92
C ARG D 130 -5.67 26.61 -10.65
N ARG D 131 -6.15 25.94 -9.59
CA ARG D 131 -5.63 24.62 -9.25
C ARG D 131 -5.93 23.61 -10.34
N GLN D 132 -7.18 23.58 -10.81
CA GLN D 132 -7.56 22.60 -11.82
C GLN D 132 -6.80 22.82 -13.12
N ALA D 133 -6.57 24.08 -13.49
CA ALA D 133 -5.78 24.38 -14.67
C ALA D 133 -4.34 23.88 -14.50
N ILE D 134 -3.78 24.06 -13.30
CA ILE D 134 -2.43 23.55 -13.04
C ILE D 134 -2.41 22.03 -13.14
N ARG D 135 -3.45 21.37 -12.63
CA ARG D 135 -3.53 19.91 -12.72
C ARG D 135 -3.51 19.43 -14.16
N GLU D 136 -4.17 20.17 -15.06
CA GLU D 136 -4.32 19.74 -16.44
C GLU D 136 -3.15 20.15 -17.33
N SER D 137 -2.34 21.11 -16.90
CA SER D 137 -1.25 21.59 -17.75
C SER D 137 0.11 21.25 -17.14
N TRP D 138 0.82 22.26 -16.64
CA TRP D 138 2.21 22.04 -16.24
C TRP D 138 2.35 21.31 -14.92
N GLY D 139 1.32 21.25 -14.09
CA GLY D 139 1.45 20.62 -12.80
C GLY D 139 0.86 19.23 -12.73
N GLN D 140 0.71 18.54 -13.85
CA GLN D 140 0.14 17.21 -13.82
C GLN D 140 1.13 16.21 -13.26
N GLU D 141 0.60 15.24 -12.53
CA GLU D 141 1.44 14.20 -11.95
C GLU D 141 1.82 13.18 -13.00
N SER D 142 3.01 12.60 -12.84
CA SER D 142 3.52 11.60 -13.76
C SER D 142 3.94 10.38 -12.95
N ASN D 143 3.34 9.23 -13.26
CA ASN D 143 3.70 7.96 -12.66
C ASN D 143 4.50 7.08 -13.60
N ALA D 144 4.78 7.56 -14.82
CA ALA D 144 5.48 6.76 -15.82
C ALA D 144 6.98 6.87 -15.61
N GLY D 145 7.66 5.72 -15.62
CA GLY D 145 9.11 5.69 -15.52
C GLY D 145 9.59 5.76 -14.09
N ASN D 146 10.91 5.74 -13.95
CA ASN D 146 11.53 5.84 -12.62
C ASN D 146 11.37 7.23 -12.03
N GLN D 147 11.24 8.24 -12.89
CA GLN D 147 11.15 9.63 -12.44
C GLN D 147 9.69 10.01 -12.24
N THR D 148 9.29 10.16 -10.98
CA THR D 148 7.91 10.45 -10.60
C THR D 148 7.75 11.94 -10.32
N VAL D 149 6.59 12.46 -10.67
CA VAL D 149 6.22 13.84 -10.40
C VAL D 149 4.93 13.83 -9.58
N VAL D 150 4.98 14.41 -8.38
CA VAL D 150 3.81 14.51 -7.53
C VAL D 150 3.55 15.98 -7.23
N ARG D 151 2.31 16.27 -6.84
CA ARG D 151 1.82 17.64 -6.72
C ARG D 151 1.00 17.79 -5.45
N VAL D 152 1.23 18.88 -4.73
CA VAL D 152 0.38 19.26 -3.60
C VAL D 152 0.11 20.76 -3.68
N PHE D 153 -1.07 21.16 -3.23
CA PHE D 153 -1.41 22.57 -3.11
C PHE D 153 -1.38 22.96 -1.63
N LEU D 154 -0.78 24.11 -1.35
CA LEU D 154 -0.52 24.55 0.02
C LEU D 154 -1.55 25.59 0.40
N LEU D 155 -2.42 25.24 1.35
CA LEU D 155 -3.50 26.12 1.76
C LEU D 155 -3.54 26.25 3.28
N GLY D 156 -3.97 27.42 3.73
CA GLY D 156 -4.41 27.64 5.09
C GLY D 156 -5.91 27.70 5.17
N GLN D 157 -6.41 28.44 6.15
CA GLN D 157 -7.85 28.59 6.31
C GLN D 157 -8.30 29.98 5.86
N THR D 158 -9.54 30.03 5.35
CA THR D 158 -10.21 31.27 4.96
C THR D 158 -11.46 31.35 5.83
N PRO D 159 -11.32 31.82 7.07
CA PRO D 159 -12.39 31.67 8.06
C PRO D 159 -13.51 32.66 7.85
N PRO D 160 -14.73 32.33 8.30
CA PRO D 160 -15.84 33.29 8.21
C PRO D 160 -15.57 34.59 8.95
N GLU D 161 -14.71 34.55 9.98
CA GLU D 161 -14.40 35.76 10.74
C GLU D 161 -13.86 36.86 9.83
N ASP D 162 -13.15 36.49 8.76
CA ASP D 162 -12.62 37.44 7.80
C ASP D 162 -13.57 37.69 6.64
N ASN D 163 -14.86 37.37 6.80
CA ASN D 163 -15.89 37.52 5.78
C ASN D 163 -15.65 36.63 4.57
N HIS D 164 -14.96 35.50 4.74
CA HIS D 164 -14.80 34.60 3.61
C HIS D 164 -16.07 33.77 3.42
N PRO D 165 -16.47 33.53 2.17
CA PRO D 165 -17.58 32.61 1.93
C PRO D 165 -17.19 31.20 2.34
N ASP D 166 -18.17 30.45 2.85
CA ASP D 166 -17.93 29.09 3.32
C ASP D 166 -17.84 28.16 2.10
N LEU D 167 -16.61 27.76 1.77
CA LEU D 167 -16.36 26.87 0.64
C LEU D 167 -15.80 25.52 1.10
N SER D 168 -15.94 25.19 2.38
CA SER D 168 -15.25 24.03 2.94
C SER D 168 -15.74 22.71 2.35
N ASP D 169 -17.03 22.62 1.99
CA ASP D 169 -17.54 21.39 1.40
C ASP D 169 -17.02 21.18 -0.01
N MET D 170 -16.93 22.25 -0.79
CA MET D 170 -16.29 22.17 -2.10
C MET D 170 -14.84 21.73 -1.97
N LEU D 171 -14.14 22.26 -0.97
CA LEU D 171 -12.72 21.93 -0.78
C LEU D 171 -12.55 20.47 -0.39
N LYS D 172 -13.40 19.95 0.49
CA LYS D 172 -13.36 18.54 0.82
C LYS D 172 -13.63 17.68 -0.41
N PHE D 173 -14.64 18.07 -1.20
CA PHE D 173 -14.94 17.34 -2.43
C PHE D 173 -13.74 17.35 -3.38
N GLU D 174 -13.10 18.51 -3.54
CA GLU D 174 -11.93 18.60 -4.40
C GLU D 174 -10.78 17.77 -3.84
N SER D 175 -10.59 17.80 -2.52
CA SER D 175 -9.53 16.99 -1.89
C SER D 175 -9.76 15.51 -2.14
N GLU D 176 -10.99 15.03 -1.95
CA GLU D 176 -11.29 13.62 -2.17
C GLU D 176 -11.08 13.24 -3.64
N LYS D 177 -11.43 14.14 -4.55
CA LYS D 177 -11.34 13.82 -5.97
C LYS D 177 -9.89 13.78 -6.46
N HIS D 178 -9.08 14.77 -6.06
CA HIS D 178 -7.75 14.94 -6.62
C HIS D 178 -6.62 14.59 -5.66
N GLN D 179 -6.89 14.47 -4.35
CA GLN D 179 -5.90 13.97 -3.39
C GLN D 179 -4.59 14.74 -3.46
N ASP D 180 -4.69 16.06 -3.63
CA ASP D 180 -3.49 16.89 -3.75
C ASP D 180 -3.58 18.16 -2.91
N ILE D 181 -4.48 18.19 -1.93
CA ILE D 181 -4.70 19.36 -1.08
C ILE D 181 -4.07 19.12 0.27
N LEU D 182 -3.24 20.07 0.71
CA LEU D 182 -2.73 20.12 2.07
C LEU D 182 -3.24 21.40 2.72
N MET D 183 -3.87 21.28 3.89
CA MET D 183 -4.49 22.44 4.52
C MET D 183 -4.24 22.43 6.02
N TRP D 184 -3.69 23.52 6.53
CA TRP D 184 -3.37 23.71 7.93
C TRP D 184 -4.35 24.68 8.59
N ASN D 185 -4.42 24.60 9.92
CA ASN D 185 -5.41 25.35 10.70
C ASN D 185 -4.85 26.70 11.15
N TYR D 186 -4.44 27.50 10.18
CA TYR D 186 -4.01 28.88 10.44
C TYR D 186 -4.68 29.81 9.44
N ARG D 187 -4.75 31.08 9.81
CA ARG D 187 -5.33 32.11 8.95
C ARG D 187 -4.43 32.34 7.75
N ASP D 188 -4.89 31.95 6.56
CA ASP D 188 -4.10 32.10 5.34
C ASP D 188 -4.18 33.55 4.88
N THR D 189 -3.18 34.34 5.26
CA THR D 189 -3.08 35.75 4.90
C THR D 189 -1.71 36.03 4.29
N PHE D 190 -1.59 37.23 3.71
CA PHE D 190 -0.35 37.62 3.06
C PHE D 190 0.83 37.59 4.04
N PHE D 191 0.62 38.07 5.26
CA PHE D 191 1.70 38.09 6.25
C PHE D 191 1.91 36.76 6.95
N ASN D 192 1.03 35.78 6.74
CA ASN D 192 1.23 34.44 7.29
C ASN D 192 1.84 33.50 6.27
N LEU D 193 2.39 34.01 5.17
CA LEU D 193 2.92 33.15 4.13
C LEU D 193 4.22 32.46 4.56
N SER D 194 5.00 33.06 5.46
CA SER D 194 6.17 32.37 5.98
C SER D 194 5.75 31.18 6.83
N LEU D 195 4.57 31.25 7.45
CA LEU D 195 4.00 30.09 8.13
C LEU D 195 3.71 28.98 7.13
N LYS D 196 3.12 29.33 5.99
CA LYS D 196 2.87 28.36 4.93
C LYS D 196 4.15 27.65 4.51
N GLU D 197 5.26 28.40 4.46
CA GLU D 197 6.53 27.82 4.05
C GLU D 197 7.08 26.89 5.13
N VAL D 198 7.06 27.33 6.40
CA VAL D 198 7.56 26.49 7.48
C VAL D 198 6.74 25.22 7.59
N LEU D 199 5.41 25.35 7.57
CA LEU D 199 4.55 24.19 7.70
C LEU D 199 4.71 23.23 6.53
N PHE D 200 4.93 23.75 5.32
CA PHE D 200 5.18 22.88 4.18
C PHE D 200 6.49 22.12 4.35
N LEU D 201 7.57 22.84 4.72
CA LEU D 201 8.85 22.18 4.94
C LEU D 201 8.74 21.12 6.04
N ARG D 202 7.94 21.39 7.07
CA ARG D 202 7.70 20.37 8.08
C ARG D 202 7.04 19.14 7.46
N TRP D 203 6.06 19.36 6.59
CA TRP D 203 5.40 18.24 5.92
C TRP D 203 6.37 17.47 5.03
N VAL D 204 7.25 18.19 4.33
CA VAL D 204 8.29 17.52 3.55
C VAL D 204 9.13 16.61 4.44
N SER D 205 9.50 17.10 5.63
CA SER D 205 10.36 16.33 6.52
C SER D 205 9.67 15.07 7.04
N THR D 206 8.38 15.16 7.36
CA THR D 206 7.69 14.03 7.97
C THR D 206 7.00 13.12 6.96
N SER D 207 6.70 13.61 5.76
CA SER D 207 5.86 12.87 4.83
C SER D 207 6.44 12.72 3.43
N CYS D 208 7.38 13.57 3.00
CA CYS D 208 7.99 13.35 1.70
C CYS D 208 9.51 13.57 1.76
N PRO D 209 10.22 12.91 2.67
CA PRO D 209 11.63 13.26 2.89
C PRO D 209 12.57 12.80 1.79
N ASP D 210 12.17 11.86 0.94
CA ASP D 210 13.07 11.29 -0.04
C ASP D 210 12.83 11.82 -1.45
N THR D 211 12.03 12.88 -1.61
CA THR D 211 11.86 13.48 -2.92
C THR D 211 13.19 14.10 -3.37
N GLU D 212 13.56 13.85 -4.63
CA GLU D 212 14.84 14.32 -5.12
C GLU D 212 14.88 15.85 -5.21
N PHE D 213 13.80 16.45 -5.68
CA PHE D 213 13.77 17.89 -5.91
C PHE D 213 12.41 18.44 -5.51
N VAL D 214 12.39 19.75 -5.26
CA VAL D 214 11.19 20.47 -4.87
C VAL D 214 11.09 21.73 -5.70
N PHE D 215 9.90 21.99 -6.24
CA PHE D 215 9.56 23.29 -6.80
C PHE D 215 8.41 23.87 -6.00
N LYS D 216 8.59 25.10 -5.50
CA LYS D 216 7.55 25.81 -4.76
C LYS D 216 7.21 27.09 -5.50
N GLY D 217 5.91 27.34 -5.68
CA GLY D 217 5.49 28.50 -6.46
C GLY D 217 4.06 28.90 -6.20
N ASP D 218 3.69 30.02 -6.83
CA ASP D 218 2.35 30.57 -6.75
C ASP D 218 1.42 29.89 -7.74
N ASP D 219 0.11 30.02 -7.50
CA ASP D 219 -0.87 29.37 -8.36
C ASP D 219 -1.26 30.22 -9.57
N ASP D 220 -0.63 31.37 -9.78
CA ASP D 220 -0.85 32.17 -10.97
C ASP D 220 0.37 32.19 -11.88
N VAL D 221 1.28 31.24 -11.72
CA VAL D 221 2.53 31.17 -12.44
C VAL D 221 2.45 30.08 -13.49
N PHE D 222 3.02 30.33 -14.67
CA PHE D 222 3.21 29.28 -15.66
C PHE D 222 4.61 28.73 -15.55
N VAL D 223 4.72 27.42 -15.39
CA VAL D 223 6.01 26.72 -15.27
C VAL D 223 6.18 25.82 -16.48
N ASN D 224 7.36 25.88 -17.11
CA ASN D 224 7.70 24.94 -18.17
C ASN D 224 8.32 23.71 -17.49
N THR D 225 7.44 22.79 -17.07
CA THR D 225 7.89 21.64 -16.31
C THR D 225 8.81 20.74 -17.14
N HIS D 226 8.62 20.70 -18.46
CA HIS D 226 9.52 19.91 -19.29
C HIS D 226 10.93 20.48 -19.24
N HIS D 227 11.07 21.80 -19.38
CA HIS D 227 12.39 22.44 -19.32
C HIS D 227 13.02 22.29 -17.95
N ILE D 228 12.20 22.22 -16.89
CA ILE D 228 12.74 22.03 -15.54
C ILE D 228 13.25 20.60 -15.37
N LEU D 229 12.52 19.62 -15.92
CA LEU D 229 12.95 18.23 -15.79
C LEU D 229 14.24 17.98 -16.58
N ASN D 230 14.36 18.56 -17.77
CA ASN D 230 15.58 18.41 -18.55
C ASN D 230 16.77 19.02 -17.82
N TYR D 231 16.56 20.19 -17.18
CA TYR D 231 17.63 20.83 -16.43
C TYR D 231 18.05 19.98 -15.23
N LEU D 232 17.07 19.46 -14.48
CA LEU D 232 17.39 18.63 -13.33
C LEU D 232 18.17 17.39 -13.74
N ASN D 233 17.81 16.80 -14.88
CA ASN D 233 18.47 15.59 -15.32
C ASN D 233 19.89 15.84 -15.81
N SER D 234 20.24 17.08 -16.13
CA SER D 234 21.61 17.40 -16.52
C SER D 234 22.53 17.53 -15.31
N LEU D 235 21.97 17.76 -14.12
CA LEU D 235 22.79 18.14 -12.97
C LEU D 235 23.62 16.98 -12.45
N SER D 236 24.88 17.25 -12.17
CA SER D 236 25.69 16.29 -11.44
C SER D 236 25.18 16.20 -10.00
N LYS D 237 25.57 15.10 -9.33
CA LYS D 237 25.15 14.91 -7.94
C LYS D 237 25.70 16.02 -7.04
N THR D 238 26.87 16.56 -7.36
CA THR D 238 27.46 17.62 -6.55
C THR D 238 26.65 18.90 -6.66
N LYS D 239 26.34 19.33 -7.89
CA LYS D 239 25.55 20.53 -8.09
C LYS D 239 24.12 20.35 -7.60
N ALA D 240 23.59 19.13 -7.69
CA ALA D 240 22.20 18.88 -7.29
C ALA D 240 22.03 18.78 -5.79
N LYS D 241 23.10 18.55 -5.02
CA LYS D 241 22.93 18.22 -3.61
C LYS D 241 22.32 19.38 -2.81
N ASP D 242 22.82 20.59 -3.02
CA ASP D 242 22.31 21.77 -2.35
C ASP D 242 21.81 22.79 -3.36
N LEU D 243 21.18 22.30 -4.43
CA LEU D 243 20.63 23.18 -5.45
C LEU D 243 19.57 24.10 -4.84
N PHE D 244 19.64 25.38 -5.17
CA PHE D 244 18.58 26.33 -4.88
C PHE D 244 18.71 27.45 -5.91
N ILE D 245 17.82 27.45 -6.90
CA ILE D 245 17.88 28.45 -7.95
C ILE D 245 16.54 29.16 -8.07
N GLY D 246 16.58 30.39 -8.55
CA GLY D 246 15.39 31.18 -8.74
C GLY D 246 15.75 32.56 -9.22
N ASP D 247 14.77 33.47 -9.14
CA ASP D 247 14.96 34.86 -9.51
C ASP D 247 15.50 35.60 -8.28
N VAL D 248 16.81 35.48 -8.08
CA VAL D 248 17.44 35.94 -6.85
C VAL D 248 17.69 37.44 -6.93
N ILE D 249 17.30 38.16 -5.88
CA ILE D 249 17.52 39.60 -5.75
C ILE D 249 18.58 39.82 -4.70
N HIS D 250 19.53 40.71 -5.00
CA HIS D 250 20.62 41.05 -4.10
C HIS D 250 20.49 42.48 -3.61
N ASN D 251 20.81 42.69 -2.33
CA ASN D 251 20.84 44.02 -1.70
C ASN D 251 19.46 44.67 -1.67
N ALA D 252 18.40 43.87 -1.66
CA ALA D 252 17.08 44.44 -1.48
C ALA D 252 16.91 44.93 -0.06
N GLY D 253 15.96 45.85 0.12
CA GLY D 253 15.67 46.40 1.41
C GLY D 253 14.17 46.50 1.65
N PRO D 254 13.78 46.76 2.89
CA PRO D 254 12.35 46.95 3.18
C PRO D 254 11.86 48.22 2.51
N HIS D 255 10.68 48.12 1.90
CA HIS D 255 10.04 49.31 1.37
C HIS D 255 9.47 50.13 2.52
N ARG D 256 9.80 51.42 2.54
CA ARG D 256 9.38 52.29 3.63
C ARG D 256 8.13 53.09 3.30
N ASP D 257 7.67 53.06 2.04
CA ASP D 257 6.45 53.76 1.67
C ASP D 257 5.25 53.04 2.25
N LYS D 258 4.51 53.73 3.15
CA LYS D 258 3.39 53.13 3.85
C LYS D 258 2.33 52.57 2.90
N LYS D 259 2.28 53.05 1.67
CA LYS D 259 1.21 52.65 0.76
C LYS D 259 1.53 51.36 0.01
N LEU D 260 2.80 50.99 -0.10
CA LEU D 260 3.18 49.85 -0.92
C LEU D 260 2.79 48.54 -0.25
N LYS D 261 2.66 47.50 -1.08
CA LYS D 261 2.26 46.19 -0.58
C LYS D 261 3.31 45.61 0.35
N TYR D 262 4.58 45.69 -0.05
CA TYR D 262 5.69 45.14 0.72
C TYR D 262 6.27 46.14 1.71
N TYR D 263 5.47 47.09 2.16
CA TYR D 263 5.94 48.09 3.12
C TYR D 263 6.26 47.44 4.46
N ILE D 264 7.41 47.82 5.03
CA ILE D 264 7.86 47.31 6.31
C ILE D 264 8.29 48.51 7.15
N PRO D 265 7.61 48.82 8.26
CA PRO D 265 8.01 49.96 9.08
C PRO D 265 9.43 49.79 9.61
N GLU D 266 10.08 50.93 9.86
CA GLU D 266 11.42 50.88 10.43
C GLU D 266 11.43 50.30 11.84
N VAL D 267 10.29 50.33 12.54
CA VAL D 267 10.23 49.85 13.90
C VAL D 267 10.17 48.33 13.98
N VAL D 268 9.81 47.64 12.89
CA VAL D 268 9.75 46.19 12.88
C VAL D 268 11.01 45.58 12.29
N TYR D 269 11.57 46.15 11.22
CA TYR D 269 12.78 45.60 10.62
C TYR D 269 13.70 46.71 10.13
N SER D 270 15.00 46.54 10.38
CA SER D 270 16.02 47.51 9.99
C SER D 270 17.12 46.80 9.21
N GLY D 271 17.75 47.55 8.31
CA GLY D 271 18.84 47.05 7.52
C GLY D 271 18.38 46.54 6.17
N LEU D 272 19.27 45.80 5.52
CA LEU D 272 19.00 45.22 4.21
C LEU D 272 18.53 43.77 4.37
N TYR D 273 17.96 43.25 3.30
CA TYR D 273 17.53 41.88 3.21
C TYR D 273 18.67 41.00 2.70
N PRO D 274 18.75 39.76 3.16
CA PRO D 274 19.71 38.81 2.58
C PRO D 274 19.33 38.48 1.15
N PRO D 275 20.22 37.86 0.39
CA PRO D 275 19.85 37.46 -0.97
C PRO D 275 18.75 36.40 -0.93
N TYR D 276 17.69 36.63 -1.70
CA TYR D 276 16.55 35.73 -1.67
C TYR D 276 15.95 35.59 -3.05
N ALA D 277 15.41 34.41 -3.32
CA ALA D 277 14.70 34.13 -4.57
C ALA D 277 13.26 34.64 -4.44
N GLY D 278 12.96 35.72 -5.15
CA GLY D 278 11.62 36.26 -5.21
C GLY D 278 10.96 35.99 -6.55
N GLY D 279 9.66 36.22 -6.59
CA GLY D 279 8.90 36.02 -7.81
C GLY D 279 7.91 34.87 -7.74
N GLY D 280 7.73 34.20 -8.87
CA GLY D 280 6.71 33.17 -8.95
C GLY D 280 7.05 31.88 -8.24
N GLY D 281 8.32 31.52 -8.17
CA GLY D 281 8.71 30.29 -7.53
C GLY D 281 10.20 30.04 -7.68
N PHE D 282 10.65 28.99 -6.99
CA PHE D 282 12.04 28.59 -7.03
C PHE D 282 12.13 27.07 -6.99
N LEU D 283 13.33 26.56 -7.27
CA LEU D 283 13.57 25.13 -7.42
C LEU D 283 14.78 24.74 -6.58
N TYR D 284 14.62 23.73 -5.73
CA TYR D 284 15.71 23.31 -4.87
C TYR D 284 15.64 21.80 -4.65
N SER D 285 16.72 21.26 -4.09
CA SER D 285 16.83 19.83 -3.86
C SER D 285 16.12 19.43 -2.57
N GLY D 286 15.63 18.19 -2.55
CA GLY D 286 15.00 17.68 -1.34
C GLY D 286 15.95 17.64 -0.15
N HIS D 287 17.21 17.33 -0.40
CA HIS D 287 18.21 17.37 0.66
C HIS D 287 18.24 18.73 1.33
N LEU D 288 18.24 19.80 0.53
CA LEU D 288 18.21 21.15 1.06
C LEU D 288 16.91 21.43 1.80
N ALA D 289 15.80 20.85 1.33
CA ALA D 289 14.52 21.05 2.01
C ALA D 289 14.57 20.53 3.44
N LEU D 290 15.16 19.35 3.64
CA LEU D 290 15.31 18.83 5.00
C LEU D 290 16.23 19.72 5.84
N ARG D 291 17.29 20.25 5.22
CA ARG D 291 18.15 21.19 5.93
C ARG D 291 17.41 22.48 6.23
N LEU D 292 16.64 22.98 5.26
CA LEU D 292 15.93 24.24 5.46
C LEU D 292 14.92 24.13 6.60
N TYR D 293 14.17 23.02 6.67
CA TYR D 293 13.19 22.90 7.74
C TYR D 293 13.87 22.88 9.11
N HIS D 294 14.95 22.14 9.24
CA HIS D 294 15.65 22.04 10.51
C HIS D 294 16.12 23.41 11.00
N ILE D 295 16.45 24.31 10.06
CA ILE D 295 16.98 25.62 10.45
C ILE D 295 15.88 26.63 10.76
N THR D 296 14.62 26.34 10.39
CA THR D 296 13.57 27.34 10.56
C THR D 296 13.33 27.67 12.03
N ASP D 297 13.60 26.72 12.93
CA ASP D 297 13.43 27.00 14.36
C ASP D 297 14.32 28.14 14.82
N GLN D 298 15.45 28.36 14.16
CA GLN D 298 16.40 29.37 14.58
C GLN D 298 16.16 30.73 13.96
N VAL D 299 15.11 30.89 13.15
CA VAL D 299 14.81 32.16 12.50
C VAL D 299 13.37 32.52 12.82
N HIS D 300 13.16 33.70 13.38
CA HIS D 300 11.81 34.22 13.60
C HIS D 300 11.10 34.39 12.26
N LEU D 301 9.81 34.12 12.26
CA LEU D 301 8.99 34.33 11.07
C LEU D 301 9.10 35.78 10.62
N TYR D 302 9.03 35.97 9.31
CA TYR D 302 9.06 37.31 8.74
C TYR D 302 7.84 37.52 7.86
N PRO D 303 7.31 38.75 7.79
CA PRO D 303 6.06 38.97 7.04
C PRO D 303 6.15 38.60 5.57
N ILE D 304 7.32 38.66 4.95
CA ILE D 304 7.48 38.37 3.54
C ILE D 304 8.15 37.01 3.42
N ASP D 305 7.41 36.05 2.84
CA ASP D 305 7.86 34.66 2.89
C ASP D 305 9.13 34.44 2.10
N ASP D 306 9.25 35.07 0.93
CA ASP D 306 10.46 34.90 0.12
C ASP D 306 11.69 35.38 0.85
N VAL D 307 11.59 36.53 1.52
CA VAL D 307 12.71 37.03 2.32
C VAL D 307 13.05 36.04 3.43
N TYR D 308 12.03 35.46 4.07
CA TYR D 308 12.27 34.52 5.16
C TYR D 308 13.03 33.29 4.68
N THR D 309 12.79 32.85 3.44
CA THR D 309 13.56 31.74 2.91
C THR D 309 15.02 32.14 2.68
N GLY D 310 15.25 33.39 2.26
CA GLY D 310 16.62 33.87 2.13
C GLY D 310 17.30 34.03 3.47
N MET D 311 16.55 34.39 4.51
CA MET D 311 17.11 34.41 5.85
C MET D 311 17.51 33.02 6.31
N CYS D 312 16.66 32.03 6.01
CA CYS D 312 16.97 30.65 6.40
C CYS D 312 18.18 30.12 5.63
N LEU D 313 18.27 30.45 4.34
CA LEU D 313 19.42 30.02 3.54
C LEU D 313 20.70 30.65 4.08
N GLN D 314 20.68 31.95 4.37
CA GLN D 314 21.85 32.63 4.90
C GLN D 314 22.34 31.99 6.18
N LYS D 315 21.42 31.63 7.09
CA LYS D 315 21.82 30.99 8.34
C LYS D 315 22.45 29.62 8.09
N LEU D 316 22.10 28.98 6.98
CA LEU D 316 22.75 27.73 6.59
C LEU D 316 24.13 27.96 5.97
N GLY D 317 24.49 29.20 5.68
CA GLY D 317 25.73 29.47 4.98
C GLY D 317 25.63 29.31 3.47
N LEU D 318 24.44 29.42 2.91
CA LEU D 318 24.21 29.22 1.49
C LEU D 318 23.73 30.51 0.85
N VAL D 319 23.91 30.60 -0.46
CA VAL D 319 23.47 31.73 -1.26
C VAL D 319 22.56 31.21 -2.36
N PRO D 320 21.35 31.71 -2.51
CA PRO D 320 20.50 31.26 -3.62
C PRO D 320 21.07 31.71 -4.95
N GLU D 321 21.01 30.82 -5.93
CA GLU D 321 21.65 31.03 -7.23
C GLU D 321 20.66 31.61 -8.23
N LYS D 322 21.09 32.67 -8.92
CA LYS D 322 20.25 33.30 -9.93
C LYS D 322 20.21 32.46 -11.20
N HIS D 323 19.01 32.16 -11.68
CA HIS D 323 18.81 31.43 -12.93
C HIS D 323 17.95 32.28 -13.86
N LYS D 324 18.39 32.44 -15.11
CA LYS D 324 17.70 33.30 -16.06
C LYS D 324 16.33 32.76 -16.43
N GLY D 325 16.10 31.44 -16.31
CA GLY D 325 14.81 30.88 -16.67
C GLY D 325 13.67 31.41 -15.81
N PHE D 326 13.97 31.76 -14.56
CA PHE D 326 12.99 32.39 -13.68
C PHE D 326 12.97 33.87 -14.02
N ARG D 327 12.11 34.23 -14.97
CA ARG D 327 12.17 35.53 -15.63
C ARG D 327 11.64 36.63 -14.72
N THR D 328 12.44 37.68 -14.56
CA THR D 328 12.00 38.82 -13.76
C THR D 328 10.94 39.62 -14.52
N PHE D 329 11.17 39.88 -15.80
CA PHE D 329 10.24 40.63 -16.64
C PHE D 329 9.43 39.65 -17.48
N ASP D 330 8.14 39.93 -17.60
CA ASP D 330 7.26 39.10 -18.40
C ASP D 330 7.62 39.24 -19.89
N ILE D 331 7.21 38.23 -20.66
CA ILE D 331 7.38 38.29 -22.11
C ILE D 331 6.66 39.51 -22.65
N GLU D 332 7.27 40.17 -23.65
CA GLU D 332 6.62 41.26 -24.35
C GLU D 332 5.20 40.84 -24.75
N GLU D 333 4.27 41.79 -24.63
CA GLU D 333 2.86 41.48 -24.86
C GLU D 333 2.62 41.06 -26.30
N LYS D 334 3.29 41.69 -27.26
CA LYS D 334 3.13 41.28 -28.65
C LYS D 334 3.75 39.92 -28.88
N ASN D 335 4.85 39.61 -28.19
CA ASN D 335 5.48 38.30 -28.26
C ASN D 335 4.81 37.27 -27.37
N LYS D 336 3.78 37.66 -26.62
CA LYS D 336 3.21 36.73 -25.65
C LYS D 336 2.40 35.63 -26.30
N ASN D 337 1.85 35.88 -27.49
CA ASN D 337 1.11 34.83 -28.18
C ASN D 337 2.02 33.77 -28.75
N ASN D 338 3.29 34.08 -28.99
CA ASN D 338 4.21 33.16 -29.64
C ASN D 338 4.67 32.12 -28.64
N ILE D 339 4.36 30.85 -28.92
CA ILE D 339 4.77 29.75 -28.05
C ILE D 339 6.29 29.61 -28.02
N CYS D 340 7.01 30.20 -28.98
CA CYS D 340 8.46 30.10 -28.99
C CYS D 340 9.09 30.85 -27.82
N SER D 341 8.41 31.85 -27.27
CA SER D 341 8.97 32.61 -26.15
C SER D 341 9.08 31.78 -24.88
N TYR D 342 8.33 30.68 -24.77
CA TYR D 342 8.25 29.90 -23.56
C TYR D 342 9.19 28.69 -23.54
N VAL D 343 9.89 28.40 -24.64
CA VAL D 343 10.67 27.17 -24.72
C VAL D 343 11.96 27.26 -23.91
N ASP D 344 12.50 28.47 -23.72
CA ASP D 344 13.78 28.64 -23.04
C ASP D 344 13.64 29.18 -21.62
N LEU D 345 12.43 29.29 -21.11
CA LEU D 345 12.21 29.75 -19.74
C LEU D 345 11.71 28.60 -18.88
N MET D 346 11.84 28.78 -17.57
CA MET D 346 11.30 27.81 -16.61
C MET D 346 9.98 28.26 -16.00
N LEU D 347 9.85 29.52 -15.63
CA LEU D 347 8.54 30.02 -15.22
C LEU D 347 8.38 31.47 -15.66
N VAL D 348 7.12 31.86 -15.82
CA VAL D 348 6.75 33.23 -16.15
C VAL D 348 5.53 33.60 -15.30
N HIS D 349 5.44 34.87 -14.96
CA HIS D 349 4.37 35.37 -14.11
C HIS D 349 3.74 36.62 -14.73
N SER D 350 2.41 36.73 -14.73
CA SER D 350 1.49 35.71 -14.26
C SER D 350 0.54 35.30 -15.38
N ARG D 351 -0.22 34.21 -15.19
CA ARG D 351 -1.13 33.73 -16.23
C ARG D 351 -2.43 33.24 -15.61
N LYS D 352 -3.51 33.41 -16.36
CA LYS D 352 -4.84 32.97 -15.97
C LYS D 352 -5.03 31.48 -16.28
N PRO D 353 -6.06 30.85 -15.70
CA PRO D 353 -6.25 29.40 -15.94
C PRO D 353 -6.29 28.99 -17.40
N GLN D 354 -7.03 29.71 -18.25
CA GLN D 354 -7.09 29.34 -19.66
C GLN D 354 -5.75 29.56 -20.35
N GLU D 355 -5.03 30.62 -19.97
CA GLU D 355 -3.73 30.88 -20.58
C GLU D 355 -2.76 29.74 -20.30
N MET D 356 -2.72 29.26 -19.05
CA MET D 356 -1.88 28.12 -18.71
C MET D 356 -2.18 26.92 -19.61
N ILE D 357 -3.45 26.54 -19.71
CA ILE D 357 -3.82 25.40 -20.53
C ILE D 357 -3.49 25.66 -22.00
N ASP D 358 -3.79 26.86 -22.48
CA ASP D 358 -3.50 27.21 -23.87
C ASP D 358 -1.99 27.14 -24.16
N ILE D 359 -1.19 27.81 -23.33
CA ILE D 359 0.26 27.81 -23.54
C ILE D 359 0.82 26.41 -23.46
N TRP D 360 0.37 25.63 -22.47
CA TRP D 360 0.89 24.28 -22.30
C TRP D 360 0.58 23.41 -23.51
N SER D 361 -0.63 23.53 -24.06
CA SER D 361 -1.01 22.70 -25.21
C SER D 361 -0.14 22.99 -26.43
N GLN D 362 0.09 24.27 -26.72
CA GLN D 362 0.94 24.63 -27.86
C GLN D 362 2.39 24.22 -27.62
N LEU D 363 2.81 24.16 -26.36
CA LEU D 363 4.20 23.86 -26.05
C LEU D 363 4.57 22.44 -26.43
N GLN D 364 3.58 21.53 -26.47
CA GLN D 364 3.87 20.13 -26.81
C GLN D 364 4.40 19.99 -28.22
N SER D 365 3.91 20.81 -29.15
CA SER D 365 4.33 20.77 -30.54
C SER D 365 5.31 21.88 -30.88
N ALA D 366 5.87 22.54 -29.87
CA ALA D 366 6.69 23.73 -30.13
C ALA D 366 7.99 23.38 -30.81
N HIS D 367 8.50 22.16 -30.63
CA HIS D 367 9.78 21.80 -31.21
C HIS D 367 9.73 21.84 -32.74
N LEU D 368 8.55 21.63 -33.32
CA LEU D 368 8.39 21.70 -34.76
C LEU D 368 8.70 23.10 -35.27
N LYS D 369 7.86 24.07 -34.93
CA LYS D 369 7.96 25.42 -35.48
C LYS D 369 8.95 26.31 -34.75
N CYS D 370 9.31 25.99 -33.50
CA CYS D 370 10.29 26.79 -32.77
C CYS D 370 11.65 26.10 -32.79
#